data_1JR3
#
_entry.id   1JR3
#
_cell.length_a   95.698
_cell.length_b   95.857
_cell.length_c   285.410
_cell.angle_alpha   90
_cell.angle_beta   90
_cell.angle_gamma   90
#
_symmetry.space_group_name_H-M   'P 21 21 21'
#
loop_
_entity.id
_entity.type
_entity.pdbx_description
1 polymer 'DNA polymerase III subunit gamma'
2 polymer 'DNA polymerase III, delta subunit'
3 polymer "DNA polymerase III, delta' subunit"
4 non-polymer 'ZINC ION'
5 non-polymer 'SULFATE ION'
#
loop_
_entity_poly.entity_id
_entity_poly.type
_entity_poly.pdbx_seq_one_letter_code
_entity_poly.pdbx_strand_id
1 'polypeptide(L)'
;MSYQVLARKWRPQTFADVVGQEHVLTALANGLSLGRIHHAYLFSGTRGVGKTSIARLLAKGLNCETGITATPCGVCDNCR
EIEQGRFVDLIEIDAASRTKVEDTRDLLDNVQYAPARGRFKVYLIDEVHMLSRHSFNALLKTLEEPPEHVKFLLATTDPQ
KLPVTILSRCLQFHLKALDVEQIRHQLEHILNEEHIAHEPRALQLLARAAEGSLRDALSLTDQAIASGDGQVSTQAVSAM
LGTLDDDQALSLVEAMVEANGERVMALINEAAARGIEWEALLVEMLGLLHRIAMVQLSPAALGNDMAAIELRMRELARTI
PPTDIQLYYQTLLIGRKELPYAPDRRMGVEMTLLRALAFHPRMPLPEPEVPRQ
;
A,B,C
2 'polypeptide(L)'
;MIRLYPEQLRAQLNEGLRAAYLLLGNDPLLLQESQDAVRQVAAAQGFEEHHTFSIDPNTDWNAIFSLCQAMSLFASRQTL
LLLLPENGPNAAINEQLLTLTGLLHDDLLLIVRGNKLSKAQENAAWFTALANRSVQVTCQTPEQAQLPRWVAARAKQLNL
ELDDAANQVLCYCYEGNLLALAQALERLSLLWPDGKLTLPRVEQAVNDAAHFTPFHWVDALLMGKSKRALHILQQLRLEG
SEPVILLRTLQRELLLLVNLKRQSAHTPLRALFDKHRVWQNRRGMMGEALNRLSQTQLRQAVQLLTRTELTLKQDYGQSV
WAELEGLSLLLCHKPLADVFIDG
;
D
3 'polypeptide(L)'
;MRWYPWLRPDFEKLVASYQAGRGHHALLIQALPGMGDDALIYALSRYLLCQQPQGHKSCGHCRGCQLMQAGTHPDYYTLA
PEKGKNTLGVDAVREVTEKLNEHARLGGAKVVWVTDAALLTDAAANALLKTLEEPPAETWFFLATREPERLLATLRSRCR
LHYLAPPPEQYAVTWLSREVTMSQDALLAALRLSAGSPGAALALFQGDNWQARETLCQALAYSVPSGDWYSLLAALNHEQ
APARLHWLATLLMDALKRHHGAAQVTNVDVPGLVAELANHLSPSRLQAILGDVCHIREQLMSVTGINRELLITDLLLRIE
HYLQPGVVLPVPHL
;
E
#
loop_
_chem_comp.id
_chem_comp.type
_chem_comp.name
_chem_comp.formula
SO4 non-polymer 'SULFATE ION' 'O4 S -2'
ZN non-polymer 'ZINC ION' 'Zn 2'
#
# COMPACT_ATOMS: atom_id res chain seq x y z
N TYR A 3 22.10 -22.28 -33.28
CA TYR A 3 22.07 -20.93 -32.63
C TYR A 3 20.67 -20.28 -32.59
N GLN A 4 19.86 -20.67 -31.63
CA GLN A 4 18.51 -20.14 -31.46
C GLN A 4 17.83 -20.67 -30.22
N VAL A 5 17.40 -19.76 -29.34
CA VAL A 5 16.67 -20.17 -28.16
C VAL A 5 15.24 -19.74 -28.42
N LEU A 6 14.31 -20.67 -28.28
CA LEU A 6 12.89 -20.45 -28.55
C LEU A 6 12.35 -19.07 -28.19
N ALA A 7 12.84 -18.48 -27.09
CA ALA A 7 12.37 -17.16 -26.66
C ALA A 7 12.55 -16.07 -27.72
N ARG A 8 13.43 -16.34 -28.67
CA ARG A 8 13.72 -15.40 -29.75
C ARG A 8 13.17 -15.91 -31.10
N LYS A 9 13.26 -17.21 -31.33
CA LYS A 9 12.80 -17.83 -32.57
C LYS A 9 11.29 -17.78 -32.72
N TRP A 10 10.58 -17.58 -31.61
CA TRP A 10 9.13 -17.51 -31.62
C TRP A 10 8.59 -16.16 -31.16
N ARG A 11 9.49 -15.19 -31.08
CA ARG A 11 9.14 -13.83 -30.69
C ARG A 11 8.12 -13.39 -31.72
N PRO A 12 6.84 -13.22 -31.31
CA PRO A 12 5.73 -12.82 -32.17
C PRO A 12 6.08 -11.75 -33.20
N GLN A 13 5.84 -12.08 -34.46
CA GLN A 13 6.12 -11.18 -35.58
C GLN A 13 4.80 -10.58 -36.08
N THR A 14 3.73 -11.34 -35.94
CA THR A 14 2.42 -10.92 -36.39
C THR A 14 1.44 -10.90 -35.23
N PHE A 15 0.34 -10.16 -35.42
CA PHE A 15 -0.73 -10.07 -34.44
C PHE A 15 -1.42 -11.44 -34.29
N ALA A 16 -1.21 -12.32 -35.26
CA ALA A 16 -1.79 -13.65 -35.25
C ALA A 16 -0.99 -14.58 -34.38
N ASP A 17 0.32 -14.38 -34.36
CA ASP A 17 1.24 -15.20 -33.57
C ASP A 17 1.10 -15.08 -32.06
N VAL A 18 0.58 -13.96 -31.55
CA VAL A 18 0.40 -13.79 -30.11
C VAL A 18 -0.65 -14.77 -29.61
N VAL A 19 -0.57 -15.14 -28.33
CA VAL A 19 -1.51 -16.13 -27.79
C VAL A 19 -2.62 -15.60 -26.91
N GLY A 20 -3.77 -16.27 -27.04
CA GLY A 20 -4.97 -16.00 -26.25
C GLY A 20 -5.64 -14.66 -25.95
N GLN A 21 -4.95 -13.55 -26.07
CA GLN A 21 -5.57 -12.28 -25.75
C GLN A 21 -6.29 -11.71 -26.94
N GLU A 22 -7.21 -12.50 -27.45
CA GLU A 22 -8.04 -12.22 -28.63
C GLU A 22 -8.60 -10.82 -28.69
N HIS A 23 -9.38 -10.48 -27.67
CA HIS A 23 -10.07 -9.21 -27.57
C HIS A 23 -9.25 -7.92 -27.51
N VAL A 24 -7.96 -8.03 -27.24
CA VAL A 24 -7.13 -6.84 -27.23
C VAL A 24 -6.45 -6.76 -28.59
N LEU A 25 -6.37 -7.90 -29.25
CA LEU A 25 -5.76 -7.96 -30.56
C LEU A 25 -6.81 -7.48 -31.55
N THR A 26 -8.03 -7.96 -31.37
CA THR A 26 -9.15 -7.57 -32.21
C THR A 26 -9.31 -6.05 -32.16
N ALA A 27 -9.27 -5.51 -30.94
CA ALA A 27 -9.40 -4.07 -30.74
C ALA A 27 -8.39 -3.30 -31.55
N LEU A 28 -7.13 -3.69 -31.47
CA LEU A 28 -6.10 -3.00 -32.21
C LEU A 28 -6.20 -3.27 -33.70
N ALA A 29 -6.84 -4.37 -34.07
CA ALA A 29 -6.99 -4.73 -35.47
C ALA A 29 -7.90 -3.71 -36.13
N ASN A 30 -9.06 -3.48 -35.52
CA ASN A 30 -10.03 -2.52 -36.02
C ASN A 30 -9.39 -1.16 -36.30
N GLY A 31 -8.87 -0.53 -35.25
CA GLY A 31 -8.25 0.78 -35.34
C GLY A 31 -7.11 0.89 -36.33
N LEU A 32 -6.36 -0.20 -36.54
CA LEU A 32 -5.25 -0.16 -37.48
C LEU A 32 -5.75 -0.30 -38.92
N SER A 33 -7.02 -0.66 -39.05
CA SER A 33 -7.68 -0.83 -40.35
C SER A 33 -8.46 0.44 -40.65
N LEU A 34 -9.28 0.84 -39.70
CA LEU A 34 -10.12 2.02 -39.79
C LEU A 34 -9.35 3.30 -39.56
N GLY A 35 -8.10 3.19 -39.13
CA GLY A 35 -7.30 4.38 -38.88
C GLY A 35 -7.74 5.17 -37.66
N ARG A 36 -8.35 4.48 -36.70
CA ARG A 36 -8.82 5.11 -35.46
C ARG A 36 -7.72 5.06 -34.40
N ILE A 37 -6.72 5.90 -34.58
CA ILE A 37 -5.59 5.94 -33.66
C ILE A 37 -5.72 6.94 -32.52
N HIS A 38 -5.67 6.43 -31.30
CA HIS A 38 -5.71 7.27 -30.11
C HIS A 38 -4.31 7.74 -29.78
N HIS A 39 -4.20 8.96 -29.29
CA HIS A 39 -2.91 9.57 -28.96
C HIS A 39 -2.19 8.88 -27.79
N ALA A 40 -2.94 8.07 -27.04
CA ALA A 40 -2.39 7.37 -25.89
C ALA A 40 -3.05 6.01 -25.65
N TYR A 41 -2.21 4.98 -25.61
CA TYR A 41 -2.65 3.59 -25.39
C TYR A 41 -2.05 3.02 -24.10
N LEU A 42 -2.90 2.69 -23.14
CA LEU A 42 -2.41 2.13 -21.87
C LEU A 42 -2.57 0.62 -21.79
N PHE A 43 -1.46 -0.10 -21.60
CA PHE A 43 -1.48 -1.56 -21.51
C PHE A 43 -1.12 -2.00 -20.10
N SER A 44 -2.09 -2.54 -19.38
CA SER A 44 -1.87 -2.97 -18.01
C SER A 44 -1.85 -4.49 -17.84
N GLY A 45 -1.33 -4.94 -16.71
CA GLY A 45 -1.24 -6.36 -16.43
C GLY A 45 0.10 -6.72 -15.83
N THR A 46 0.18 -7.89 -15.19
CA THR A 46 1.40 -8.38 -14.56
C THR A 46 2.61 -8.35 -15.49
N ARG A 47 3.80 -8.53 -14.96
CA ARG A 47 4.99 -8.56 -15.80
C ARG A 47 5.00 -9.96 -16.40
N GLY A 48 5.56 -10.11 -17.59
CA GLY A 48 5.59 -11.43 -18.20
C GLY A 48 4.55 -11.58 -19.30
N VAL A 49 3.42 -10.87 -19.18
CA VAL A 49 2.36 -10.88 -20.17
C VAL A 49 2.89 -9.95 -21.27
N GLY A 50 2.52 -10.19 -22.52
CA GLY A 50 3.06 -9.37 -23.60
C GLY A 50 2.69 -7.91 -23.70
N LYS A 51 2.86 -7.11 -22.64
CA LYS A 51 2.52 -5.68 -22.71
C LYS A 51 3.42 -4.92 -23.69
N THR A 52 4.72 -5.04 -23.49
CA THR A 52 5.70 -4.40 -24.37
C THR A 52 5.63 -5.09 -25.73
N SER A 53 5.61 -6.42 -25.71
CA SER A 53 5.53 -7.27 -26.90
C SER A 53 4.38 -6.89 -27.85
N ILE A 54 3.18 -6.71 -27.31
CA ILE A 54 2.02 -6.34 -28.12
C ILE A 54 2.11 -4.86 -28.51
N ALA A 55 2.85 -4.07 -27.74
CA ALA A 55 3.02 -2.66 -28.05
C ALA A 55 3.87 -2.51 -29.29
N ARG A 56 4.82 -3.43 -29.49
CA ARG A 56 5.70 -3.42 -30.66
C ARG A 56 4.94 -3.70 -31.95
N LEU A 57 4.13 -4.74 -31.91
CA LEU A 57 3.37 -5.12 -33.09
C LEU A 57 2.36 -4.07 -33.51
N LEU A 58 2.18 -3.05 -32.66
CA LEU A 58 1.28 -1.93 -32.96
C LEU A 58 2.13 -0.93 -33.73
N ALA A 59 3.28 -0.60 -33.15
CA ALA A 59 4.22 0.32 -33.78
C ALA A 59 4.80 -0.30 -35.04
N LYS A 60 4.65 -1.62 -35.16
CA LYS A 60 5.13 -2.35 -36.33
C LYS A 60 4.15 -2.20 -37.49
N GLY A 61 2.94 -1.78 -37.16
CA GLY A 61 1.89 -1.58 -38.15
C GLY A 61 1.56 -0.09 -38.31
N LEU A 62 2.14 0.73 -37.43
CA LEU A 62 1.94 2.18 -37.47
C LEU A 62 2.90 2.84 -38.45
N ASN A 63 4.17 2.45 -38.37
CA ASN A 63 5.24 3.00 -39.20
C ASN A 63 5.58 2.19 -40.45
N CYS A 64 5.09 0.95 -40.52
CA CYS A 64 5.36 0.06 -41.66
C CYS A 64 5.18 0.77 -43.00
N GLU A 65 6.11 0.55 -43.92
CA GLU A 65 6.05 1.18 -45.24
C GLU A 65 4.86 0.70 -46.09
N THR A 66 4.33 -0.47 -45.74
CA THR A 66 3.18 -1.06 -46.45
C THR A 66 1.90 -0.29 -46.16
N GLY A 67 2.00 0.67 -45.25
CA GLY A 67 0.84 1.46 -44.88
C GLY A 67 0.47 1.12 -43.45
N ILE A 68 -0.45 1.89 -42.86
CA ILE A 68 -0.89 1.60 -41.51
C ILE A 68 -1.62 0.26 -41.62
N THR A 69 -0.99 -0.79 -41.12
CA THR A 69 -1.57 -2.13 -41.23
C THR A 69 -1.73 -2.86 -39.91
N ALA A 70 -2.68 -3.78 -39.91
CA ALA A 70 -2.94 -4.65 -38.79
C ALA A 70 -2.16 -5.92 -39.11
N THR A 71 -1.73 -6.02 -40.38
CA THR A 71 -0.96 -7.16 -40.89
C THR A 71 0.37 -6.62 -41.45
N PRO A 72 1.34 -6.31 -40.58
CA PRO A 72 2.62 -5.79 -41.06
C PRO A 72 3.40 -6.83 -41.86
N CYS A 73 4.25 -6.36 -42.76
CA CYS A 73 5.11 -7.21 -43.58
C CYS A 73 6.43 -7.33 -42.81
N GLY A 74 6.88 -8.55 -42.51
CA GLY A 74 8.11 -8.70 -41.75
C GLY A 74 9.44 -8.34 -42.41
N VAL A 75 9.40 -7.88 -43.66
CA VAL A 75 10.62 -7.55 -44.42
C VAL A 75 11.02 -6.07 -44.58
N CYS A 76 10.06 -5.17 -44.70
CA CYS A 76 10.37 -3.76 -44.87
C CYS A 76 11.28 -3.25 -43.75
N ASP A 77 12.28 -2.47 -44.12
CA ASP A 77 13.25 -1.91 -43.18
C ASP A 77 12.68 -1.45 -41.85
N ASN A 78 11.46 -0.91 -41.87
CA ASN A 78 10.83 -0.44 -40.66
C ASN A 78 10.47 -1.60 -39.74
N CYS A 79 9.90 -2.67 -40.33
CA CYS A 79 9.50 -3.86 -39.59
C CYS A 79 10.65 -4.59 -38.91
N ARG A 80 11.75 -4.79 -39.65
CA ARG A 80 12.93 -5.46 -39.11
C ARG A 80 13.54 -4.68 -37.95
N GLU A 81 13.75 -3.37 -38.15
CA GLU A 81 14.34 -2.52 -37.13
C GLU A 81 13.50 -2.40 -35.86
N ILE A 82 12.18 -2.57 -35.97
CA ILE A 82 11.29 -2.48 -34.82
C ILE A 82 11.40 -3.74 -33.97
N GLU A 83 11.45 -4.89 -34.63
CA GLU A 83 11.55 -6.20 -33.99
C GLU A 83 12.91 -6.41 -33.35
N GLN A 84 13.82 -5.48 -33.61
CA GLN A 84 15.18 -5.56 -33.08
C GLN A 84 15.45 -4.49 -32.02
N GLY A 85 14.37 -3.95 -31.47
CA GLY A 85 14.47 -2.92 -30.44
C GLY A 85 14.89 -1.54 -30.95
N ARG A 86 15.71 -1.51 -32.01
CA ARG A 86 16.23 -0.27 -32.59
C ARG A 86 15.49 0.39 -33.75
N PHE A 87 14.78 1.48 -33.46
CA PHE A 87 14.12 2.25 -34.50
C PHE A 87 14.29 3.72 -34.16
N VAL A 88 14.53 4.53 -35.19
CA VAL A 88 14.75 5.95 -35.03
C VAL A 88 13.69 6.63 -34.15
N ASP A 89 12.43 6.38 -34.49
CA ASP A 89 11.29 6.98 -33.79
C ASP A 89 10.74 6.23 -32.58
N LEU A 90 10.97 4.93 -32.50
CA LEU A 90 10.47 4.13 -31.38
C LEU A 90 11.38 4.32 -30.16
N ILE A 91 11.02 5.30 -29.33
CA ILE A 91 11.77 5.61 -28.12
C ILE A 91 11.23 4.79 -26.95
N GLU A 92 12.03 3.81 -26.53
CA GLU A 92 11.68 2.92 -25.44
C GLU A 92 12.30 3.38 -24.13
N ILE A 93 11.46 3.91 -23.24
CA ILE A 93 11.90 4.42 -21.94
C ILE A 93 11.43 3.54 -20.81
N ASP A 94 12.36 3.14 -19.95
CA ASP A 94 12.02 2.34 -18.79
C ASP A 94 12.06 3.26 -17.57
N ALA A 95 10.91 3.58 -17.02
CA ALA A 95 10.80 4.47 -15.87
C ALA A 95 11.30 3.85 -14.57
N ALA A 96 11.76 2.60 -14.63
CA ALA A 96 12.27 1.92 -13.45
C ALA A 96 13.79 2.00 -13.32
N SER A 97 14.47 2.49 -14.35
CA SER A 97 15.93 2.62 -14.37
C SER A 97 16.43 3.87 -13.62
N ARG A 98 17.58 3.77 -12.95
CA ARG A 98 18.12 4.86 -12.17
C ARG A 98 19.21 5.68 -12.87
N THR A 99 19.79 5.17 -13.96
CA THR A 99 20.88 5.89 -14.62
C THR A 99 20.67 6.17 -16.12
N LYS A 100 19.48 6.59 -16.53
CA LYS A 100 19.26 6.89 -17.96
C LYS A 100 20.15 8.06 -18.43
N VAL A 101 20.52 8.09 -19.70
CA VAL A 101 21.36 9.19 -20.21
C VAL A 101 20.74 10.51 -19.78
N GLU A 102 19.49 10.68 -20.22
CA GLU A 102 18.65 11.82 -19.89
C GLU A 102 17.26 11.27 -19.54
N ASP A 103 16.86 11.49 -18.28
CA ASP A 103 15.57 11.00 -17.81
C ASP A 103 14.40 11.55 -18.60
N THR A 104 13.33 10.75 -18.65
CA THR A 104 12.07 11.04 -19.35
C THR A 104 11.73 12.52 -19.66
N ARG A 105 12.02 13.42 -18.74
CA ARG A 105 11.75 14.86 -18.93
C ARG A 105 12.52 15.42 -20.14
N ASP A 106 13.72 14.89 -20.37
CA ASP A 106 14.57 15.30 -21.48
C ASP A 106 14.11 14.75 -22.82
N LEU A 107 13.78 13.45 -22.84
CA LEU A 107 13.32 12.82 -24.07
C LEU A 107 11.94 13.31 -24.48
N LEU A 108 11.16 13.78 -23.51
CA LEU A 108 9.82 14.30 -23.76
C LEU A 108 9.86 15.75 -24.24
N ASP A 109 10.99 16.41 -24.01
CA ASP A 109 11.17 17.80 -24.43
C ASP A 109 11.10 17.87 -25.96
N ASN A 110 11.63 16.84 -26.60
CA ASN A 110 11.67 16.75 -28.06
C ASN A 110 10.32 16.50 -28.72
N VAL A 111 9.45 15.75 -28.04
CA VAL A 111 8.11 15.39 -28.52
C VAL A 111 7.56 16.17 -29.72
N GLN A 112 7.54 17.50 -29.62
CA GLN A 112 7.03 18.36 -30.70
C GLN A 112 7.76 18.17 -32.05
N TYR A 113 8.94 17.56 -32.01
CA TYR A 113 9.76 17.32 -33.20
C TYR A 113 9.25 16.24 -34.15
N ALA A 114 9.72 16.33 -35.40
CA ALA A 114 9.32 15.41 -36.47
C ALA A 114 10.01 14.05 -36.50
N PRO A 115 9.28 13.02 -36.98
CA PRO A 115 9.73 11.63 -37.12
C PRO A 115 10.63 11.42 -38.35
N ALA A 116 11.89 11.05 -38.10
CA ALA A 116 12.89 10.85 -39.15
C ALA A 116 12.69 9.75 -40.20
N ARG A 117 12.06 8.64 -39.84
CA ARG A 117 11.83 7.54 -40.79
C ARG A 117 10.38 7.10 -40.89
N GLY A 118 9.78 6.79 -39.73
CA GLY A 118 8.40 6.34 -39.70
C GLY A 118 7.38 7.46 -39.74
N ARG A 119 6.12 7.06 -39.87
CA ARG A 119 4.99 7.98 -39.95
C ARG A 119 4.70 8.59 -38.58
N PHE A 120 4.82 7.77 -37.54
CA PHE A 120 4.59 8.20 -36.17
C PHE A 120 5.87 8.14 -35.33
N LYS A 121 5.91 8.97 -34.30
CA LYS A 121 7.05 9.03 -33.38
C LYS A 121 6.56 8.35 -32.09
N VAL A 122 6.59 7.02 -32.11
CA VAL A 122 6.13 6.17 -31.01
C VAL A 122 6.97 6.24 -29.72
N TYR A 123 6.31 6.26 -28.57
CA TYR A 123 6.98 6.33 -27.27
C TYR A 123 6.61 5.19 -26.32
N LEU A 124 7.29 4.05 -26.44
CA LEU A 124 7.05 2.90 -25.57
C LEU A 124 7.64 3.16 -24.19
N ILE A 125 6.78 3.26 -23.18
CA ILE A 125 7.22 3.49 -21.80
C ILE A 125 6.74 2.39 -20.87
N ASP A 126 7.68 1.64 -20.28
CA ASP A 126 7.29 0.57 -19.38
C ASP A 126 7.13 1.08 -17.95
N GLU A 127 5.95 0.86 -17.40
CA GLU A 127 5.58 1.26 -16.05
C GLU A 127 5.77 2.75 -15.77
N VAL A 128 4.81 3.53 -16.24
CA VAL A 128 4.83 4.97 -16.10
C VAL A 128 4.47 5.49 -14.70
N HIS A 129 3.88 4.63 -13.88
CA HIS A 129 3.49 5.03 -12.53
C HIS A 129 4.72 5.18 -11.63
N MET A 130 5.89 4.95 -12.21
CA MET A 130 7.15 5.07 -11.48
C MET A 130 8.02 6.16 -12.08
N LEU A 131 7.40 7.04 -12.86
CA LEU A 131 8.10 8.17 -13.48
C LEU A 131 8.29 9.22 -12.41
N SER A 132 9.44 9.89 -12.45
CA SER A 132 9.72 10.95 -11.49
C SER A 132 8.62 12.00 -11.62
N ARG A 133 8.18 12.53 -10.49
CA ARG A 133 7.13 13.55 -10.44
C ARG A 133 7.42 14.72 -11.39
N HIS A 134 8.69 14.91 -11.71
CA HIS A 134 9.17 15.98 -12.59
C HIS A 134 8.84 15.68 -14.07
N SER A 135 9.20 14.48 -14.51
CA SER A 135 8.95 14.04 -15.89
C SER A 135 7.55 13.52 -16.08
N PHE A 136 6.80 13.40 -14.97
CA PHE A 136 5.43 12.92 -15.03
C PHE A 136 4.53 14.04 -15.54
N ASN A 137 4.78 15.26 -15.06
CA ASN A 137 4.01 16.44 -15.47
C ASN A 137 4.25 16.75 -16.94
N ALA A 138 5.45 16.44 -17.42
CA ALA A 138 5.83 16.67 -18.82
C ALA A 138 4.94 15.82 -19.73
N LEU A 139 4.65 14.60 -19.26
CA LEU A 139 3.80 13.67 -20.01
C LEU A 139 2.37 14.22 -19.99
N LEU A 140 1.96 14.77 -18.85
CA LEU A 140 0.63 15.35 -18.70
C LEU A 140 0.46 16.45 -19.75
N LYS A 141 1.35 17.42 -19.71
CA LYS A 141 1.33 18.56 -20.63
C LYS A 141 1.36 18.14 -22.08
N THR A 142 2.00 17.02 -22.38
CA THR A 142 2.06 16.58 -23.76
C THR A 142 0.82 15.79 -24.17
N LEU A 143 0.14 15.19 -23.19
CA LEU A 143 -1.08 14.39 -23.43
C LEU A 143 -2.34 15.24 -23.66
N GLU A 144 -2.46 16.33 -22.91
CA GLU A 144 -3.59 17.24 -23.01
C GLU A 144 -3.70 17.75 -24.44
N GLU A 145 -2.55 18.10 -25.02
CA GLU A 145 -2.48 18.58 -26.38
C GLU A 145 -1.25 17.99 -27.06
N PRO A 146 -1.41 16.80 -27.67
CA PRO A 146 -0.34 16.10 -28.38
C PRO A 146 -0.39 16.34 -29.88
N PRO A 147 0.80 16.41 -30.52
CA PRO A 147 0.86 16.63 -31.98
C PRO A 147 0.30 15.43 -32.74
N GLU A 148 -0.02 15.63 -34.01
CA GLU A 148 -0.60 14.58 -34.85
C GLU A 148 0.34 13.42 -35.15
N HIS A 149 1.63 13.71 -35.11
CA HIS A 149 2.67 12.72 -35.39
C HIS A 149 3.06 11.85 -34.19
N VAL A 150 2.95 12.40 -32.98
CA VAL A 150 3.32 11.67 -31.77
C VAL A 150 2.18 10.86 -31.16
N LYS A 151 2.52 9.66 -30.73
CA LYS A 151 1.57 8.73 -30.10
C LYS A 151 2.28 8.04 -28.93
N PHE A 152 1.52 7.70 -27.90
CA PHE A 152 2.08 7.04 -26.73
C PHE A 152 1.61 5.60 -26.53
N LEU A 153 2.49 4.78 -25.97
CA LEU A 153 2.21 3.38 -25.69
C LEU A 153 2.67 3.10 -24.25
N LEU A 154 1.78 3.40 -23.30
CA LEU A 154 2.05 3.23 -21.88
C LEU A 154 1.80 1.82 -21.36
N ALA A 155 2.67 1.37 -20.46
CA ALA A 155 2.59 0.05 -19.86
C ALA A 155 2.62 0.21 -18.34
N THR A 156 2.08 -0.76 -17.60
CA THR A 156 2.04 -0.68 -16.14
C THR A 156 1.74 -2.02 -15.47
N THR A 157 2.25 -2.20 -14.26
CA THR A 157 2.03 -3.42 -13.48
C THR A 157 0.91 -3.16 -12.47
N ASP A 158 0.71 -1.89 -12.15
CA ASP A 158 -0.32 -1.47 -11.20
C ASP A 158 -0.98 -0.19 -11.72
N PRO A 159 -2.12 -0.33 -12.40
CA PRO A 159 -2.91 0.77 -12.98
C PRO A 159 -3.47 1.75 -11.96
N GLN A 160 -3.57 1.29 -10.71
CA GLN A 160 -4.09 2.12 -9.64
C GLN A 160 -3.15 3.21 -9.15
N LYS A 161 -1.85 3.01 -9.31
CA LYS A 161 -0.86 4.02 -8.89
C LYS A 161 -0.77 5.15 -9.91
N LEU A 162 -1.66 5.10 -10.91
CA LEU A 162 -1.70 6.12 -11.94
C LEU A 162 -2.90 7.00 -11.68
N PRO A 163 -2.66 8.33 -11.57
CA PRO A 163 -3.69 9.35 -11.32
C PRO A 163 -4.80 9.34 -12.38
N VAL A 164 -6.03 9.54 -11.93
CA VAL A 164 -7.20 9.54 -12.81
C VAL A 164 -7.04 10.51 -13.99
N THR A 165 -6.20 11.53 -13.77
CA THR A 165 -5.93 12.55 -14.78
C THR A 165 -5.24 11.96 -16.02
N ILE A 166 -4.54 10.85 -15.82
CA ILE A 166 -3.86 10.17 -16.91
C ILE A 166 -4.72 9.05 -17.50
N LEU A 167 -5.26 8.19 -16.63
CA LEU A 167 -6.10 7.07 -17.07
C LEU A 167 -7.18 7.50 -18.05
N SER A 168 -7.85 8.60 -17.72
CA SER A 168 -8.91 9.14 -18.56
C SER A 168 -8.41 9.62 -19.93
N ARG A 169 -7.10 9.84 -20.07
CA ARG A 169 -6.55 10.31 -21.34
C ARG A 169 -6.02 9.22 -22.29
N CYS A 170 -6.10 7.96 -21.87
CA CYS A 170 -5.62 6.86 -22.69
C CYS A 170 -6.71 5.83 -22.94
N LEU A 171 -6.55 5.07 -24.02
CA LEU A 171 -7.48 3.99 -24.35
C LEU A 171 -6.86 2.80 -23.64
N GLN A 172 -7.38 2.50 -22.45
CA GLN A 172 -6.86 1.42 -21.62
C GLN A 172 -7.18 -0.01 -22.10
N PHE A 173 -6.24 -0.91 -21.87
CA PHE A 173 -6.33 -2.32 -22.24
C PHE A 173 -5.70 -3.24 -21.21
N HIS A 174 -6.51 -4.13 -20.63
CA HIS A 174 -6.00 -5.04 -19.64
C HIS A 174 -5.61 -6.38 -20.23
N LEU A 175 -4.32 -6.70 -20.16
CA LEU A 175 -3.78 -7.96 -20.68
C LEU A 175 -3.74 -9.01 -19.57
N LYS A 176 -4.69 -9.94 -19.60
CA LYS A 176 -4.77 -11.01 -18.60
C LYS A 176 -3.65 -12.05 -18.72
N ALA A 177 -3.38 -12.76 -17.61
CA ALA A 177 -2.35 -13.78 -17.58
C ALA A 177 -2.92 -15.05 -18.18
N LEU A 178 -2.15 -15.70 -19.03
CA LEU A 178 -2.61 -16.93 -19.68
C LEU A 178 -2.88 -18.08 -18.70
N ASP A 179 -3.75 -18.98 -19.13
CA ASP A 179 -4.10 -20.14 -18.34
C ASP A 179 -2.93 -21.14 -18.37
N VAL A 180 -2.90 -22.04 -17.39
CA VAL A 180 -1.86 -23.06 -17.31
C VAL A 180 -1.88 -23.94 -18.56
N GLU A 181 -2.98 -24.66 -18.76
CA GLU A 181 -3.09 -25.53 -19.92
C GLU A 181 -3.28 -24.81 -21.25
N GLN A 182 -3.01 -23.51 -21.23
CA GLN A 182 -3.11 -22.71 -22.44
C GLN A 182 -1.66 -22.43 -22.82
N ILE A 183 -0.80 -22.50 -21.80
CA ILE A 183 0.64 -22.32 -22.01
C ILE A 183 1.20 -23.70 -22.25
N ARG A 184 0.67 -24.68 -21.52
CA ARG A 184 1.12 -26.06 -21.64
C ARG A 184 0.91 -26.48 -23.08
N HIS A 185 -0.34 -26.36 -23.52
CA HIS A 185 -0.76 -26.69 -24.87
C HIS A 185 0.11 -25.97 -25.92
N GLN A 186 0.55 -24.76 -25.58
CA GLN A 186 1.39 -24.00 -26.48
C GLN A 186 2.75 -24.62 -26.51
N LEU A 187 3.31 -24.88 -25.34
CA LEU A 187 4.63 -25.47 -25.21
C LEU A 187 4.76 -26.83 -25.87
N GLU A 188 3.70 -27.62 -25.79
CA GLU A 188 3.71 -28.94 -26.42
C GLU A 188 3.77 -28.77 -27.92
N HIS A 189 2.96 -27.86 -28.43
CA HIS A 189 2.88 -27.57 -29.86
C HIS A 189 4.25 -27.11 -30.35
N ILE A 190 4.82 -26.12 -29.69
CA ILE A 190 6.12 -25.60 -30.09
C ILE A 190 7.17 -26.69 -30.07
N LEU A 191 7.18 -27.50 -29.02
CA LEU A 191 8.15 -28.59 -28.95
C LEU A 191 7.91 -29.64 -30.03
N ASN A 192 6.64 -29.82 -30.38
CA ASN A 192 6.26 -30.81 -31.39
C ASN A 192 6.71 -30.34 -32.74
N GLU A 193 6.74 -29.03 -32.95
CA GLU A 193 7.18 -28.49 -34.22
C GLU A 193 8.67 -28.34 -34.39
N GLU A 194 9.38 -28.45 -33.27
CA GLU A 194 10.84 -28.36 -33.27
C GLU A 194 11.44 -29.76 -33.24
N HIS A 195 10.57 -30.77 -33.13
CA HIS A 195 10.95 -32.18 -33.08
C HIS A 195 11.84 -32.47 -31.88
N ILE A 196 11.40 -32.00 -30.71
CA ILE A 196 12.14 -32.18 -29.47
C ILE A 196 11.30 -33.01 -28.54
N ALA A 197 11.90 -34.04 -27.99
CA ALA A 197 11.23 -34.97 -27.07
C ALA A 197 10.73 -34.31 -25.80
N HIS A 198 9.81 -34.97 -25.10
CA HIS A 198 9.29 -34.41 -23.86
C HIS A 198 8.33 -35.32 -23.13
N GLU A 199 8.18 -35.06 -21.84
CA GLU A 199 7.25 -35.81 -21.00
C GLU A 199 6.21 -34.79 -20.57
N PRO A 200 4.93 -35.10 -20.78
CA PRO A 200 3.83 -34.19 -20.41
C PRO A 200 3.74 -33.63 -18.99
N ARG A 201 4.29 -34.33 -18.00
CA ARG A 201 4.24 -33.84 -16.62
C ARG A 201 5.37 -32.83 -16.44
N ALA A 202 6.29 -32.80 -17.41
CA ALA A 202 7.41 -31.87 -17.40
C ALA A 202 6.90 -30.53 -17.91
N LEU A 203 6.05 -30.58 -18.93
CA LEU A 203 5.49 -29.39 -19.53
C LEU A 203 4.55 -28.66 -18.59
N GLN A 204 3.76 -29.41 -17.84
CA GLN A 204 2.83 -28.81 -16.88
C GLN A 204 3.66 -28.01 -15.89
N LEU A 205 4.77 -28.60 -15.42
CA LEU A 205 5.65 -27.92 -14.47
C LEU A 205 6.21 -26.63 -15.08
N LEU A 206 6.55 -26.67 -16.37
CA LEU A 206 7.08 -25.50 -17.07
C LEU A 206 5.95 -24.49 -17.31
N ALA A 207 4.75 -25.02 -17.50
CA ALA A 207 3.59 -24.19 -17.75
C ALA A 207 3.19 -23.47 -16.49
N ARG A 208 3.48 -24.08 -15.33
CA ARG A 208 3.17 -23.47 -14.04
C ARG A 208 4.31 -22.57 -13.66
N ALA A 209 5.52 -23.04 -13.90
CA ALA A 209 6.75 -22.31 -13.60
C ALA A 209 6.62 -20.85 -13.94
N ALA A 210 6.35 -20.57 -15.21
CA ALA A 210 6.16 -19.19 -15.62
C ALA A 210 4.71 -18.95 -15.25
N GLU A 211 4.41 -17.81 -14.66
CA GLU A 211 3.02 -17.59 -14.32
C GLU A 211 2.37 -16.68 -15.35
N GLY A 212 1.71 -17.32 -16.32
CA GLY A 212 1.02 -16.62 -17.37
C GLY A 212 1.92 -15.76 -18.21
N SER A 213 3.21 -16.12 -18.27
CA SER A 213 4.20 -15.36 -19.02
C SER A 213 4.87 -16.19 -20.08
N LEU A 214 4.26 -16.25 -21.26
CA LEU A 214 4.82 -17.03 -22.34
C LEU A 214 6.26 -16.70 -22.66
N ARG A 215 6.70 -15.45 -22.50
CA ARG A 215 8.11 -15.12 -22.77
C ARG A 215 8.89 -16.09 -21.90
N ASP A 216 8.64 -15.95 -20.60
CA ASP A 216 9.26 -16.72 -19.57
C ASP A 216 9.11 -18.23 -19.73
N ALA A 217 7.98 -18.67 -20.27
CA ALA A 217 7.78 -20.10 -20.48
C ALA A 217 8.86 -20.62 -21.42
N LEU A 218 9.07 -19.90 -22.52
CA LEU A 218 10.07 -20.26 -23.52
C LEU A 218 11.46 -20.19 -22.89
N SER A 219 11.78 -19.05 -22.28
CA SER A 219 13.07 -18.89 -21.61
C SER A 219 13.30 -20.07 -20.70
N LEU A 220 12.24 -20.45 -20.00
CA LEU A 220 12.27 -21.58 -19.10
C LEU A 220 12.47 -22.87 -19.86
N THR A 221 11.86 -22.97 -21.03
CA THR A 221 11.99 -24.17 -21.85
C THR A 221 13.37 -24.29 -22.47
N ASP A 222 14.07 -23.18 -22.64
CA ASP A 222 15.41 -23.26 -23.21
C ASP A 222 16.44 -23.76 -22.23
N GLN A 223 16.24 -23.39 -20.97
CA GLN A 223 17.12 -23.82 -19.92
C GLN A 223 16.97 -25.32 -19.84
N ALA A 224 15.71 -25.77 -19.78
CA ALA A 224 15.35 -27.18 -19.67
C ALA A 224 15.98 -28.03 -20.76
N ILE A 225 16.09 -27.45 -21.94
CA ILE A 225 16.69 -28.13 -23.07
C ILE A 225 18.17 -28.21 -22.81
N ALA A 226 18.80 -27.07 -22.53
CA ALA A 226 20.24 -27.08 -22.28
C ALA A 226 20.70 -28.03 -21.16
N SER A 227 19.88 -28.20 -20.11
CA SER A 227 20.23 -29.06 -18.97
C SER A 227 19.75 -30.50 -19.05
N GLY A 228 18.90 -30.79 -20.04
CA GLY A 228 18.41 -32.16 -20.22
C GLY A 228 18.99 -32.74 -21.50
N ASP A 229 19.98 -32.03 -22.02
CA ASP A 229 20.68 -32.38 -23.25
C ASP A 229 19.78 -32.86 -24.39
N GLY A 230 19.03 -31.93 -24.95
CA GLY A 230 18.15 -32.24 -26.07
C GLY A 230 16.75 -32.72 -25.73
N GLN A 231 16.50 -33.09 -24.48
CA GLN A 231 15.18 -33.56 -24.07
C GLN A 231 14.60 -32.72 -22.93
N VAL A 232 13.31 -32.41 -23.03
CA VAL A 232 12.61 -31.66 -21.98
C VAL A 232 11.98 -32.74 -21.09
N SER A 233 12.81 -33.34 -20.25
CA SER A 233 12.38 -34.42 -19.38
C SER A 233 12.08 -33.95 -17.97
N THR A 234 11.12 -34.61 -17.33
CA THR A 234 10.75 -34.26 -15.99
C THR A 234 11.97 -34.23 -15.09
N GLN A 235 12.91 -35.14 -15.31
CA GLN A 235 14.12 -35.20 -14.50
C GLN A 235 15.12 -34.09 -14.78
N ALA A 236 14.87 -33.29 -15.82
CA ALA A 236 15.77 -32.18 -16.14
C ALA A 236 15.11 -30.91 -15.69
N VAL A 237 13.79 -30.90 -15.85
CA VAL A 237 12.95 -29.79 -15.49
C VAL A 237 12.78 -29.69 -13.98
N SER A 238 12.23 -30.75 -13.38
CA SER A 238 11.94 -30.85 -11.94
C SER A 238 13.10 -30.38 -11.14
N ALA A 239 14.25 -30.47 -11.77
CA ALA A 239 15.45 -30.14 -11.12
C ALA A 239 15.83 -28.67 -11.21
N MET A 240 15.46 -27.97 -12.29
CA MET A 240 15.72 -26.53 -12.44
C MET A 240 14.94 -25.85 -11.34
N LEU A 241 13.65 -26.13 -11.29
CA LEU A 241 12.80 -25.53 -10.30
C LEU A 241 13.11 -26.06 -8.90
N GLY A 242 13.87 -27.14 -8.83
CA GLY A 242 14.22 -27.74 -7.56
C GLY A 242 12.97 -28.39 -6.99
N THR A 243 12.07 -28.73 -7.89
CA THR A 243 10.81 -29.32 -7.49
C THR A 243 10.79 -30.80 -7.74
N LEU A 244 10.37 -31.55 -6.74
CA LEU A 244 10.30 -33.01 -6.81
C LEU A 244 9.47 -33.67 -7.94
N ASP A 245 9.98 -34.82 -8.42
CA ASP A 245 9.31 -35.65 -9.44
C ASP A 245 8.08 -36.12 -8.71
N ASP A 246 6.95 -36.25 -9.40
CA ASP A 246 5.74 -36.67 -8.71
C ASP A 246 5.79 -37.99 -7.96
N ASP A 247 6.91 -38.67 -8.01
CA ASP A 247 7.06 -39.90 -7.25
C ASP A 247 7.77 -39.56 -5.96
N GLN A 248 8.75 -38.69 -6.05
CA GLN A 248 9.50 -38.27 -4.87
C GLN A 248 8.49 -37.62 -3.93
N ALA A 249 7.70 -36.73 -4.51
CA ALA A 249 6.68 -36.00 -3.79
C ALA A 249 5.60 -36.93 -3.33
N LEU A 250 5.20 -37.84 -4.20
CA LEU A 250 4.15 -38.78 -3.84
C LEU A 250 4.50 -39.71 -2.67
N SER A 251 5.76 -40.11 -2.54
CA SER A 251 6.15 -41.00 -1.43
C SER A 251 6.12 -40.23 -0.12
N LEU A 252 6.50 -38.96 -0.18
CA LEU A 252 6.47 -38.13 1.01
C LEU A 252 5.07 -38.13 1.56
N VAL A 253 4.11 -37.90 0.67
CA VAL A 253 2.72 -37.87 1.05
C VAL A 253 2.32 -39.19 1.66
N GLU A 254 2.82 -40.28 1.09
CA GLU A 254 2.50 -41.60 1.60
C GLU A 254 3.20 -41.84 2.92
N ALA A 255 4.44 -41.40 3.01
CA ALA A 255 5.19 -41.58 4.23
C ALA A 255 4.36 -40.98 5.35
N MET A 256 3.99 -39.73 5.14
CA MET A 256 3.21 -38.96 6.10
C MET A 256 1.92 -39.66 6.51
N VAL A 257 1.19 -40.19 5.54
CA VAL A 257 -0.07 -40.83 5.86
C VAL A 257 0.04 -42.17 6.56
N GLU A 258 1.15 -42.88 6.35
CA GLU A 258 1.37 -44.18 7.01
C GLU A 258 1.94 -43.86 8.38
N ALA A 259 2.31 -42.60 8.55
CA ALA A 259 2.87 -42.12 9.79
C ALA A 259 4.21 -42.72 10.17
N ASN A 260 5.06 -43.05 9.21
CA ASN A 260 6.36 -43.55 9.62
C ASN A 260 7.34 -42.41 9.49
N GLY A 261 7.79 -41.90 10.62
CA GLY A 261 8.68 -40.78 10.63
C GLY A 261 10.05 -40.90 10.00
N GLU A 262 10.78 -41.96 10.31
CA GLU A 262 12.13 -42.12 9.77
C GLU A 262 12.10 -41.94 8.27
N ARG A 263 11.20 -42.67 7.61
CA ARG A 263 11.08 -42.60 6.17
C ARG A 263 10.90 -41.19 5.64
N VAL A 264 10.06 -40.40 6.33
CA VAL A 264 9.84 -39.02 5.94
C VAL A 264 11.13 -38.20 6.00
N MET A 265 11.77 -38.17 7.17
CA MET A 265 13.01 -37.40 7.32
C MET A 265 14.04 -37.91 6.33
N ALA A 266 14.00 -39.21 6.04
CA ALA A 266 14.94 -39.79 5.09
C ALA A 266 14.71 -39.24 3.67
N LEU A 267 13.44 -39.13 3.29
CA LEU A 267 13.12 -38.63 1.98
C LEU A 267 13.50 -37.16 1.91
N ILE A 268 13.34 -36.45 3.03
CA ILE A 268 13.69 -35.03 3.10
C ILE A 268 15.19 -34.81 3.03
N ASN A 269 15.95 -35.71 3.64
CA ASN A 269 17.41 -35.63 3.63
C ASN A 269 17.89 -35.96 2.22
N GLU A 270 17.42 -37.08 1.70
CA GLU A 270 17.78 -37.55 0.35
C GLU A 270 17.39 -36.49 -0.67
N ALA A 271 16.38 -35.72 -0.32
CA ALA A 271 15.92 -34.68 -1.20
C ALA A 271 16.83 -33.47 -1.12
N ALA A 272 17.29 -33.16 0.08
CA ALA A 272 18.15 -32.01 0.29
C ALA A 272 19.39 -32.19 -0.54
N ALA A 273 19.80 -33.44 -0.70
CA ALA A 273 21.00 -33.79 -1.47
C ALA A 273 20.98 -33.31 -2.91
N ARG A 274 19.80 -33.35 -3.53
CA ARG A 274 19.69 -32.90 -4.90
C ARG A 274 19.25 -31.43 -4.99
N GLY A 275 19.49 -30.69 -3.89
CA GLY A 275 19.21 -29.26 -3.81
C GLY A 275 17.83 -28.71 -4.14
N ILE A 276 16.86 -29.03 -3.31
CA ILE A 276 15.48 -28.60 -3.50
C ILE A 276 15.32 -27.12 -3.21
N GLU A 277 14.10 -26.68 -3.40
CA GLU A 277 13.63 -25.35 -3.11
C GLU A 277 12.56 -25.72 -2.10
N TRP A 278 12.93 -25.63 -0.84
CA TRP A 278 12.05 -26.04 0.22
C TRP A 278 10.61 -25.61 0.11
N GLU A 279 10.39 -24.43 -0.45
CA GLU A 279 9.03 -23.93 -0.59
C GLU A 279 8.29 -24.91 -1.48
N ALA A 280 8.93 -25.27 -2.59
CA ALA A 280 8.38 -26.18 -3.59
C ALA A 280 7.95 -27.56 -3.11
N LEU A 281 8.73 -28.14 -2.21
CA LEU A 281 8.45 -29.45 -1.68
C LEU A 281 7.11 -29.44 -0.96
N LEU A 282 6.71 -28.26 -0.48
CA LEU A 282 5.43 -28.08 0.21
C LEU A 282 4.31 -27.95 -0.81
N VAL A 283 4.57 -27.12 -1.81
CA VAL A 283 3.62 -26.89 -2.87
C VAL A 283 3.20 -28.17 -3.57
N GLU A 284 4.16 -28.94 -4.08
CA GLU A 284 3.82 -30.17 -4.78
C GLU A 284 3.05 -31.12 -3.93
N MET A 285 3.32 -31.10 -2.63
CA MET A 285 2.62 -31.99 -1.75
C MET A 285 1.22 -31.52 -1.56
N LEU A 286 1.01 -30.21 -1.51
CA LEU A 286 -0.33 -29.64 -1.37
C LEU A 286 -1.17 -30.02 -2.60
N GLY A 287 -0.65 -29.70 -3.78
CA GLY A 287 -1.38 -30.04 -4.99
C GLY A 287 -1.65 -31.53 -5.07
N LEU A 288 -0.68 -32.34 -4.68
CA LEU A 288 -0.88 -33.77 -4.74
C LEU A 288 -2.03 -34.11 -3.84
N LEU A 289 -2.08 -33.49 -2.67
CA LEU A 289 -3.18 -33.77 -1.73
C LEU A 289 -4.50 -33.28 -2.29
N HIS A 290 -4.42 -32.19 -3.04
CA HIS A 290 -5.57 -31.59 -3.68
C HIS A 290 -6.11 -32.58 -4.68
N ARG A 291 -5.27 -33.10 -5.57
CA ARG A 291 -5.81 -34.05 -6.53
C ARG A 291 -6.43 -35.27 -5.91
N ILE A 292 -5.90 -35.75 -4.80
CA ILE A 292 -6.48 -36.92 -4.17
C ILE A 292 -7.88 -36.60 -3.62
N ALA A 293 -8.06 -35.36 -3.20
CA ALA A 293 -9.34 -34.92 -2.65
C ALA A 293 -10.41 -34.89 -3.73
N MET A 294 -10.04 -34.41 -4.92
CA MET A 294 -10.92 -34.32 -6.11
C MET A 294 -11.37 -35.71 -6.56
N VAL A 295 -10.38 -36.60 -6.70
CA VAL A 295 -10.61 -37.96 -7.13
C VAL A 295 -11.55 -38.71 -6.19
N GLN A 296 -11.70 -38.25 -4.97
CA GLN A 296 -12.61 -38.97 -4.09
C GLN A 296 -14.00 -38.51 -4.37
N LEU A 297 -14.12 -37.43 -5.15
CA LEU A 297 -15.42 -36.89 -5.52
C LEU A 297 -15.76 -37.47 -6.87
N SER A 298 -14.89 -37.23 -7.86
CA SER A 298 -15.07 -37.76 -9.21
C SER A 298 -13.83 -38.55 -9.62
N PRO A 299 -13.91 -39.88 -9.56
CA PRO A 299 -12.78 -40.77 -9.92
C PRO A 299 -12.17 -40.46 -11.28
N ALA A 300 -12.81 -39.57 -12.04
CA ALA A 300 -12.27 -39.21 -13.34
C ALA A 300 -11.31 -38.04 -13.24
N ALA A 301 -11.15 -37.48 -12.05
CA ALA A 301 -10.28 -36.32 -11.84
C ALA A 301 -8.82 -36.30 -12.28
N LEU A 302 -8.10 -37.40 -12.16
CA LEU A 302 -6.68 -37.45 -12.50
C LEU A 302 -6.29 -36.97 -13.89
N GLY A 303 -5.18 -36.24 -13.97
CA GLY A 303 -4.68 -35.73 -15.24
C GLY A 303 -4.01 -36.82 -16.08
N ASN A 304 -3.70 -36.50 -17.33
CA ASN A 304 -3.10 -37.51 -18.20
C ASN A 304 -1.68 -38.01 -17.85
N ASP A 305 -0.72 -37.14 -17.56
CA ASP A 305 0.60 -37.70 -17.25
C ASP A 305 0.68 -38.28 -15.84
N MET A 306 -0.37 -38.08 -15.05
CA MET A 306 -0.44 -38.62 -13.69
C MET A 306 -0.43 -40.15 -13.71
N ALA A 307 -0.69 -40.73 -14.88
CA ALA A 307 -0.75 -42.17 -15.04
C ALA A 307 0.40 -42.95 -14.40
N ALA A 308 1.60 -42.37 -14.38
CA ALA A 308 2.72 -43.06 -13.78
C ALA A 308 2.44 -43.33 -12.29
N ILE A 309 1.84 -42.34 -11.62
CA ILE A 309 1.52 -42.43 -10.20
C ILE A 309 0.03 -42.68 -9.97
N GLU A 310 -0.70 -42.87 -11.06
CA GLU A 310 -2.15 -43.13 -11.02
C GLU A 310 -2.59 -44.26 -10.09
N LEU A 311 -1.82 -45.33 -10.04
CA LEU A 311 -2.19 -46.44 -9.16
C LEU A 311 -2.05 -46.01 -7.70
N ARG A 312 -0.99 -45.29 -7.38
CA ARG A 312 -0.82 -44.84 -6.01
C ARG A 312 -1.77 -43.73 -5.61
N MET A 313 -1.95 -42.73 -6.48
CA MET A 313 -2.89 -41.66 -6.20
C MET A 313 -4.25 -42.26 -5.93
N ARG A 314 -4.65 -43.21 -6.77
CA ARG A 314 -5.94 -43.82 -6.61
C ARG A 314 -6.08 -44.60 -5.37
N GLU A 315 -5.00 -45.23 -4.89
CA GLU A 315 -5.07 -46.04 -3.68
C GLU A 315 -5.36 -45.20 -2.47
N LEU A 316 -4.55 -44.17 -2.28
CA LEU A 316 -4.74 -43.29 -1.15
C LEU A 316 -6.20 -42.86 -1.17
N ALA A 317 -6.61 -42.35 -2.32
CA ALA A 317 -7.97 -41.85 -2.54
C ALA A 317 -9.07 -42.69 -1.90
N ARG A 318 -9.04 -44.00 -2.08
CA ARG A 318 -10.09 -44.81 -1.50
C ARG A 318 -9.83 -45.26 -0.06
N THR A 319 -8.56 -45.28 0.33
CA THR A 319 -8.15 -45.72 1.66
C THR A 319 -8.07 -44.65 2.75
N ILE A 320 -7.81 -43.41 2.34
CA ILE A 320 -7.71 -42.30 3.28
C ILE A 320 -8.94 -41.41 3.32
N PRO A 321 -9.57 -41.27 4.50
CA PRO A 321 -10.76 -40.46 4.75
C PRO A 321 -10.51 -39.01 4.34
N PRO A 322 -11.42 -38.42 3.57
CA PRO A 322 -11.29 -37.03 3.10
C PRO A 322 -11.09 -36.04 4.23
N THR A 323 -11.63 -36.39 5.39
CA THR A 323 -11.50 -35.57 6.57
C THR A 323 -10.02 -35.46 6.86
N ASP A 324 -9.35 -36.61 6.95
CA ASP A 324 -7.92 -36.68 7.21
C ASP A 324 -7.17 -35.92 6.12
N ILE A 325 -7.54 -36.14 4.86
CA ILE A 325 -6.86 -35.46 3.78
C ILE A 325 -6.98 -33.95 3.88
N GLN A 326 -8.05 -33.48 4.50
CA GLN A 326 -8.22 -32.05 4.66
C GLN A 326 -7.24 -31.52 5.71
N LEU A 327 -7.01 -32.33 6.74
CA LEU A 327 -6.09 -31.95 7.80
C LEU A 327 -4.66 -31.85 7.22
N TYR A 328 -4.20 -32.87 6.51
CA TYR A 328 -2.88 -32.86 5.94
C TYR A 328 -2.69 -31.64 5.05
N TYR A 329 -3.69 -31.31 4.26
CA TYR A 329 -3.58 -30.15 3.38
C TYR A 329 -3.48 -28.84 4.17
N GLN A 330 -4.19 -28.79 5.30
CA GLN A 330 -4.21 -27.58 6.14
C GLN A 330 -2.88 -27.41 6.85
N THR A 331 -2.42 -28.49 7.46
CA THR A 331 -1.15 -28.55 8.18
C THR A 331 -0.06 -28.03 7.25
N LEU A 332 0.00 -28.60 6.06
CA LEU A 332 1.02 -28.21 5.10
C LEU A 332 0.88 -26.80 4.60
N LEU A 333 -0.33 -26.27 4.56
CA LEU A 333 -0.48 -24.91 4.06
C LEU A 333 -0.02 -23.94 5.10
N ILE A 334 -0.61 -24.09 6.29
CA ILE A 334 -0.30 -23.27 7.42
C ILE A 334 1.23 -23.24 7.54
N GLY A 335 1.84 -24.41 7.27
CA GLY A 335 3.28 -24.56 7.32
C GLY A 335 3.94 -23.71 6.27
N ARG A 336 3.21 -23.40 5.22
CA ARG A 336 3.76 -22.57 4.18
C ARG A 336 3.68 -21.11 4.63
N LYS A 337 2.66 -20.79 5.42
CA LYS A 337 2.50 -19.44 5.92
C LYS A 337 3.73 -19.13 6.78
N GLU A 338 4.07 -20.09 7.64
CA GLU A 338 5.19 -20.03 8.57
C GLU A 338 6.54 -19.91 7.92
N LEU A 339 6.81 -20.77 6.96
CA LEU A 339 8.09 -20.79 6.27
C LEU A 339 9.07 -19.58 6.32
N PRO A 340 8.62 -18.34 6.06
CA PRO A 340 9.62 -17.27 6.12
C PRO A 340 10.02 -16.91 7.57
N TYR A 341 9.20 -17.32 8.52
CA TYR A 341 9.49 -16.99 9.90
C TYR A 341 10.23 -18.10 10.59
N ALA A 342 10.22 -19.28 9.98
CA ALA A 342 10.93 -20.40 10.57
C ALA A 342 12.39 -20.01 10.64
N PRO A 343 13.12 -20.53 11.63
CA PRO A 343 14.55 -20.20 11.77
C PRO A 343 15.39 -20.54 10.54
N ASP A 344 14.93 -21.51 9.76
CA ASP A 344 15.62 -21.98 8.59
C ASP A 344 14.59 -22.65 7.64
N ARG A 345 14.65 -22.33 6.36
CA ARG A 345 13.68 -22.90 5.43
C ARG A 345 13.54 -24.41 5.50
N ARG A 346 14.67 -25.10 5.49
CA ARG A 346 14.67 -26.54 5.54
C ARG A 346 14.02 -27.01 6.80
N MET A 347 14.14 -26.20 7.84
CA MET A 347 13.60 -26.55 9.13
C MET A 347 12.10 -26.32 9.15
N GLY A 348 11.66 -25.20 8.61
CA GLY A 348 10.22 -24.99 8.58
C GLY A 348 9.53 -26.22 8.00
N VAL A 349 10.09 -26.73 6.92
CA VAL A 349 9.51 -27.88 6.24
C VAL A 349 9.54 -29.15 7.07
N GLU A 350 10.57 -29.32 7.88
CA GLU A 350 10.68 -30.53 8.69
C GLU A 350 9.68 -30.47 9.83
N MET A 351 9.55 -29.28 10.39
CA MET A 351 8.66 -29.06 11.49
C MET A 351 7.19 -29.15 11.06
N THR A 352 6.90 -28.61 9.89
CA THR A 352 5.56 -28.67 9.39
C THR A 352 5.13 -30.14 9.27
N LEU A 353 6.08 -30.99 8.91
CA LEU A 353 5.84 -32.41 8.72
C LEU A 353 5.78 -33.16 10.03
N LEU A 354 6.72 -32.86 10.92
CA LEU A 354 6.73 -33.50 12.22
C LEU A 354 5.43 -33.20 12.98
N ARG A 355 4.71 -32.18 12.53
CA ARG A 355 3.44 -31.77 13.15
C ARG A 355 2.40 -32.70 12.60
N ALA A 356 2.38 -32.83 11.28
CA ALA A 356 1.42 -33.72 10.65
C ALA A 356 1.54 -35.10 11.30
N LEU A 357 2.77 -35.46 11.66
CA LEU A 357 3.04 -36.74 12.28
C LEU A 357 2.52 -36.79 13.70
N ALA A 358 2.72 -35.71 14.44
CA ALA A 358 2.29 -35.65 15.83
C ALA A 358 0.80 -35.55 15.96
N PHE A 359 0.17 -34.98 14.94
CA PHE A 359 -1.27 -34.79 14.95
C PHE A 359 -1.94 -35.73 13.95
N HIS A 360 -1.27 -36.83 13.65
CA HIS A 360 -1.79 -37.81 12.71
C HIS A 360 -3.09 -38.39 13.26
N PRO A 361 -4.14 -38.45 12.44
CA PRO A 361 -5.46 -38.96 12.78
C PRO A 361 -5.64 -40.44 13.07
N ARG A 362 -4.91 -41.31 12.37
CA ARG A 362 -5.08 -42.74 12.59
C ARG A 362 -4.10 -43.33 13.62
N MET A 363 -2.98 -42.65 13.82
CA MET A 363 -1.92 -43.07 14.75
C MET A 363 -1.03 -41.85 14.91
N PRO A 364 -0.61 -41.50 16.12
CA PRO A 364 0.25 -40.32 16.25
C PRO A 364 1.45 -40.57 17.18
N LEU A 365 2.36 -39.59 17.29
CA LEU A 365 3.51 -39.73 18.19
C LEU A 365 2.99 -39.83 19.64
N PRO A 366 3.38 -40.90 20.36
CA PRO A 366 3.00 -41.22 21.75
C PRO A 366 3.82 -40.66 22.94
N GLU A 367 3.27 -40.81 24.16
CA GLU A 367 3.92 -40.31 25.39
C GLU A 367 3.48 -40.91 26.73
N PRO A 368 4.36 -40.86 27.76
CA PRO A 368 4.08 -41.36 29.12
C PRO A 368 3.76 -40.22 30.08
N GLN B 4 48.03 -16.85 2.67
CA GLN B 4 46.75 -17.32 2.14
C GLN B 4 45.49 -17.21 3.06
N VAL B 5 44.44 -16.69 2.43
CA VAL B 5 43.13 -16.41 3.01
C VAL B 5 42.13 -17.32 2.31
N LEU B 6 41.25 -17.98 3.06
CA LEU B 6 40.28 -18.86 2.40
C LEU B 6 39.11 -18.04 1.91
N ALA B 7 39.28 -17.43 0.77
CA ALA B 7 38.23 -16.62 0.17
C ALA B 7 38.85 -16.64 -1.20
N ARG B 8 40.13 -16.28 -1.26
CA ARG B 8 40.86 -16.29 -2.53
C ARG B 8 41.30 -17.71 -2.90
N LYS B 9 42.04 -18.37 -2.01
CA LYS B 9 42.58 -19.72 -2.25
C LYS B 9 41.61 -20.81 -2.67
N TRP B 10 40.31 -20.58 -2.47
CA TRP B 10 39.29 -21.56 -2.83
C TRP B 10 38.37 -21.16 -3.98
N ARG B 11 38.77 -20.15 -4.75
CA ARG B 11 37.97 -19.75 -5.89
C ARG B 11 37.90 -21.04 -6.70
N PRO B 12 36.68 -21.56 -6.95
CA PRO B 12 36.59 -22.80 -7.74
C PRO B 12 37.25 -22.60 -9.09
N GLN B 13 38.01 -23.60 -9.54
CA GLN B 13 38.70 -23.52 -10.82
C GLN B 13 38.02 -24.34 -11.91
N THR B 14 37.07 -25.19 -11.51
CA THR B 14 36.35 -26.03 -12.45
C THR B 14 34.91 -26.06 -11.98
N PHE B 15 34.00 -26.46 -12.85
CA PHE B 15 32.60 -26.58 -12.46
C PHE B 15 32.52 -27.69 -11.42
N ALA B 16 33.52 -28.58 -11.48
CA ALA B 16 33.62 -29.72 -10.59
C ALA B 16 33.60 -29.32 -9.12
N ASP B 17 34.21 -28.18 -8.82
CA ASP B 17 34.25 -27.68 -7.45
C ASP B 17 33.38 -26.47 -7.13
N VAL B 18 32.34 -26.24 -7.91
CA VAL B 18 31.42 -25.15 -7.62
C VAL B 18 30.41 -25.79 -6.67
N VAL B 19 29.71 -24.99 -5.87
CA VAL B 19 28.76 -25.57 -4.93
C VAL B 19 27.31 -25.19 -5.11
N GLY B 20 26.44 -26.22 -5.14
CA GLY B 20 24.99 -26.07 -5.24
C GLY B 20 24.20 -25.61 -6.45
N GLN B 21 24.87 -25.29 -7.56
CA GLN B 21 24.15 -24.83 -8.76
C GLN B 21 23.90 -25.95 -9.75
N GLU B 22 24.03 -27.15 -9.23
CA GLU B 22 23.81 -28.35 -10.03
C GLU B 22 23.29 -28.25 -11.51
N HIS B 23 22.06 -27.80 -11.78
CA HIS B 23 21.54 -27.80 -13.18
C HIS B 23 22.19 -26.83 -14.07
N VAL B 24 22.32 -25.64 -13.54
CA VAL B 24 22.93 -24.58 -14.29
C VAL B 24 24.33 -24.92 -14.81
N LEU B 25 24.96 -25.93 -14.22
CA LEU B 25 26.29 -26.36 -14.66
C LEU B 25 26.16 -27.57 -15.57
N THR B 26 25.09 -28.34 -15.36
CA THR B 26 24.81 -29.53 -16.16
C THR B 26 24.50 -29.05 -17.58
N ALA B 27 24.01 -27.82 -17.69
CA ALA B 27 23.67 -27.24 -18.97
C ALA B 27 24.86 -26.57 -19.64
N LEU B 28 25.82 -26.12 -18.83
CA LEU B 28 27.00 -25.47 -19.35
C LEU B 28 28.09 -26.50 -19.63
N ALA B 29 28.08 -27.57 -18.84
CA ALA B 29 29.06 -28.64 -19.02
C ALA B 29 28.71 -29.38 -20.29
N ASN B 30 27.41 -29.57 -20.52
CA ASN B 30 26.93 -30.25 -21.71
C ASN B 30 27.09 -29.33 -22.90
N GLY B 31 26.85 -28.05 -22.67
CA GLY B 31 26.97 -27.07 -23.74
C GLY B 31 28.38 -27.03 -24.29
N LEU B 32 29.35 -26.99 -23.37
CA LEU B 32 30.75 -26.95 -23.77
C LEU B 32 31.20 -28.28 -24.40
N SER B 33 30.77 -29.38 -23.78
CA SER B 33 31.13 -30.71 -24.25
C SER B 33 30.72 -30.97 -25.69
N LEU B 34 29.43 -30.82 -25.98
CA LEU B 34 28.93 -31.06 -27.32
C LEU B 34 29.34 -29.99 -28.33
N GLY B 35 29.55 -28.77 -27.86
CA GLY B 35 29.95 -27.71 -28.77
C GLY B 35 28.91 -26.62 -28.96
N ARG B 36 27.79 -26.74 -28.25
CA ARG B 36 26.69 -25.77 -28.32
C ARG B 36 26.89 -24.56 -27.40
N ILE B 37 27.49 -23.48 -27.91
CA ILE B 37 27.71 -22.27 -27.11
C ILE B 37 26.93 -21.12 -27.78
N HIS B 38 25.97 -20.53 -27.06
CA HIS B 38 25.13 -19.46 -27.58
C HIS B 38 25.74 -18.07 -27.55
N HIS B 39 25.14 -17.16 -28.32
CA HIS B 39 25.62 -15.78 -28.44
C HIS B 39 25.80 -15.03 -27.13
N ALA B 40 24.87 -15.26 -26.20
CA ALA B 40 24.91 -14.58 -24.90
C ALA B 40 24.24 -15.35 -23.77
N TYR B 41 24.90 -15.37 -22.61
CA TYR B 41 24.37 -16.04 -21.44
C TYR B 41 24.03 -14.98 -20.39
N LEU B 42 22.81 -15.03 -19.85
CA LEU B 42 22.39 -14.06 -18.85
C LEU B 42 22.27 -14.73 -17.48
N PHE B 43 23.19 -14.41 -16.58
CA PHE B 43 23.16 -15.00 -15.25
C PHE B 43 22.45 -14.09 -14.26
N SER B 44 21.46 -14.64 -13.57
CA SER B 44 20.69 -13.88 -12.58
C SER B 44 21.00 -14.35 -11.16
N GLY B 45 20.31 -13.74 -10.19
CA GLY B 45 20.52 -14.08 -8.80
C GLY B 45 21.01 -12.90 -7.97
N THR B 46 20.87 -13.02 -6.65
CA THR B 46 21.27 -11.97 -5.73
C THR B 46 22.79 -11.81 -5.67
N ARG B 47 23.24 -10.70 -5.10
CA ARG B 47 24.67 -10.46 -4.98
C ARG B 47 25.20 -11.50 -3.99
N GLY B 48 26.39 -12.02 -4.25
CA GLY B 48 26.96 -12.99 -3.35
C GLY B 48 27.12 -14.34 -4.00
N VAL B 49 26.06 -14.82 -4.66
CA VAL B 49 26.05 -16.11 -5.36
C VAL B 49 27.09 -16.11 -6.48
N GLY B 50 27.56 -17.30 -6.88
CA GLY B 50 28.60 -17.39 -7.90
C GLY B 50 28.46 -16.73 -9.27
N LYS B 51 27.47 -15.86 -9.48
CA LYS B 51 27.27 -15.22 -10.79
C LYS B 51 28.52 -15.00 -11.63
N THR B 52 29.38 -14.08 -11.20
CA THR B 52 30.60 -13.79 -11.93
C THR B 52 31.64 -14.92 -11.86
N SER B 53 31.68 -15.63 -10.74
CA SER B 53 32.62 -16.74 -10.57
C SER B 53 32.40 -17.86 -11.60
N ILE B 54 31.14 -18.26 -11.76
CA ILE B 54 30.71 -19.29 -12.71
C ILE B 54 30.83 -18.71 -14.11
N ALA B 55 30.82 -17.39 -14.19
CA ALA B 55 30.97 -16.72 -15.47
C ALA B 55 32.40 -17.02 -15.95
N ARG B 56 33.38 -16.74 -15.10
CA ARG B 56 34.79 -17.00 -15.41
C ARG B 56 35.00 -18.42 -15.92
N LEU B 57 34.63 -19.38 -15.09
CA LEU B 57 34.76 -20.79 -15.38
C LEU B 57 34.23 -21.18 -16.75
N LEU B 58 33.35 -20.35 -17.30
CA LEU B 58 32.78 -20.62 -18.63
C LEU B 58 33.80 -20.26 -19.70
N ALA B 59 34.39 -19.08 -19.56
CA ALA B 59 35.41 -18.57 -20.49
C ALA B 59 36.64 -19.43 -20.39
N LYS B 60 36.86 -19.98 -19.20
CA LYS B 60 38.01 -20.83 -18.95
C LYS B 60 37.86 -22.11 -19.74
N GLY B 61 36.62 -22.59 -19.86
CA GLY B 61 36.35 -23.82 -20.61
C GLY B 61 36.24 -23.60 -22.11
N LEU B 62 36.27 -22.33 -22.51
CA LEU B 62 36.18 -21.92 -23.91
C LEU B 62 37.54 -21.62 -24.52
N ASN B 63 38.27 -20.69 -23.90
CA ASN B 63 39.59 -20.31 -24.40
C ASN B 63 40.72 -21.35 -24.31
N CYS B 64 40.67 -22.22 -23.30
CA CYS B 64 41.68 -23.27 -23.09
C CYS B 64 42.33 -23.95 -24.30
N GLU B 65 43.63 -24.16 -24.15
CA GLU B 65 44.48 -24.77 -25.16
C GLU B 65 44.24 -26.28 -25.39
N THR B 66 43.58 -26.95 -24.45
CA THR B 66 43.27 -28.38 -24.57
C THR B 66 41.94 -28.58 -25.31
N GLY B 67 41.41 -27.47 -25.83
CA GLY B 67 40.15 -27.51 -26.54
C GLY B 67 39.01 -26.92 -25.76
N ILE B 68 37.83 -26.97 -26.35
CA ILE B 68 36.62 -26.46 -25.71
C ILE B 68 36.04 -27.61 -24.92
N THR B 69 36.39 -27.69 -23.63
CA THR B 69 35.89 -28.76 -22.78
C THR B 69 35.33 -28.17 -21.49
N ALA B 70 34.47 -28.94 -20.82
CA ALA B 70 33.87 -28.52 -19.54
C ALA B 70 34.96 -28.65 -18.46
N THR B 71 36.01 -29.39 -18.80
CA THR B 71 37.13 -29.62 -17.92
C THR B 71 38.32 -28.82 -18.43
N PRO B 72 38.47 -27.57 -17.98
CA PRO B 72 39.57 -26.72 -18.41
C PRO B 72 40.83 -27.10 -17.66
N CYS B 73 41.96 -27.16 -18.36
CA CYS B 73 43.22 -27.51 -17.69
C CYS B 73 43.49 -26.31 -16.78
N GLY B 74 43.96 -26.54 -15.56
CA GLY B 74 44.23 -25.43 -14.65
C GLY B 74 45.62 -24.82 -14.74
N VAL B 75 46.45 -25.37 -15.63
CA VAL B 75 47.83 -24.90 -15.79
C VAL B 75 48.22 -24.12 -17.05
N CYS B 76 47.48 -24.32 -18.15
CA CYS B 76 47.78 -23.61 -19.41
C CYS B 76 47.90 -22.11 -19.25
N ASP B 77 48.56 -21.46 -20.21
CA ASP B 77 48.74 -20.02 -20.12
C ASP B 77 47.46 -19.20 -20.16
N ASN B 78 46.39 -19.77 -20.70
CA ASN B 78 45.11 -19.07 -20.76
C ASN B 78 44.43 -19.09 -19.41
N CYS B 79 44.21 -20.29 -18.88
CA CYS B 79 43.57 -20.45 -17.59
C CYS B 79 44.18 -19.57 -16.49
N ARG B 80 45.50 -19.66 -16.30
CA ARG B 80 46.20 -18.89 -15.28
C ARG B 80 45.84 -17.42 -15.37
N GLU B 81 45.83 -16.90 -16.58
CA GLU B 81 45.51 -15.50 -16.84
C GLU B 81 44.02 -15.18 -16.66
N ILE B 82 43.17 -16.17 -16.92
CA ILE B 82 41.72 -15.97 -16.77
C ILE B 82 41.40 -15.82 -15.30
N GLU B 83 41.78 -16.83 -14.51
CA GLU B 83 41.51 -16.83 -13.08
C GLU B 83 42.13 -15.67 -12.33
N GLN B 84 43.33 -15.26 -12.72
CA GLN B 84 43.97 -14.13 -12.07
C GLN B 84 43.12 -12.89 -12.28
N GLY B 85 42.35 -12.89 -13.37
CA GLY B 85 41.50 -11.77 -13.70
C GLY B 85 42.24 -10.77 -14.55
N ARG B 86 43.15 -11.28 -15.39
CA ARG B 86 43.97 -10.45 -16.27
C ARG B 86 44.13 -11.14 -17.63
N PHE B 87 43.05 -11.17 -18.41
CA PHE B 87 43.08 -11.78 -19.73
C PHE B 87 42.73 -10.75 -20.81
N VAL B 88 43.42 -10.88 -21.94
CA VAL B 88 43.23 -9.98 -23.08
C VAL B 88 41.85 -10.16 -23.72
N ASP B 89 41.46 -11.40 -23.96
CA ASP B 89 40.16 -11.71 -24.59
C ASP B 89 38.96 -11.76 -23.68
N LEU B 90 39.19 -11.89 -22.38
CA LEU B 90 38.10 -11.89 -21.42
C LEU B 90 38.04 -10.47 -20.84
N ILE B 91 37.28 -9.62 -21.52
CA ILE B 91 37.13 -8.23 -21.11
C ILE B 91 36.03 -8.15 -20.06
N GLU B 92 36.34 -7.49 -18.95
CA GLU B 92 35.39 -7.36 -17.86
C GLU B 92 34.92 -5.92 -17.67
N ILE B 93 33.61 -5.73 -17.72
CA ILE B 93 33.01 -4.40 -17.57
C ILE B 93 31.97 -4.38 -16.44
N ASP B 94 32.25 -3.59 -15.41
CA ASP B 94 31.34 -3.45 -14.28
C ASP B 94 30.48 -2.22 -14.51
N ALA B 95 29.20 -2.44 -14.77
CA ALA B 95 28.26 -1.35 -15.04
C ALA B 95 27.84 -0.52 -13.84
N ALA B 96 28.36 -0.83 -12.66
CA ALA B 96 28.02 -0.07 -11.46
C ALA B 96 28.98 1.10 -11.19
N SER B 97 30.15 1.06 -11.80
CA SER B 97 31.17 2.11 -11.62
C SER B 97 31.03 3.36 -12.49
N ARG B 98 31.28 4.52 -11.89
CA ARG B 98 31.17 5.81 -12.56
C ARG B 98 32.51 6.25 -13.18
N THR B 99 33.59 5.51 -12.92
CA THR B 99 34.91 5.90 -13.44
C THR B 99 35.54 4.89 -14.42
N LYS B 100 34.81 4.40 -15.41
CA LYS B 100 35.42 3.47 -16.34
C LYS B 100 36.35 4.23 -17.32
N VAL B 101 37.43 3.58 -17.73
CA VAL B 101 38.40 4.17 -18.66
C VAL B 101 37.68 4.52 -19.97
N GLU B 102 37.37 3.50 -20.76
CA GLU B 102 36.69 3.67 -22.03
C GLU B 102 35.41 2.91 -21.81
N ASP B 103 34.37 3.64 -21.43
CA ASP B 103 33.07 3.08 -21.13
C ASP B 103 32.55 2.13 -22.18
N THR B 104 31.76 1.17 -21.70
CA THR B 104 31.10 0.13 -22.50
C THR B 104 31.04 0.45 -24.01
N ARG B 105 30.64 1.68 -24.33
CA ARG B 105 30.54 2.08 -25.73
C ARG B 105 31.84 1.91 -26.51
N ASP B 106 32.99 2.22 -25.90
CA ASP B 106 34.28 2.07 -26.56
C ASP B 106 34.86 0.65 -26.51
N LEU B 107 34.53 -0.11 -25.48
CA LEU B 107 35.00 -1.48 -25.35
C LEU B 107 34.11 -2.39 -26.21
N LEU B 108 32.89 -1.93 -26.49
CA LEU B 108 31.95 -2.65 -27.33
C LEU B 108 32.13 -2.21 -28.78
N ASP B 109 33.01 -1.24 -28.97
CA ASP B 109 33.32 -0.71 -30.28
C ASP B 109 34.18 -1.74 -31.01
N ASN B 110 35.17 -2.27 -30.30
CA ASN B 110 36.10 -3.27 -30.84
C ASN B 110 35.52 -4.67 -31.04
N VAL B 111 34.28 -4.87 -30.62
CA VAL B 111 33.58 -6.16 -30.73
C VAL B 111 33.96 -7.06 -31.92
N GLN B 112 33.69 -6.59 -33.13
CA GLN B 112 33.96 -7.36 -34.35
C GLN B 112 35.42 -7.71 -34.66
N TYR B 113 36.34 -7.29 -33.78
CA TYR B 113 37.76 -7.59 -33.95
C TYR B 113 38.19 -8.93 -33.38
N ALA B 114 39.19 -9.53 -34.02
CA ALA B 114 39.73 -10.85 -33.65
C ALA B 114 40.31 -10.99 -32.25
N PRO B 115 40.23 -12.21 -31.69
CA PRO B 115 40.74 -12.56 -30.36
C PRO B 115 42.25 -12.81 -30.36
N ALA B 116 42.97 -11.99 -29.60
CA ALA B 116 44.44 -12.06 -29.48
C ALA B 116 45.01 -13.44 -29.13
N ARG B 117 44.56 -14.00 -28.01
CA ARG B 117 45.03 -15.32 -27.56
C ARG B 117 43.79 -16.15 -27.27
N GLY B 118 43.40 -17.01 -28.20
CA GLY B 118 42.25 -17.84 -27.93
C GLY B 118 41.22 -17.94 -29.03
N ARG B 119 40.32 -18.89 -28.82
CA ARG B 119 39.25 -19.18 -29.75
C ARG B 119 38.14 -18.14 -29.66
N PHE B 120 37.97 -17.56 -28.47
CA PHE B 120 36.91 -16.58 -28.25
C PHE B 120 37.33 -15.29 -27.59
N LYS B 121 36.60 -14.22 -27.91
CA LYS B 121 36.83 -12.90 -27.32
C LYS B 121 35.58 -12.69 -26.47
N VAL B 122 35.62 -13.28 -25.29
CA VAL B 122 34.52 -13.26 -24.33
C VAL B 122 34.33 -11.93 -23.60
N TYR B 123 33.07 -11.53 -23.43
CA TYR B 123 32.71 -10.29 -22.75
C TYR B 123 31.89 -10.53 -21.48
N LEU B 124 32.52 -10.34 -20.32
CA LEU B 124 31.82 -10.53 -19.05
C LEU B 124 31.37 -9.20 -18.51
N ILE B 125 30.07 -8.95 -18.55
CA ILE B 125 29.50 -7.71 -18.06
C ILE B 125 28.68 -7.95 -16.79
N ASP B 126 29.14 -7.35 -15.69
CA ASP B 126 28.47 -7.48 -14.41
C ASP B 126 27.50 -6.30 -14.19
N GLU B 127 26.26 -6.65 -13.86
CA GLU B 127 25.18 -5.69 -13.63
C GLU B 127 24.78 -4.97 -14.94
N VAL B 128 24.47 -5.77 -15.95
CA VAL B 128 24.10 -5.28 -17.28
C VAL B 128 22.91 -4.33 -17.32
N HIS B 129 22.00 -4.45 -16.36
CA HIS B 129 20.81 -3.59 -16.33
C HIS B 129 21.16 -2.15 -15.92
N MET B 130 22.39 -1.93 -15.48
CA MET B 130 22.84 -0.60 -15.07
C MET B 130 23.52 0.18 -16.22
N LEU B 131 23.61 -0.43 -17.40
CA LEU B 131 24.25 0.21 -18.55
C LEU B 131 23.60 1.48 -19.09
N SER B 132 24.42 2.46 -19.47
CA SER B 132 23.93 3.73 -20.03
C SER B 132 23.38 3.40 -21.42
N ARG B 133 22.22 3.95 -21.72
CA ARG B 133 21.49 3.72 -22.95
C ARG B 133 22.12 3.65 -24.34
N HIS B 134 23.01 4.58 -24.72
CA HIS B 134 23.59 4.55 -26.07
C HIS B 134 24.48 3.37 -26.41
N SER B 135 24.99 2.67 -25.40
CA SER B 135 25.82 1.50 -25.61
C SER B 135 24.91 0.28 -25.64
N PHE B 136 23.86 0.34 -24.83
CA PHE B 136 22.87 -0.72 -24.69
C PHE B 136 22.35 -1.28 -26.01
N ASN B 137 21.91 -0.39 -26.91
CA ASN B 137 21.42 -0.83 -28.21
C ASN B 137 22.54 -1.39 -29.08
N ALA B 138 23.77 -0.93 -28.86
CA ALA B 138 24.94 -1.38 -29.63
C ALA B 138 25.06 -2.90 -29.56
N LEU B 139 24.60 -3.46 -28.44
CA LEU B 139 24.61 -4.89 -28.22
C LEU B 139 23.62 -5.57 -29.14
N LEU B 140 22.47 -4.93 -29.32
CA LEU B 140 21.42 -5.48 -30.17
C LEU B 140 21.77 -5.45 -31.66
N LYS B 141 22.75 -4.63 -32.04
CA LYS B 141 23.19 -4.58 -33.43
C LYS B 141 23.97 -5.88 -33.61
N THR B 142 24.73 -6.22 -32.57
CA THR B 142 25.54 -7.43 -32.56
C THR B 142 24.75 -8.68 -32.18
N LEU B 143 23.90 -8.61 -31.15
CA LEU B 143 23.16 -9.80 -30.73
C LEU B 143 22.36 -10.57 -31.77
N GLU B 144 21.65 -9.88 -32.66
CA GLU B 144 20.89 -10.60 -33.69
C GLU B 144 21.76 -11.00 -34.86
N GLU B 145 22.96 -10.43 -34.92
CA GLU B 145 23.94 -10.73 -35.98
C GLU B 145 25.37 -10.56 -35.40
N PRO B 146 25.74 -11.42 -34.41
CA PRO B 146 27.07 -11.35 -33.79
C PRO B 146 28.11 -12.21 -34.51
N PRO B 147 29.38 -11.77 -34.50
CA PRO B 147 30.43 -12.55 -35.14
C PRO B 147 30.59 -13.91 -34.47
N GLU B 148 31.36 -14.79 -35.11
CA GLU B 148 31.59 -16.15 -34.62
C GLU B 148 32.53 -16.22 -33.40
N HIS B 149 33.55 -15.36 -33.41
CA HIS B 149 34.56 -15.30 -32.36
C HIS B 149 34.15 -14.63 -31.04
N VAL B 150 33.01 -13.95 -31.02
CA VAL B 150 32.56 -13.27 -29.81
C VAL B 150 31.49 -14.01 -29.02
N LYS B 151 31.56 -13.85 -27.70
CA LYS B 151 30.63 -14.47 -26.76
C LYS B 151 30.31 -13.45 -25.67
N PHE B 152 29.07 -13.46 -25.19
CA PHE B 152 28.64 -12.54 -24.14
C PHE B 152 28.21 -13.23 -22.85
N LEU B 153 28.85 -12.85 -21.76
CA LEU B 153 28.54 -13.38 -20.44
C LEU B 153 27.97 -12.21 -19.69
N LEU B 154 26.69 -12.28 -19.39
CA LEU B 154 26.01 -11.20 -18.67
C LEU B 154 25.60 -11.61 -17.25
N ALA B 155 25.57 -10.63 -16.36
CA ALA B 155 25.19 -10.87 -14.96
C ALA B 155 24.35 -9.71 -14.43
N THR B 156 23.36 -10.01 -13.60
CA THR B 156 22.51 -8.96 -13.07
C THR B 156 21.77 -9.36 -11.79
N THR B 157 21.73 -8.42 -10.85
CA THR B 157 21.04 -8.60 -9.56
C THR B 157 19.54 -8.59 -9.79
N ASP B 158 19.13 -7.98 -10.90
CA ASP B 158 17.72 -7.85 -11.25
C ASP B 158 17.51 -7.95 -12.76
N PRO B 159 16.84 -9.02 -13.22
CA PRO B 159 16.58 -9.22 -14.65
C PRO B 159 15.50 -8.26 -15.14
N GLN B 160 14.48 -8.06 -14.30
CA GLN B 160 13.34 -7.20 -14.62
C GLN B 160 13.68 -5.83 -15.20
N LYS B 161 14.87 -5.31 -14.91
CA LYS B 161 15.25 -4.01 -15.45
C LYS B 161 16.00 -4.09 -16.78
N LEU B 162 15.93 -5.26 -17.40
CA LEU B 162 16.52 -5.51 -18.70
C LEU B 162 15.37 -5.64 -19.68
N PRO B 163 15.38 -4.83 -20.75
CA PRO B 163 14.31 -4.88 -21.76
C PRO B 163 14.22 -6.26 -22.41
N VAL B 164 13.01 -6.68 -22.75
CA VAL B 164 12.75 -7.99 -23.38
C VAL B 164 13.53 -8.19 -24.66
N THR B 165 14.07 -7.11 -25.21
CA THR B 165 14.86 -7.21 -26.43
C THR B 165 16.09 -8.06 -26.16
N ILE B 166 16.66 -7.91 -24.96
CA ILE B 166 17.84 -8.67 -24.57
C ILE B 166 17.50 -9.99 -23.86
N LEU B 167 16.51 -9.97 -22.98
CA LEU B 167 16.14 -11.19 -22.27
C LEU B 167 15.68 -12.34 -23.17
N SER B 168 15.33 -12.02 -24.42
CA SER B 168 14.86 -13.01 -25.36
C SER B 168 16.00 -13.55 -26.23
N ARG B 169 17.02 -12.74 -26.45
CA ARG B 169 18.14 -13.15 -27.29
C ARG B 169 19.15 -14.02 -26.55
N CYS B 170 19.06 -14.00 -25.22
CA CYS B 170 19.98 -14.77 -24.37
C CYS B 170 19.38 -16.00 -23.76
N LEU B 171 20.27 -16.92 -23.39
CA LEU B 171 19.88 -18.14 -22.72
C LEU B 171 20.23 -17.82 -21.28
N GLN B 172 19.25 -17.31 -20.53
CA GLN B 172 19.45 -16.92 -19.14
C GLN B 172 19.29 -18.02 -18.09
N PHE B 173 20.22 -18.01 -17.14
CA PHE B 173 20.25 -18.97 -16.06
C PHE B 173 20.11 -18.30 -14.73
N HIS B 174 19.27 -18.89 -13.86
CA HIS B 174 19.08 -18.34 -12.53
C HIS B 174 19.87 -19.18 -11.51
N LEU B 175 20.76 -18.51 -10.80
CA LEU B 175 21.57 -19.14 -9.78
C LEU B 175 20.86 -18.91 -8.46
N LYS B 176 20.45 -20.01 -7.83
CA LYS B 176 19.73 -20.02 -6.56
C LYS B 176 20.64 -19.83 -5.34
N ALA B 177 20.04 -19.50 -4.20
CA ALA B 177 20.83 -19.36 -2.97
C ALA B 177 21.23 -20.79 -2.55
N LEU B 178 21.96 -20.92 -1.45
CA LEU B 178 22.37 -22.23 -0.97
C LEU B 178 21.70 -22.43 0.36
N ASP B 179 21.32 -23.66 0.69
CA ASP B 179 20.71 -23.92 1.99
C ASP B 179 21.84 -23.73 3.03
N VAL B 180 21.48 -23.54 4.29
CA VAL B 180 22.48 -23.37 5.33
C VAL B 180 23.42 -24.54 5.33
N GLU B 181 22.88 -25.73 5.63
CA GLU B 181 23.71 -26.92 5.70
C GLU B 181 24.64 -27.08 4.50
N GLN B 182 24.14 -26.75 3.33
CA GLN B 182 24.95 -26.81 2.12
C GLN B 182 26.27 -26.02 2.27
N ILE B 183 26.21 -24.85 2.91
CA ILE B 183 27.38 -23.99 3.15
C ILE B 183 28.17 -24.55 4.32
N ARG B 184 27.45 -24.90 5.38
CA ARG B 184 28.07 -25.49 6.54
C ARG B 184 29.01 -26.61 6.08
N HIS B 185 28.46 -27.54 5.29
CA HIS B 185 29.18 -28.69 4.78
C HIS B 185 30.42 -28.37 3.98
N GLN B 186 30.39 -27.28 3.22
CA GLN B 186 31.54 -26.88 2.42
C GLN B 186 32.61 -26.28 3.29
N LEU B 187 32.21 -25.41 4.20
CA LEU B 187 33.14 -24.76 5.13
C LEU B 187 33.93 -25.85 5.80
N GLU B 188 33.24 -26.82 6.36
CA GLU B 188 33.86 -27.92 7.05
C GLU B 188 34.96 -28.50 6.19
N HIS B 189 34.54 -29.01 5.05
CA HIS B 189 35.44 -29.62 4.10
C HIS B 189 36.72 -28.82 3.80
N ILE B 190 36.61 -27.51 3.86
CA ILE B 190 37.72 -26.64 3.58
C ILE B 190 38.60 -26.59 4.78
N LEU B 191 38.00 -26.56 5.95
CA LEU B 191 38.77 -26.47 7.17
C LEU B 191 39.41 -27.80 7.52
N ASN B 192 38.81 -28.90 7.08
CA ASN B 192 39.41 -30.17 7.36
C ASN B 192 40.65 -30.28 6.50
N GLU B 193 40.47 -30.17 5.19
CA GLU B 193 41.57 -30.27 4.25
C GLU B 193 42.67 -29.24 4.53
N GLU B 194 42.31 -28.12 5.14
CA GLU B 194 43.28 -27.07 5.44
C GLU B 194 43.97 -27.21 6.78
N HIS B 195 43.56 -28.21 7.55
CA HIS B 195 44.11 -28.46 8.89
C HIS B 195 44.03 -27.21 9.76
N ILE B 196 42.81 -26.82 10.11
CA ILE B 196 42.60 -25.64 10.95
C ILE B 196 41.58 -26.10 11.97
N ALA B 197 41.79 -25.75 13.24
CA ALA B 197 40.90 -26.17 14.32
C ALA B 197 39.50 -25.60 14.19
N HIS B 198 38.48 -26.45 14.26
CA HIS B 198 37.10 -25.98 14.13
C HIS B 198 36.10 -26.74 14.99
N GLU B 199 35.05 -26.05 15.40
CA GLU B 199 34.01 -26.64 16.25
C GLU B 199 32.74 -26.72 15.42
N PRO B 200 31.77 -27.50 15.89
CA PRO B 200 30.51 -27.62 15.15
C PRO B 200 29.63 -26.37 15.13
N ARG B 201 29.28 -25.86 16.31
CA ARG B 201 28.40 -24.69 16.39
C ARG B 201 29.00 -23.49 15.66
N ALA B 202 30.31 -23.50 15.48
CA ALA B 202 30.95 -22.38 14.81
C ALA B 202 30.55 -22.38 13.36
N LEU B 203 30.73 -23.53 12.70
CA LEU B 203 30.41 -23.67 11.30
C LEU B 203 28.94 -23.38 11.02
N GLN B 204 28.10 -23.64 12.02
CA GLN B 204 26.65 -23.37 11.91
C GLN B 204 26.48 -21.85 11.89
N LEU B 205 26.95 -21.20 12.97
CA LEU B 205 26.89 -19.76 13.13
C LEU B 205 27.49 -19.06 11.92
N LEU B 206 28.55 -19.64 11.37
CA LEU B 206 29.23 -19.04 10.22
C LEU B 206 28.43 -19.16 8.96
N ALA B 207 27.81 -20.32 8.76
CA ALA B 207 27.02 -20.55 7.58
C ALA B 207 25.77 -19.68 7.60
N ARG B 208 25.05 -19.72 8.71
CA ARG B 208 23.84 -18.97 8.82
C ARG B 208 24.09 -17.48 8.64
N ALA B 209 25.26 -17.02 9.08
CA ALA B 209 25.60 -15.61 8.98
C ALA B 209 25.76 -15.18 7.53
N ALA B 210 26.37 -16.06 6.73
CA ALA B 210 26.54 -15.80 5.31
C ALA B 210 25.20 -16.21 4.74
N GLU B 211 24.40 -15.26 4.31
CA GLU B 211 23.08 -15.63 3.83
C GLU B 211 23.06 -16.19 2.42
N GLY B 212 23.32 -17.49 2.33
CA GLY B 212 23.29 -18.16 1.03
C GLY B 212 24.46 -17.92 0.11
N SER B 213 25.47 -17.18 0.57
CA SER B 213 26.65 -16.88 -0.24
C SER B 213 27.91 -17.55 0.27
N LEU B 214 28.48 -18.43 -0.53
CA LEU B 214 29.71 -19.11 -0.11
C LEU B 214 30.82 -18.09 -0.10
N ARG B 215 30.71 -17.13 -1.02
CA ARG B 215 31.66 -16.05 -1.18
C ARG B 215 31.89 -15.39 0.19
N ASP B 216 30.82 -14.88 0.79
CA ASP B 216 30.89 -14.23 2.09
C ASP B 216 31.21 -15.24 3.18
N ALA B 217 30.62 -16.42 3.11
CA ALA B 217 30.84 -17.47 4.11
C ALA B 217 32.32 -17.60 4.42
N LEU B 218 33.11 -17.63 3.37
CA LEU B 218 34.54 -17.74 3.52
C LEU B 218 35.17 -16.46 4.04
N SER B 219 34.66 -15.31 3.58
CA SER B 219 35.22 -14.03 4.05
C SER B 219 34.98 -13.84 5.55
N LEU B 220 33.91 -14.46 6.06
CA LEU B 220 33.62 -14.37 7.47
C LEU B 220 34.55 -15.36 8.16
N THR B 221 34.70 -16.53 7.55
CA THR B 221 35.55 -17.56 8.12
C THR B 221 36.95 -17.01 8.24
N ASP B 222 37.33 -16.13 7.33
CA ASP B 222 38.65 -15.54 7.39
C ASP B 222 38.86 -14.52 8.45
N GLN B 223 37.78 -13.83 8.84
CA GLN B 223 37.88 -12.83 9.88
C GLN B 223 37.71 -13.48 11.22
N ALA B 224 37.34 -14.75 11.23
CA ALA B 224 37.19 -15.46 12.49
C ALA B 224 38.57 -15.98 12.83
N ILE B 225 39.33 -16.25 11.79
CA ILE B 225 40.68 -16.75 11.93
C ILE B 225 41.63 -15.65 12.37
N ALA B 226 41.31 -14.42 12.01
CA ALA B 226 42.13 -13.29 12.36
C ALA B 226 41.74 -12.75 13.73
N SER B 227 40.44 -12.61 13.96
CA SER B 227 39.98 -12.08 15.24
C SER B 227 40.25 -13.04 16.40
N GLY B 228 39.85 -14.30 16.27
CA GLY B 228 40.09 -15.23 17.37
C GLY B 228 41.51 -15.81 17.33
N ASP B 229 41.66 -17.02 17.84
CA ASP B 229 42.96 -17.68 17.78
C ASP B 229 42.95 -18.17 16.34
N GLY B 230 44.06 -18.67 15.81
CA GLY B 230 44.01 -19.21 14.46
C GLY B 230 43.21 -20.49 14.59
N GLN B 231 41.96 -20.31 15.01
CA GLN B 231 41.02 -21.38 15.29
C GLN B 231 39.64 -20.87 15.00
N VAL B 232 38.89 -21.65 14.24
CA VAL B 232 37.53 -21.23 13.98
C VAL B 232 36.77 -21.82 15.16
N SER B 233 36.72 -21.06 16.25
CA SER B 233 36.05 -21.45 17.49
C SER B 233 34.72 -20.75 17.71
N THR B 234 33.81 -21.40 18.44
CA THR B 234 32.50 -20.81 18.70
C THR B 234 32.70 -19.44 19.32
N GLN B 235 33.65 -19.37 20.24
CA GLN B 235 33.97 -18.15 20.96
C GLN B 235 34.31 -17.01 20.00
N ALA B 236 35.07 -17.31 18.97
CA ALA B 236 35.47 -16.29 18.02
C ALA B 236 34.31 -15.92 17.14
N VAL B 237 33.68 -16.93 16.55
CA VAL B 237 32.59 -16.67 15.63
C VAL B 237 31.48 -15.84 16.24
N SER B 238 31.01 -16.23 17.42
CA SER B 238 29.94 -15.47 18.07
C SER B 238 30.50 -14.19 18.68
N ALA B 239 31.77 -13.92 18.40
CA ALA B 239 32.39 -12.70 18.89
C ALA B 239 32.24 -11.65 17.78
N MET B 240 32.21 -12.10 16.53
CA MET B 240 32.04 -11.18 15.42
C MET B 240 30.57 -10.90 15.26
N LEU B 241 29.79 -11.96 15.20
CA LEU B 241 28.37 -11.84 14.99
C LEU B 241 27.55 -11.32 16.15
N GLY B 242 27.73 -11.86 17.35
CA GLY B 242 26.93 -11.35 18.44
C GLY B 242 25.81 -12.30 18.79
N THR B 243 26.19 -13.48 19.25
CA THR B 243 25.24 -14.47 19.71
C THR B 243 25.60 -14.47 21.18
N LEU B 244 24.66 -14.86 22.03
CA LEU B 244 24.91 -14.88 23.47
C LEU B 244 26.03 -15.83 23.86
N ASP B 245 26.14 -16.94 23.14
CA ASP B 245 27.15 -17.97 23.39
C ASP B 245 26.84 -18.57 24.76
N ASP B 246 25.57 -18.47 25.15
CA ASP B 246 25.15 -18.99 26.45
C ASP B 246 23.96 -19.93 26.33
N ASP B 247 23.82 -20.80 27.33
CA ASP B 247 22.73 -21.74 27.36
C ASP B 247 21.40 -21.05 27.59
N GLN B 248 21.37 -19.72 27.52
CA GLN B 248 20.12 -18.98 27.78
C GLN B 248 18.87 -19.42 27.04
N ALA B 249 18.99 -19.65 25.72
CA ALA B 249 17.84 -20.07 24.91
C ALA B 249 17.27 -21.36 25.44
N LEU B 250 18.14 -22.28 25.82
CA LEU B 250 17.68 -23.53 26.35
C LEU B 250 17.00 -23.46 27.71
N SER B 251 17.65 -22.82 28.67
CA SER B 251 17.08 -22.74 30.00
C SER B 251 15.75 -22.03 29.97
N LEU B 252 15.60 -21.13 29.01
CA LEU B 252 14.36 -20.38 28.85
C LEU B 252 13.29 -21.36 28.46
N VAL B 253 13.64 -22.27 27.55
CA VAL B 253 12.73 -23.31 27.06
C VAL B 253 12.39 -24.25 28.21
N GLU B 254 13.39 -24.62 28.98
CA GLU B 254 13.16 -25.51 30.10
C GLU B 254 12.18 -24.90 31.10
N ALA B 255 12.36 -23.61 31.43
CA ALA B 255 11.50 -22.91 32.39
C ALA B 255 10.10 -22.84 31.85
N MET B 256 10.00 -22.29 30.64
CA MET B 256 8.74 -22.13 29.91
C MET B 256 7.92 -23.39 30.01
N VAL B 257 8.54 -24.53 29.72
CA VAL B 257 7.80 -25.76 29.75
C VAL B 257 7.41 -26.30 31.11
N GLU B 258 7.95 -25.75 32.18
CA GLU B 258 7.57 -26.22 33.51
C GLU B 258 6.52 -25.27 34.07
N ALA B 259 6.39 -24.14 33.36
CA ALA B 259 5.47 -23.06 33.69
C ALA B 259 6.05 -22.37 34.89
N ASN B 260 7.30 -21.94 34.79
CA ASN B 260 7.98 -21.28 35.87
C ASN B 260 7.80 -19.76 35.91
N GLY B 261 7.26 -19.16 34.85
CA GLY B 261 7.05 -17.71 34.78
C GLY B 261 8.10 -16.85 35.48
N GLU B 262 8.06 -16.87 36.79
CA GLU B 262 9.00 -16.18 37.66
C GLU B 262 10.40 -16.27 37.05
N ARG B 263 10.81 -17.49 36.70
CA ARG B 263 12.13 -17.72 36.12
C ARG B 263 12.18 -17.35 34.64
N VAL B 264 11.05 -17.51 33.96
CA VAL B 264 11.05 -17.14 32.56
C VAL B 264 11.24 -15.63 32.53
N MET B 265 10.43 -14.87 33.26
CA MET B 265 10.56 -13.42 33.30
C MET B 265 11.90 -13.00 33.86
N ALA B 266 12.44 -13.82 34.75
CA ALA B 266 13.74 -13.52 35.33
C ALA B 266 14.78 -13.59 34.23
N LEU B 267 14.86 -14.74 33.56
CA LEU B 267 15.81 -14.94 32.48
C LEU B 267 15.75 -13.87 31.41
N ILE B 268 14.53 -13.46 31.07
CA ILE B 268 14.33 -12.45 30.05
C ILE B 268 15.00 -11.17 30.43
N ASN B 269 14.99 -10.88 31.73
CA ASN B 269 15.56 -9.67 32.31
C ASN B 269 17.09 -9.71 32.30
N GLU B 270 17.65 -10.81 32.79
CA GLU B 270 19.11 -10.94 32.81
C GLU B 270 19.54 -10.85 31.37
N ALA B 271 18.79 -11.54 30.54
CA ALA B 271 19.09 -11.57 29.13
C ALA B 271 19.18 -10.15 28.63
N ALA B 272 18.13 -9.36 28.92
CA ALA B 272 18.05 -7.99 28.51
C ALA B 272 19.25 -7.18 28.97
N ALA B 273 19.71 -7.46 30.20
CA ALA B 273 20.85 -6.74 30.74
C ALA B 273 22.15 -6.91 29.95
N ARG B 274 22.27 -8.01 29.20
CA ARG B 274 23.45 -8.29 28.39
C ARG B 274 23.24 -7.87 26.93
N GLY B 275 22.22 -7.05 26.70
CA GLY B 275 21.94 -6.59 25.34
C GLY B 275 21.77 -7.65 24.25
N ILE B 276 20.87 -8.60 24.45
CA ILE B 276 20.65 -9.63 23.45
C ILE B 276 19.82 -9.07 22.32
N GLU B 277 19.91 -9.71 21.15
CA GLU B 277 19.10 -9.33 19.99
C GLU B 277 17.87 -10.23 20.15
N TRP B 278 16.78 -9.66 20.66
CA TRP B 278 15.55 -10.42 20.93
C TRP B 278 15.06 -11.35 19.85
N GLU B 279 15.24 -11.00 18.58
CA GLU B 279 14.77 -11.89 17.53
C GLU B 279 15.69 -13.10 17.47
N ALA B 280 16.98 -12.86 17.68
CA ALA B 280 17.96 -13.94 17.65
C ALA B 280 17.65 -14.96 18.71
N LEU B 281 17.14 -14.50 19.85
CA LEU B 281 16.80 -15.37 20.97
C LEU B 281 15.62 -16.26 20.60
N LEU B 282 14.64 -15.66 19.96
CA LEU B 282 13.48 -16.43 19.60
C LEU B 282 13.84 -17.47 18.57
N VAL B 283 14.75 -17.12 17.68
CA VAL B 283 15.13 -18.04 16.64
C VAL B 283 15.81 -19.28 17.20
N GLU B 284 16.61 -19.09 18.25
CA GLU B 284 17.33 -20.18 18.88
C GLU B 284 16.32 -21.07 19.50
N MET B 285 15.36 -20.49 20.18
CA MET B 285 14.33 -21.28 20.83
C MET B 285 13.55 -22.16 19.87
N LEU B 286 13.25 -21.60 18.70
CA LEU B 286 12.51 -22.30 17.65
C LEU B 286 13.36 -23.44 17.17
N GLY B 287 14.64 -23.17 16.98
CA GLY B 287 15.54 -24.20 16.50
C GLY B 287 15.64 -25.30 17.52
N LEU B 288 15.62 -24.93 18.78
CA LEU B 288 15.72 -25.95 19.82
C LEU B 288 14.46 -26.79 19.83
N LEU B 289 13.34 -26.09 19.77
CA LEU B 289 12.06 -26.77 19.80
C LEU B 289 11.93 -27.74 18.64
N HIS B 290 12.61 -27.42 17.55
CA HIS B 290 12.59 -28.26 16.37
C HIS B 290 13.42 -29.54 16.54
N ARG B 291 14.71 -29.40 16.88
CA ARG B 291 15.55 -30.57 17.08
C ARG B 291 14.87 -31.51 18.03
N ILE B 292 14.30 -30.98 19.10
CA ILE B 292 13.65 -31.82 20.08
C ILE B 292 12.65 -32.73 19.41
N ALA B 293 11.76 -32.14 18.64
CA ALA B 293 10.74 -32.90 17.95
C ALA B 293 11.40 -33.91 17.00
N MET B 294 12.57 -33.60 16.47
CA MET B 294 13.26 -34.55 15.59
C MET B 294 13.76 -35.71 16.43
N VAL B 295 14.24 -35.40 17.61
CA VAL B 295 14.77 -36.39 18.52
C VAL B 295 13.65 -37.30 18.96
N GLN B 296 12.45 -36.75 19.04
CA GLN B 296 11.33 -37.56 19.46
C GLN B 296 10.94 -38.52 18.37
N LEU B 297 11.34 -38.23 17.14
CA LEU B 297 11.01 -39.08 16.00
C LEU B 297 12.06 -40.12 15.66
N SER B 298 13.33 -39.74 15.74
CA SER B 298 14.47 -40.62 15.48
C SER B 298 15.53 -40.05 16.44
N PRO B 299 15.74 -40.72 17.59
CA PRO B 299 16.66 -40.38 18.69
C PRO B 299 18.12 -40.06 18.35
N ALA B 300 18.50 -40.19 17.08
CA ALA B 300 19.87 -39.87 16.66
C ALA B 300 20.01 -38.41 16.19
N ALA B 301 18.88 -37.69 16.13
CA ALA B 301 18.83 -36.29 15.68
C ALA B 301 19.68 -35.26 16.42
N LEU B 302 20.04 -35.51 17.68
CA LEU B 302 20.88 -34.55 18.37
C LEU B 302 22.22 -34.60 17.68
N GLY B 303 22.62 -33.46 17.14
CA GLY B 303 23.84 -33.36 16.37
C GLY B 303 25.22 -33.24 16.93
N ASN B 304 25.94 -32.34 16.29
CA ASN B 304 27.34 -32.13 16.57
C ASN B 304 27.76 -31.36 17.81
N ASP B 305 27.71 -30.02 17.86
CA ASP B 305 28.14 -29.41 19.12
C ASP B 305 27.00 -29.43 20.14
N MET B 306 25.85 -29.90 19.69
CA MET B 306 24.70 -30.02 20.56
C MET B 306 24.90 -31.19 21.54
N ALA B 307 26.10 -31.77 21.56
CA ALA B 307 26.43 -32.87 22.47
C ALA B 307 26.46 -32.31 23.89
N ALA B 308 26.71 -31.01 23.98
CA ALA B 308 26.78 -30.29 25.23
C ALA B 308 25.43 -30.28 25.92
N ILE B 309 24.37 -30.28 25.14
CA ILE B 309 23.05 -30.26 25.71
C ILE B 309 22.45 -31.66 25.85
N GLU B 310 22.82 -32.54 24.92
CA GLU B 310 22.32 -33.91 24.82
C GLU B 310 21.38 -34.36 25.93
N LEU B 311 21.89 -34.44 27.14
CA LEU B 311 21.09 -34.86 28.28
C LEU B 311 19.82 -34.04 28.46
N ARG B 312 19.99 -32.72 28.54
CA ARG B 312 18.88 -31.78 28.71
C ARG B 312 17.92 -31.84 27.56
N MET B 313 18.47 -31.85 26.35
CA MET B 313 17.62 -31.90 25.18
C MET B 313 16.78 -33.16 25.21
N ARG B 314 17.42 -34.30 25.43
CA ARG B 314 16.71 -35.56 25.44
C ARG B 314 15.73 -35.67 26.56
N GLU B 315 16.06 -35.08 27.69
CA GLU B 315 15.15 -35.11 28.81
C GLU B 315 13.83 -34.46 28.44
N LEU B 316 13.90 -33.37 27.67
CA LEU B 316 12.67 -32.70 27.24
C LEU B 316 11.96 -33.61 26.26
N ALA B 317 12.73 -34.22 25.36
CA ALA B 317 12.13 -35.09 24.36
C ALA B 317 11.30 -36.17 25.02
N ARG B 318 11.82 -36.79 26.06
CA ARG B 318 11.03 -37.82 26.66
C ARG B 318 9.96 -37.34 27.63
N THR B 319 10.06 -36.12 28.11
CA THR B 319 9.07 -35.67 29.07
C THR B 319 7.95 -34.79 28.56
N ILE B 320 8.15 -34.06 27.47
CA ILE B 320 7.11 -33.17 26.94
C ILE B 320 6.42 -33.75 25.71
N PRO B 321 5.08 -33.69 25.68
CA PRO B 321 4.26 -34.19 24.57
C PRO B 321 4.61 -33.52 23.25
N PRO B 322 4.81 -34.34 22.22
CA PRO B 322 5.13 -33.76 20.93
C PRO B 322 4.02 -32.81 20.49
N THR B 323 2.79 -33.20 20.76
CA THR B 323 1.61 -32.41 20.44
C THR B 323 1.83 -31.01 20.99
N ASP B 324 2.39 -30.98 22.20
CA ASP B 324 2.69 -29.75 22.90
C ASP B 324 3.89 -29.06 22.30
N ILE B 325 4.90 -29.83 21.97
CA ILE B 325 6.11 -29.24 21.44
C ILE B 325 5.83 -28.44 20.21
N GLN B 326 4.81 -28.87 19.48
CA GLN B 326 4.42 -28.19 18.28
C GLN B 326 3.79 -26.91 18.72
N LEU B 327 2.88 -27.00 19.69
CA LEU B 327 2.18 -25.85 20.24
C LEU B 327 3.17 -24.72 20.64
N TYR B 328 4.22 -25.06 21.39
CA TYR B 328 5.17 -24.03 21.79
C TYR B 328 5.84 -23.38 20.59
N TYR B 329 6.20 -24.20 19.62
CA TYR B 329 6.90 -23.76 18.41
C TYR B 329 6.06 -22.76 17.67
N GLN B 330 4.81 -23.15 17.50
CA GLN B 330 3.84 -22.35 16.80
C GLN B 330 3.70 -21.00 17.47
N THR B 331 3.40 -21.04 18.76
CA THR B 331 3.21 -19.84 19.54
C THR B 331 4.40 -18.92 19.46
N LEU B 332 5.61 -19.47 19.41
CA LEU B 332 6.80 -18.62 19.33
C LEU B 332 6.98 -18.06 17.92
N LEU B 333 6.72 -18.89 16.93
CA LEU B 333 6.87 -18.47 15.54
C LEU B 333 6.05 -17.21 15.40
N ILE B 334 4.77 -17.36 15.69
CA ILE B 334 3.82 -16.27 15.62
C ILE B 334 4.46 -15.06 16.26
N GLY B 335 4.98 -15.31 17.47
CA GLY B 335 5.63 -14.27 18.21
C GLY B 335 6.65 -13.51 17.39
N ARG B 336 7.39 -14.24 16.55
CA ARG B 336 8.42 -13.61 15.75
C ARG B 336 7.81 -12.67 14.74
N LYS B 337 6.64 -13.03 14.19
CA LYS B 337 6.00 -12.17 13.19
C LYS B 337 5.55 -10.87 13.83
N GLU B 338 4.83 -10.97 14.95
CA GLU B 338 4.31 -9.83 15.67
C GLU B 338 5.38 -9.04 16.41
N LEU B 339 6.58 -9.58 16.49
CA LEU B 339 7.69 -8.96 17.19
C LEU B 339 7.94 -7.48 16.92
N PRO B 340 7.89 -7.04 15.65
CA PRO B 340 8.11 -5.61 15.42
C PRO B 340 6.80 -4.82 15.58
N TYR B 341 5.70 -5.53 15.82
CA TYR B 341 4.35 -4.95 16.02
C TYR B 341 4.29 -4.46 17.45
N ALA B 342 5.03 -5.16 18.31
CA ALA B 342 5.12 -4.84 19.72
C ALA B 342 5.80 -3.49 19.95
N PRO B 343 5.27 -2.73 20.93
CA PRO B 343 5.74 -1.39 21.32
C PRO B 343 7.23 -1.36 21.60
N ASP B 344 7.76 -2.50 22.00
CA ASP B 344 9.16 -2.66 22.37
C ASP B 344 9.51 -4.12 22.10
N ARG B 345 10.68 -4.37 21.52
CA ARG B 345 11.05 -5.75 21.21
C ARG B 345 11.06 -6.74 22.35
N ARG B 346 11.40 -6.28 23.56
CA ARG B 346 11.42 -7.14 24.72
C ARG B 346 10.01 -7.50 25.20
N MET B 347 9.14 -6.50 25.22
CA MET B 347 7.78 -6.75 25.66
C MET B 347 7.18 -7.68 24.65
N GLY B 348 7.76 -7.69 23.46
CA GLY B 348 7.24 -8.57 22.44
C GLY B 348 7.58 -9.97 22.86
N VAL B 349 8.83 -10.18 23.28
CA VAL B 349 9.29 -11.47 23.72
C VAL B 349 8.61 -11.92 25.00
N GLU B 350 8.30 -10.98 25.87
CA GLU B 350 7.60 -11.33 27.10
C GLU B 350 6.15 -11.72 26.74
N MET B 351 5.54 -10.99 25.81
CA MET B 351 4.16 -11.25 25.36
C MET B 351 4.07 -12.70 24.96
N THR B 352 5.04 -13.12 24.16
CA THR B 352 5.09 -14.49 23.65
C THR B 352 5.31 -15.60 24.66
N LEU B 353 6.41 -15.53 25.40
CA LEU B 353 6.69 -16.56 26.36
C LEU B 353 5.63 -16.65 27.44
N LEU B 354 5.06 -15.54 27.89
CA LEU B 354 4.00 -15.62 28.90
C LEU B 354 2.82 -16.32 28.25
N ARG B 355 2.72 -16.14 26.94
CA ARG B 355 1.64 -16.74 26.15
C ARG B 355 1.72 -18.24 26.13
N ALA B 356 2.94 -18.76 26.01
CA ALA B 356 3.15 -20.20 25.97
C ALA B 356 2.99 -20.80 27.35
N LEU B 357 3.13 -19.98 28.37
CA LEU B 357 3.00 -20.34 29.77
C LEU B 357 1.55 -20.53 30.13
N ALA B 358 0.70 -19.62 29.66
CA ALA B 358 -0.73 -19.68 29.93
C ALA B 358 -1.35 -20.83 29.15
N PHE B 359 -1.21 -20.78 27.81
CA PHE B 359 -1.70 -21.82 26.89
C PHE B 359 -0.76 -23.02 26.96
N HIS B 360 -0.69 -23.43 28.21
CA HIS B 360 0.06 -24.44 28.87
C HIS B 360 -0.73 -25.49 29.41
N PRO B 361 -0.71 -26.76 28.93
CA PRO B 361 -1.58 -27.72 29.60
C PRO B 361 -1.11 -27.95 31.05
N ARG B 362 -1.96 -27.65 32.01
CA ARG B 362 -1.65 -27.76 33.45
C ARG B 362 -0.83 -26.56 33.90
N MET B 363 -1.25 -25.37 33.46
CA MET B 363 -0.52 -24.13 33.79
C MET B 363 -1.45 -23.00 34.28
N PRO B 364 -0.91 -21.75 34.45
CA PRO B 364 -1.73 -20.63 34.91
C PRO B 364 -3.19 -20.62 34.63
N LEU B 365 -3.90 -20.46 35.73
CA LEU B 365 -5.33 -20.38 35.70
C LEU B 365 -5.80 -19.04 36.25
N PRO B 366 -7.09 -18.67 35.97
CA PRO B 366 -7.71 -17.42 36.40
C PRO B 366 -8.46 -17.48 37.77
N GLU B 367 -8.73 -16.29 38.30
CA GLU B 367 -9.37 -16.14 39.62
C GLU B 367 -10.07 -14.77 39.80
N PRO B 368 -10.83 -14.60 40.91
CA PRO B 368 -11.56 -13.35 41.21
C PRO B 368 -10.65 -12.17 41.65
N TYR C 3 -16.61 5.79 -40.51
CA TYR C 3 -16.14 6.90 -39.67
C TYR C 3 -17.20 7.46 -38.72
N GLN C 4 -17.23 6.90 -37.51
CA GLN C 4 -18.13 7.28 -36.42
C GLN C 4 -18.05 6.37 -35.23
N VAL C 5 -17.80 7.06 -34.14
CA VAL C 5 -17.65 6.49 -32.83
C VAL C 5 -18.96 6.87 -32.16
N LEU C 6 -19.63 5.93 -31.54
CA LEU C 6 -20.90 6.23 -30.90
C LEU C 6 -20.94 7.43 -29.95
N ALA C 7 -19.95 7.57 -29.06
CA ALA C 7 -19.96 8.67 -28.09
C ALA C 7 -20.04 10.05 -28.74
N ARG C 8 -19.31 10.19 -29.83
CA ARG C 8 -19.23 11.41 -30.59
C ARG C 8 -20.49 11.57 -31.41
N LYS C 9 -20.92 10.50 -32.02
CA LYS C 9 -22.10 10.59 -32.88
C LYS C 9 -23.41 10.87 -32.15
N TRP C 10 -23.48 10.57 -30.86
CA TRP C 10 -24.71 10.81 -30.12
C TRP C 10 -24.69 11.98 -29.17
N ARG C 11 -23.74 12.89 -29.37
CA ARG C 11 -23.67 14.09 -28.58
C ARG C 11 -25.07 14.71 -28.74
N PRO C 12 -25.79 15.04 -27.62
CA PRO C 12 -27.13 15.63 -27.69
C PRO C 12 -27.10 16.94 -28.46
N GLN C 13 -28.04 17.13 -29.39
CA GLN C 13 -28.08 18.35 -30.19
C GLN C 13 -29.20 19.26 -29.72
N THR C 14 -29.96 18.81 -28.73
CA THR C 14 -31.06 19.60 -28.21
C THR C 14 -31.40 19.17 -26.82
N PHE C 15 -32.08 20.06 -26.11
CA PHE C 15 -32.56 19.77 -24.76
C PHE C 15 -33.41 18.52 -24.90
N ALA C 16 -34.24 18.53 -25.93
CA ALA C 16 -35.15 17.44 -26.24
C ALA C 16 -34.56 16.04 -26.12
N ASP C 17 -33.29 15.86 -26.45
CA ASP C 17 -32.76 14.52 -26.35
C ASP C 17 -31.69 14.19 -25.33
N VAL C 18 -31.66 14.88 -24.20
CA VAL C 18 -30.66 14.53 -23.19
C VAL C 18 -31.43 13.62 -22.26
N VAL C 19 -30.77 12.58 -21.78
CA VAL C 19 -31.44 11.60 -20.96
C VAL C 19 -31.70 11.88 -19.51
N GLY C 20 -32.99 11.90 -19.21
CA GLY C 20 -33.51 12.07 -17.86
C GLY C 20 -33.25 13.17 -16.86
N GLN C 21 -32.90 14.39 -17.24
CA GLN C 21 -32.73 15.41 -16.22
C GLN C 21 -33.69 16.57 -16.38
N GLU C 22 -34.90 16.09 -16.61
CA GLU C 22 -36.18 16.74 -16.80
C GLU C 22 -36.33 18.09 -16.14
N HIS C 23 -36.44 18.11 -14.82
CA HIS C 23 -36.58 19.37 -14.10
C HIS C 23 -35.40 20.36 -14.25
N VAL C 24 -34.28 19.90 -14.81
CA VAL C 24 -33.17 20.81 -15.06
C VAL C 24 -33.50 21.40 -16.40
N LEU C 25 -33.77 20.52 -17.35
CA LEU C 25 -34.09 20.91 -18.71
C LEU C 25 -35.31 21.81 -18.85
N THR C 26 -36.36 21.55 -18.07
CA THR C 26 -37.56 22.35 -18.18
C THR C 26 -37.27 23.75 -17.72
N ALA C 27 -36.66 23.82 -16.53
CA ALA C 27 -36.29 25.10 -15.97
C ALA C 27 -35.53 25.90 -17.01
N LEU C 28 -34.47 25.31 -17.55
CA LEU C 28 -33.68 26.01 -18.54
C LEU C 28 -34.51 26.34 -19.77
N ALA C 29 -35.31 25.40 -20.22
CA ALA C 29 -36.11 25.64 -21.41
C ALA C 29 -37.21 26.66 -21.22
N ASN C 30 -37.73 26.80 -20.01
CA ASN C 30 -38.78 27.78 -19.82
C ASN C 30 -38.13 29.14 -19.78
N GLY C 31 -37.05 29.24 -18.99
CA GLY C 31 -36.31 30.47 -18.88
C GLY C 31 -35.86 30.93 -20.25
N LEU C 32 -35.47 29.99 -21.10
CA LEU C 32 -35.05 30.32 -22.44
C LEU C 32 -36.16 30.83 -23.32
N SER C 33 -37.40 30.53 -22.96
CA SER C 33 -38.55 31.00 -23.75
C SER C 33 -39.11 32.30 -23.21
N LEU C 34 -38.92 32.56 -21.92
CA LEU C 34 -39.41 33.78 -21.32
C LEU C 34 -38.36 34.86 -21.20
N GLY C 35 -37.21 34.62 -21.80
CA GLY C 35 -36.12 35.60 -21.76
C GLY C 35 -35.54 35.79 -20.36
N ARG C 36 -35.86 34.86 -19.46
CA ARG C 36 -35.36 34.91 -18.10
C ARG C 36 -34.06 34.11 -18.02
N ILE C 37 -32.93 34.81 -18.00
CA ILE C 37 -31.66 34.14 -17.91
C ILE C 37 -30.83 34.87 -16.88
N HIS C 38 -30.28 34.12 -15.95
CA HIS C 38 -29.46 34.69 -14.90
C HIS C 38 -28.06 34.92 -15.44
N HIS C 39 -27.28 35.76 -14.77
CA HIS C 39 -25.93 36.06 -15.20
C HIS C 39 -25.03 34.88 -15.16
N ALA C 40 -25.27 33.96 -14.23
CA ALA C 40 -24.40 32.80 -14.11
C ALA C 40 -25.09 31.59 -13.52
N TYR C 41 -24.75 30.42 -14.06
CA TYR C 41 -25.31 29.16 -13.68
C TYR C 41 -24.23 28.19 -13.28
N LEU C 42 -24.43 27.51 -12.16
CA LEU C 42 -23.46 26.51 -11.72
C LEU C 42 -24.07 25.12 -11.94
N PHE C 43 -23.34 24.24 -12.60
CA PHE C 43 -23.79 22.87 -12.85
C PHE C 43 -22.90 21.98 -12.02
N SER C 44 -23.52 21.09 -11.24
CA SER C 44 -22.75 20.18 -10.37
C SER C 44 -23.16 18.76 -10.56
N GLY C 45 -22.25 17.85 -10.25
CA GLY C 45 -22.53 16.44 -10.41
C GLY C 45 -21.24 15.69 -10.63
N THR C 46 -21.25 14.38 -10.40
CA THR C 46 -20.06 13.56 -10.55
C THR C 46 -19.58 13.62 -11.97
N ARG C 47 -18.27 13.47 -12.14
CA ARG C 47 -17.67 13.47 -13.48
C ARG C 47 -18.30 12.31 -14.22
N GLY C 48 -18.96 12.66 -15.32
CA GLY C 48 -19.62 11.66 -16.12
C GLY C 48 -20.93 12.19 -16.61
N VAL C 49 -21.78 12.71 -15.73
CA VAL C 49 -23.06 13.22 -16.15
C VAL C 49 -22.80 14.34 -17.15
N GLY C 50 -23.79 14.77 -17.92
CA GLY C 50 -23.50 15.81 -18.88
C GLY C 50 -23.49 17.21 -18.34
N LYS C 51 -22.54 17.58 -17.48
CA LYS C 51 -22.50 18.93 -16.93
C LYS C 51 -22.22 19.92 -18.06
N THR C 52 -21.03 19.82 -18.60
CA THR C 52 -20.59 20.66 -19.71
C THR C 52 -21.51 20.54 -20.91
N SER C 53 -22.02 19.33 -21.13
CA SER C 53 -22.90 19.08 -22.27
C SER C 53 -24.25 19.78 -22.22
N ILE C 54 -24.78 19.97 -21.02
CA ILE C 54 -26.05 20.66 -20.94
C ILE C 54 -25.72 22.12 -21.09
N ALA C 55 -24.58 22.55 -20.54
CA ALA C 55 -24.20 23.96 -20.63
C ALA C 55 -24.11 24.34 -22.12
N ARG C 56 -23.57 23.45 -22.95
CA ARG C 56 -23.50 23.74 -24.37
C ARG C 56 -24.87 24.04 -24.95
N LEU C 57 -25.79 23.10 -24.81
CA LEU C 57 -27.12 23.27 -25.34
C LEU C 57 -27.82 24.55 -24.87
N LEU C 58 -27.41 25.05 -23.71
CA LEU C 58 -27.96 26.28 -23.17
C LEU C 58 -27.27 27.48 -23.81
N ALA C 59 -25.99 27.33 -24.09
CA ALA C 59 -25.25 28.39 -24.73
C ALA C 59 -25.77 28.36 -26.15
N LYS C 60 -26.02 27.15 -26.62
CA LYS C 60 -26.52 26.88 -27.98
C LYS C 60 -27.90 27.48 -28.09
N GLY C 61 -28.63 27.44 -26.98
CA GLY C 61 -29.96 28.01 -26.94
C GLY C 61 -29.93 29.53 -26.96
N LEU C 62 -29.11 30.11 -26.12
CA LEU C 62 -28.95 31.55 -26.06
C LEU C 62 -28.40 32.19 -27.34
N ASN C 63 -27.72 31.40 -28.18
CA ASN C 63 -27.12 31.96 -29.38
C ASN C 63 -27.67 31.58 -30.73
N CYS C 64 -28.44 30.50 -30.83
CA CYS C 64 -28.97 30.09 -32.14
C CYS C 64 -29.46 31.31 -32.90
N GLU C 65 -29.07 31.42 -34.16
CA GLU C 65 -29.46 32.53 -35.00
C GLU C 65 -30.97 32.69 -35.19
N THR C 66 -31.72 31.65 -34.88
CA THR C 66 -33.17 31.68 -35.01
C THR C 66 -33.75 32.63 -33.99
N GLY C 67 -33.11 32.69 -32.84
CA GLY C 67 -33.53 33.55 -31.76
C GLY C 67 -33.10 32.95 -30.44
N ILE C 68 -33.60 33.47 -29.33
CA ILE C 68 -33.24 32.85 -28.08
C ILE C 68 -34.28 31.74 -28.00
N THR C 69 -33.84 30.49 -27.92
CA THR C 69 -34.80 29.41 -27.90
C THR C 69 -34.41 28.20 -27.06
N ALA C 70 -35.41 27.43 -26.68
CA ALA C 70 -35.19 26.21 -25.95
C ALA C 70 -34.95 25.12 -27.01
N THR C 71 -35.28 25.45 -28.26
CA THR C 71 -35.15 24.54 -29.39
C THR C 71 -34.25 25.11 -30.47
N PRO C 72 -32.93 25.04 -30.27
CA PRO C 72 -32.05 25.58 -31.30
C PRO C 72 -32.04 24.63 -32.47
N CYS C 73 -32.05 25.18 -33.68
CA CYS C 73 -32.01 24.38 -34.90
C CYS C 73 -30.56 23.96 -34.94
N GLY C 74 -30.27 22.71 -35.28
CA GLY C 74 -28.87 22.33 -35.32
C GLY C 74 -28.18 22.74 -36.61
N VAL C 75 -28.82 23.57 -37.44
CA VAL C 75 -28.23 23.94 -38.73
C VAL C 75 -27.50 25.27 -38.91
N CYS C 76 -28.00 26.34 -38.29
CA CYS C 76 -27.35 27.64 -38.48
C CYS C 76 -25.91 27.55 -38.06
N ASP C 77 -25.12 28.55 -38.40
CA ASP C 77 -23.71 28.51 -38.08
C ASP C 77 -23.38 28.57 -36.62
N ASN C 78 -24.19 29.30 -35.87
CA ASN C 78 -23.95 29.40 -34.45
C ASN C 78 -24.05 28.00 -33.84
N CYS C 79 -25.18 27.33 -34.06
CA CYS C 79 -25.40 25.99 -33.54
C CYS C 79 -24.30 25.02 -33.95
N ARG C 80 -23.94 25.03 -35.22
CA ARG C 80 -22.91 24.12 -35.72
C ARG C 80 -21.57 24.35 -35.06
N GLU C 81 -21.18 25.62 -34.91
CA GLU C 81 -19.89 25.93 -34.28
C GLU C 81 -19.88 25.65 -32.80
N ILE C 82 -20.96 26.01 -32.11
CA ILE C 82 -21.01 25.74 -30.69
C ILE C 82 -20.90 24.25 -30.46
N GLU C 83 -21.52 23.46 -31.32
CA GLU C 83 -21.48 22.01 -31.17
C GLU C 83 -20.08 21.45 -31.38
N GLN C 84 -19.36 22.01 -32.34
CA GLN C 84 -17.99 21.58 -32.61
C GLN C 84 -17.07 22.22 -31.58
N GLY C 85 -17.63 23.12 -30.78
CA GLY C 85 -16.86 23.78 -29.75
C GLY C 85 -15.80 24.68 -30.31
N ARG C 86 -16.17 25.41 -31.36
CA ARG C 86 -15.25 26.36 -32.00
C ARG C 86 -16.04 27.60 -32.37
N PHE C 87 -16.72 28.18 -31.39
CA PHE C 87 -17.50 29.39 -31.61
C PHE C 87 -16.70 30.54 -31.01
N VAL C 88 -16.74 31.69 -31.67
CA VAL C 88 -15.98 32.83 -31.19
C VAL C 88 -16.30 33.13 -29.76
N ASP C 89 -17.60 33.30 -29.55
CA ASP C 89 -18.17 33.68 -28.27
C ASP C 89 -18.40 32.65 -27.19
N LEU C 90 -18.31 31.37 -27.51
CA LEU C 90 -18.45 30.40 -26.46
C LEU C 90 -17.05 30.17 -25.99
N ILE C 91 -16.59 31.04 -25.10
CA ILE C 91 -15.25 30.96 -24.55
C ILE C 91 -15.21 29.89 -23.49
N GLU C 92 -14.44 28.84 -23.73
CA GLU C 92 -14.37 27.71 -22.81
C GLU C 92 -13.05 27.49 -22.10
N ILE C 93 -13.08 27.61 -20.78
CA ILE C 93 -11.89 27.42 -19.96
C ILE C 93 -12.10 26.11 -19.19
N ASP C 94 -11.01 25.57 -18.67
CA ASP C 94 -10.94 24.35 -17.84
C ASP C 94 -9.83 24.55 -16.82
N ALA C 95 -10.20 25.03 -15.64
CA ALA C 95 -9.26 25.27 -14.57
C ALA C 95 -8.45 24.04 -14.20
N ALA C 96 -8.89 22.90 -14.66
CA ALA C 96 -8.21 21.64 -14.36
C ALA C 96 -6.76 21.49 -14.86
N SER C 97 -6.45 21.97 -16.06
CA SER C 97 -5.07 21.81 -16.59
C SER C 97 -4.08 22.87 -16.13
N ARG C 98 -2.80 22.56 -16.29
CA ARG C 98 -1.74 23.48 -15.89
C ARG C 98 -1.10 24.20 -17.07
N THR C 99 -1.46 23.80 -18.29
CA THR C 99 -0.88 24.35 -19.51
C THR C 99 -1.71 25.29 -20.40
N LYS C 100 -2.70 25.99 -19.86
CA LYS C 100 -3.44 26.87 -20.78
C LYS C 100 -2.54 28.00 -21.31
N VAL C 101 -2.73 28.38 -22.58
CA VAL C 101 -1.94 29.45 -23.21
C VAL C 101 -2.09 30.74 -22.38
N GLU C 102 -3.25 31.36 -22.46
CA GLU C 102 -3.55 32.53 -21.68
C GLU C 102 -4.54 32.06 -20.64
N ASP C 103 -4.14 32.17 -19.37
CA ASP C 103 -4.98 31.71 -18.29
C ASP C 103 -6.15 32.62 -17.93
N THR C 104 -7.20 31.97 -17.45
CA THR C 104 -8.45 32.61 -17.03
C THR C 104 -8.38 34.11 -16.74
N ARG C 105 -7.40 34.53 -15.93
CA ARG C 105 -7.28 35.94 -15.56
C ARG C 105 -7.24 36.82 -16.79
N ASP C 106 -6.44 36.42 -17.78
CA ASP C 106 -6.29 37.14 -19.03
C ASP C 106 -7.58 37.13 -19.83
N LEU C 107 -8.18 35.95 -19.96
CA LEU C 107 -9.41 35.79 -20.70
C LEU C 107 -10.56 36.51 -20.05
N LEU C 108 -10.57 36.55 -18.72
CA LEU C 108 -11.64 37.19 -17.97
C LEU C 108 -11.49 38.69 -17.97
N ASP C 109 -10.32 39.14 -18.38
CA ASP C 109 -10.02 40.55 -18.41
C ASP C 109 -10.92 41.25 -19.40
N ASN C 110 -11.06 40.68 -20.57
CA ASN C 110 -11.89 41.28 -21.61
C ASN C 110 -13.38 41.03 -21.49
N VAL C 111 -13.85 40.59 -20.33
CA VAL C 111 -15.26 40.30 -20.16
C VAL C 111 -16.21 41.36 -20.64
N GLN C 112 -15.90 42.62 -20.38
CA GLN C 112 -16.82 43.68 -20.79
C GLN C 112 -16.84 44.00 -22.27
N TYR C 113 -16.03 43.27 -23.04
CA TYR C 113 -15.98 43.45 -24.48
C TYR C 113 -17.14 42.70 -25.06
N ALA C 114 -17.98 43.41 -25.81
CA ALA C 114 -19.16 42.82 -26.45
C ALA C 114 -18.74 41.66 -27.32
N PRO C 115 -19.65 40.71 -27.55
CA PRO C 115 -19.38 39.53 -28.38
C PRO C 115 -19.11 39.91 -29.83
N ALA C 116 -18.31 39.10 -30.53
CA ALA C 116 -18.00 39.35 -31.94
C ALA C 116 -19.08 38.75 -32.82
N ARG C 117 -19.91 37.91 -32.22
CA ARG C 117 -20.96 37.22 -32.97
C ARG C 117 -22.00 36.65 -32.01
N GLY C 118 -23.27 36.70 -32.41
CA GLY C 118 -24.31 36.16 -31.55
C GLY C 118 -24.59 36.99 -30.31
N ARG C 119 -25.85 36.93 -29.87
CA ARG C 119 -26.32 37.70 -28.74
C ARG C 119 -25.47 37.77 -27.48
N PHE C 120 -24.86 36.67 -27.07
CA PHE C 120 -24.11 36.71 -25.83
C PHE C 120 -22.73 36.14 -25.91
N LYS C 121 -21.91 36.58 -24.98
CA LYS C 121 -20.55 36.13 -24.88
C LYS C 121 -20.72 35.17 -23.72
N VAL C 122 -20.56 33.88 -23.97
CA VAL C 122 -20.73 32.90 -22.92
C VAL C 122 -19.43 32.26 -22.49
N TYR C 123 -19.13 32.39 -21.21
CA TYR C 123 -17.92 31.83 -20.64
C TYR C 123 -18.28 30.51 -20.00
N LEU C 124 -17.73 29.42 -20.49
CA LEU C 124 -18.01 28.10 -19.94
C LEU C 124 -16.74 27.66 -19.29
N ILE C 125 -16.77 27.55 -17.95
CA ILE C 125 -15.60 27.17 -17.17
C ILE C 125 -15.83 25.87 -16.43
N ASP C 126 -15.03 24.86 -16.73
CA ASP C 126 -15.14 23.55 -16.10
C ASP C 126 -14.27 23.50 -14.83
N GLU C 127 -14.81 22.87 -13.78
CA GLU C 127 -14.13 22.73 -12.50
C GLU C 127 -13.68 24.06 -11.95
N VAL C 128 -14.60 25.02 -11.84
CA VAL C 128 -14.29 26.34 -11.29
C VAL C 128 -13.60 26.26 -9.95
N HIS C 129 -13.94 25.25 -9.15
CA HIS C 129 -13.34 25.10 -7.85
C HIS C 129 -11.82 24.83 -7.95
N MET C 130 -11.31 24.74 -9.17
CA MET C 130 -9.90 24.50 -9.43
C MET C 130 -9.16 25.74 -9.91
N LEU C 131 -9.88 26.83 -10.16
CA LEU C 131 -9.23 28.06 -10.60
C LEU C 131 -8.26 28.52 -9.54
N SER C 132 -7.11 29.05 -9.95
CA SER C 132 -6.12 29.57 -9.00
C SER C 132 -6.76 30.81 -8.35
N ARG C 133 -6.44 31.08 -7.09
CA ARG C 133 -7.03 32.24 -6.41
C ARG C 133 -6.87 33.56 -7.17
N HIS C 134 -5.73 33.69 -7.85
CA HIS C 134 -5.39 34.87 -8.63
C HIS C 134 -6.52 35.20 -9.61
N SER C 135 -7.00 34.18 -10.32
CA SER C 135 -8.08 34.36 -11.28
C SER C 135 -9.47 34.18 -10.68
N PHE C 136 -9.57 33.34 -9.66
CA PHE C 136 -10.88 33.13 -9.03
C PHE C 136 -11.50 34.45 -8.61
N ASN C 137 -10.68 35.30 -8.02
CA ASN C 137 -11.13 36.60 -7.56
C ASN C 137 -11.54 37.48 -8.72
N ALA C 138 -10.96 37.21 -9.89
CA ALA C 138 -11.30 37.97 -11.08
C ALA C 138 -12.75 37.65 -11.45
N LEU C 139 -13.12 36.38 -11.27
CA LEU C 139 -14.47 35.90 -11.55
C LEU C 139 -15.43 36.41 -10.49
N LEU C 140 -14.94 36.55 -9.28
CA LEU C 140 -15.74 37.05 -8.17
C LEU C 140 -16.19 38.46 -8.40
N LYS C 141 -15.27 39.27 -8.91
CA LYS C 141 -15.57 40.69 -9.16
C LYS C 141 -16.53 40.87 -10.32
N THR C 142 -16.38 40.02 -11.33
CA THR C 142 -17.21 40.09 -12.51
C THR C 142 -18.67 39.78 -12.19
N LEU C 143 -18.89 38.78 -11.33
CA LEU C 143 -20.24 38.40 -10.92
C LEU C 143 -20.99 39.43 -10.08
N GLU C 144 -20.24 40.26 -9.35
CA GLU C 144 -20.85 41.31 -8.53
C GLU C 144 -21.50 42.33 -9.45
N GLU C 145 -20.83 42.61 -10.57
CA GLU C 145 -21.32 43.57 -11.58
C GLU C 145 -21.07 43.03 -13.00
N PRO C 146 -21.85 42.04 -13.44
CA PRO C 146 -21.68 41.48 -14.77
C PRO C 146 -22.43 42.21 -15.88
N PRO C 147 -21.75 42.48 -17.01
CA PRO C 147 -22.34 43.17 -18.17
C PRO C 147 -23.49 42.36 -18.72
N GLU C 148 -24.59 43.02 -19.08
CA GLU C 148 -25.73 42.27 -19.58
C GLU C 148 -25.50 41.43 -20.84
N HIS C 149 -24.34 41.60 -21.48
CA HIS C 149 -24.05 40.82 -22.67
C HIS C 149 -23.21 39.57 -22.40
N VAL C 150 -22.88 39.31 -21.14
CA VAL C 150 -22.09 38.14 -20.81
C VAL C 150 -22.83 37.18 -19.90
N LYS C 151 -22.55 35.88 -20.07
CA LYS C 151 -23.12 34.82 -19.25
C LYS C 151 -22.04 33.85 -18.82
N PHE C 152 -22.12 33.40 -17.58
CA PHE C 152 -21.15 32.48 -17.07
C PHE C 152 -21.83 31.15 -16.83
N LEU C 153 -21.37 30.11 -17.51
CA LEU C 153 -21.91 28.80 -17.32
C LEU C 153 -20.78 28.03 -16.65
N LEU C 154 -20.82 28.04 -15.32
CA LEU C 154 -19.82 27.35 -14.52
C LEU C 154 -20.29 25.94 -14.27
N ALA C 155 -19.37 25.02 -13.99
CA ALA C 155 -19.67 23.62 -13.73
C ALA C 155 -18.62 23.05 -12.81
N THR C 156 -19.05 22.22 -11.86
CA THR C 156 -18.13 21.65 -10.87
C THR C 156 -18.47 20.26 -10.34
N THR C 157 -17.43 19.53 -9.99
CA THR C 157 -17.54 18.20 -9.45
C THR C 157 -17.70 18.25 -7.93
N ASP C 158 -17.15 19.30 -7.31
CA ASP C 158 -17.12 19.52 -5.87
C ASP C 158 -17.70 20.90 -5.52
N PRO C 159 -19.03 21.04 -5.45
CA PRO C 159 -19.68 22.32 -5.12
C PRO C 159 -19.34 22.81 -3.72
N GLN C 160 -19.17 21.86 -2.81
CA GLN C 160 -18.85 22.19 -1.43
C GLN C 160 -17.63 23.08 -1.37
N LYS C 161 -16.56 22.70 -2.07
CA LYS C 161 -15.33 23.48 -2.10
C LYS C 161 -15.47 24.94 -2.49
N LEU C 162 -16.61 25.34 -3.04
CA LEU C 162 -16.78 26.74 -3.41
C LEU C 162 -17.29 27.55 -2.22
N PRO C 163 -16.94 28.83 -2.14
CA PRO C 163 -17.38 29.70 -1.06
C PRO C 163 -18.75 30.22 -1.32
N VAL C 164 -19.43 30.70 -0.29
CA VAL C 164 -20.78 31.23 -0.41
C VAL C 164 -20.81 32.41 -1.38
N THR C 165 -19.70 33.14 -1.41
CA THR C 165 -19.57 34.31 -2.27
C THR C 165 -20.00 33.98 -3.68
N ILE C 166 -19.59 32.80 -4.16
CA ILE C 166 -19.93 32.40 -5.51
C ILE C 166 -21.26 31.66 -5.61
N LEU C 167 -21.52 30.76 -4.66
CA LEU C 167 -22.76 29.99 -4.65
C LEU C 167 -23.95 30.93 -4.54
N SER C 168 -23.80 32.05 -3.85
CA SER C 168 -24.90 32.98 -3.73
C SER C 168 -25.12 33.75 -5.00
N ARG C 169 -24.19 33.71 -5.94
CA ARG C 169 -24.33 34.48 -7.19
C ARG C 169 -24.54 33.69 -8.47
N CYS C 170 -25.00 32.46 -8.32
CA CYS C 170 -25.30 31.54 -9.42
C CYS C 170 -26.55 30.81 -9.06
N LEU C 171 -27.16 30.16 -10.04
CA LEU C 171 -28.33 29.36 -9.79
C LEU C 171 -27.76 27.96 -9.94
N GLN C 172 -27.71 27.20 -8.84
CA GLN C 172 -27.17 25.84 -8.90
C GLN C 172 -28.18 24.92 -9.49
N PHE C 173 -27.66 23.94 -10.22
CA PHE C 173 -28.43 22.88 -10.86
C PHE C 173 -27.59 21.62 -10.73
N HIS C 174 -28.15 20.67 -9.96
CA HIS C 174 -27.47 19.43 -9.75
C HIS C 174 -27.99 18.44 -10.77
N LEU C 175 -27.10 17.58 -11.24
CA LEU C 175 -27.48 16.62 -12.24
C LEU C 175 -27.33 15.26 -11.61
N LYS C 176 -28.42 14.54 -11.49
CA LYS C 176 -28.43 13.22 -10.90
C LYS C 176 -27.83 12.24 -11.87
N ALA C 177 -27.06 11.28 -11.36
CA ALA C 177 -26.47 10.27 -12.22
C ALA C 177 -27.62 9.41 -12.67
N LEU C 178 -27.42 8.68 -13.76
CA LEU C 178 -28.48 7.87 -14.31
C LEU C 178 -28.68 6.48 -13.74
N ASP C 179 -29.95 6.08 -13.73
CA ASP C 179 -30.42 4.76 -13.28
C ASP C 179 -29.85 3.71 -14.27
N VAL C 180 -29.36 2.58 -13.76
CA VAL C 180 -28.82 1.53 -14.63
C VAL C 180 -29.82 1.10 -15.69
N GLU C 181 -31.07 0.91 -15.28
CA GLU C 181 -32.13 0.50 -16.20
C GLU C 181 -32.53 1.64 -17.12
N GLN C 182 -31.93 2.80 -16.90
CA GLN C 182 -32.21 4.01 -17.67
C GLN C 182 -31.22 4.05 -18.83
N ILE C 183 -29.97 3.70 -18.51
CA ILE C 183 -28.88 3.66 -19.47
C ILE C 183 -29.04 2.51 -20.43
N ARG C 184 -29.42 1.36 -19.88
CA ARG C 184 -29.59 0.18 -20.70
C ARG C 184 -30.63 0.42 -21.77
N HIS C 185 -31.75 1.04 -21.41
CA HIS C 185 -32.80 1.28 -22.38
C HIS C 185 -32.33 2.17 -23.52
N GLN C 186 -31.40 3.05 -23.21
CA GLN C 186 -30.87 3.98 -24.18
C GLN C 186 -29.81 3.33 -25.06
N LEU C 187 -29.12 2.33 -24.52
CA LEU C 187 -28.09 1.65 -25.29
C LEU C 187 -28.79 0.76 -26.30
N GLU C 188 -29.80 0.11 -25.81
CA GLU C 188 -30.63 -0.78 -26.59
C GLU C 188 -31.16 -0.05 -27.82
N HIS C 189 -31.53 1.19 -27.62
CA HIS C 189 -32.09 2.00 -28.68
C HIS C 189 -31.04 2.46 -29.68
N ILE C 190 -29.91 2.95 -29.20
CA ILE C 190 -28.87 3.44 -30.11
C ILE C 190 -28.38 2.38 -31.06
N LEU C 191 -28.12 1.19 -30.53
CA LEU C 191 -27.63 0.06 -31.34
C LEU C 191 -28.64 -0.34 -32.42
N ASN C 192 -29.91 -0.36 -32.04
CA ASN C 192 -30.95 -0.70 -32.96
C ASN C 192 -30.97 0.27 -34.12
N GLU C 193 -30.85 1.55 -33.82
CA GLU C 193 -30.87 2.55 -34.89
C GLU C 193 -29.61 2.46 -35.73
N GLU C 194 -28.63 1.73 -35.20
CA GLU C 194 -27.34 1.57 -35.83
C GLU C 194 -27.19 0.21 -36.45
N HIS C 195 -28.16 -0.65 -36.20
CA HIS C 195 -28.14 -1.99 -36.76
C HIS C 195 -26.89 -2.76 -36.32
N ILE C 196 -26.51 -2.60 -35.06
CA ILE C 196 -25.35 -3.24 -34.47
C ILE C 196 -25.86 -4.34 -33.55
N ALA C 197 -25.48 -5.58 -33.82
CA ALA C 197 -25.92 -6.75 -33.04
C ALA C 197 -25.65 -6.69 -31.56
N HIS C 198 -26.58 -7.18 -30.74
CA HIS C 198 -26.37 -7.17 -29.28
C HIS C 198 -27.21 -8.11 -28.40
N GLU C 199 -26.58 -8.65 -27.37
CA GLU C 199 -27.24 -9.55 -26.41
C GLU C 199 -27.64 -8.75 -25.17
N PRO C 200 -28.89 -8.91 -24.70
CA PRO C 200 -29.45 -8.21 -23.53
C PRO C 200 -28.56 -8.18 -22.30
N ARG C 201 -27.81 -9.25 -22.06
CA ARG C 201 -26.92 -9.30 -20.90
C ARG C 201 -25.79 -8.34 -21.15
N ALA C 202 -25.35 -8.25 -22.40
CA ALA C 202 -24.22 -7.40 -22.77
C ALA C 202 -24.43 -5.93 -22.42
N LEU C 203 -25.61 -5.40 -22.71
CA LEU C 203 -25.86 -4.01 -22.43
C LEU C 203 -25.89 -3.75 -20.95
N GLN C 204 -26.29 -4.74 -20.15
CA GLN C 204 -26.34 -4.56 -18.70
C GLN C 204 -24.93 -4.51 -18.16
N LEU C 205 -24.07 -5.39 -18.65
CA LEU C 205 -22.68 -5.42 -18.21
C LEU C 205 -21.96 -4.13 -18.56
N LEU C 206 -22.57 -3.35 -19.43
CA LEU C 206 -22.03 -2.07 -19.83
C LEU C 206 -22.67 -0.97 -18.97
N ALA C 207 -24.00 -1.04 -18.83
CA ALA C 207 -24.76 -0.07 -18.05
C ALA C 207 -24.22 -0.01 -16.64
N ARG C 208 -23.89 -1.18 -16.11
CA ARG C 208 -23.34 -1.27 -14.77
C ARG C 208 -21.99 -0.57 -14.81
N ALA C 209 -21.15 -0.97 -15.76
CA ALA C 209 -19.80 -0.43 -15.92
C ALA C 209 -19.73 1.09 -15.89
N ALA C 210 -20.38 1.74 -16.85
CA ALA C 210 -20.41 3.20 -16.91
C ALA C 210 -21.12 3.57 -15.62
N GLU C 211 -20.44 4.27 -14.73
CA GLU C 211 -21.10 4.61 -13.49
C GLU C 211 -22.01 5.79 -13.64
N GLY C 212 -23.29 5.48 -13.82
CA GLY C 212 -24.31 6.49 -13.95
C GLY C 212 -24.30 7.42 -15.14
N SER C 213 -23.31 7.31 -16.03
CA SER C 213 -23.25 8.20 -17.21
C SER C 213 -23.23 7.59 -18.61
N LEU C 214 -24.04 8.19 -19.46
CA LEU C 214 -24.17 7.81 -20.85
C LEU C 214 -22.85 8.03 -21.59
N ARG C 215 -22.31 9.25 -21.53
CA ARG C 215 -21.02 9.59 -22.15
C ARG C 215 -20.07 8.41 -22.03
N ASP C 216 -20.06 7.82 -20.85
CA ASP C 216 -19.17 6.71 -20.62
C ASP C 216 -19.69 5.42 -21.23
N ALA C 217 -20.97 5.17 -21.07
CA ALA C 217 -21.53 3.95 -21.60
C ALA C 217 -21.15 3.86 -23.08
N LEU C 218 -21.35 4.98 -23.79
CA LEU C 218 -21.06 5.07 -25.21
C LEU C 218 -19.62 4.74 -25.56
N SER C 219 -18.68 5.31 -24.83
CA SER C 219 -17.30 5.03 -25.15
C SER C 219 -16.97 3.60 -24.79
N LEU C 220 -17.64 3.06 -23.78
CA LEU C 220 -17.40 1.67 -23.40
C LEU C 220 -17.92 0.71 -24.47
N THR C 221 -19.07 1.06 -25.03
CA THR C 221 -19.69 0.27 -26.07
C THR C 221 -18.87 0.38 -27.35
N ASP C 222 -18.29 1.55 -27.59
CA ASP C 222 -17.45 1.79 -28.77
C ASP C 222 -16.24 0.90 -28.72
N GLN C 223 -15.73 0.69 -27.51
CA GLN C 223 -14.58 -0.16 -27.30
C GLN C 223 -15.02 -1.61 -27.45
N ALA C 224 -16.18 -1.91 -26.89
CA ALA C 224 -16.75 -3.25 -26.94
C ALA C 224 -16.89 -3.70 -28.38
N ILE C 225 -17.36 -2.79 -29.23
CA ILE C 225 -17.54 -3.08 -30.63
C ILE C 225 -16.19 -3.45 -31.23
N ALA C 226 -15.21 -2.55 -31.11
CA ALA C 226 -13.89 -2.81 -31.68
C ALA C 226 -13.26 -4.10 -31.23
N SER C 227 -13.62 -4.59 -30.05
CA SER C 227 -13.01 -5.83 -29.58
C SER C 227 -13.86 -7.05 -29.91
N GLY C 228 -15.16 -6.83 -30.09
CA GLY C 228 -16.05 -7.92 -30.45
C GLY C 228 -16.17 -7.92 -31.96
N ASP C 229 -15.40 -7.02 -32.56
CA ASP C 229 -15.36 -6.78 -33.98
C ASP C 229 -16.71 -6.78 -34.66
N GLY C 230 -17.46 -5.73 -34.39
CA GLY C 230 -18.76 -5.59 -35.00
C GLY C 230 -19.90 -5.85 -34.05
N GLN C 231 -19.80 -6.93 -33.29
CA GLN C 231 -20.89 -7.26 -32.37
C GLN C 231 -20.62 -6.78 -30.96
N VAL C 232 -21.69 -6.76 -30.18
CA VAL C 232 -21.63 -6.39 -28.79
C VAL C 232 -22.16 -7.64 -28.11
N SER C 233 -21.24 -8.57 -27.84
CA SER C 233 -21.55 -9.87 -27.23
C SER C 233 -21.08 -9.90 -25.80
N THR C 234 -21.77 -10.68 -24.97
CA THR C 234 -21.41 -10.74 -23.57
C THR C 234 -19.94 -11.14 -23.35
N GLN C 235 -19.42 -11.94 -24.27
CA GLN C 235 -18.05 -12.41 -24.16
C GLN C 235 -17.04 -11.28 -24.39
N ALA C 236 -17.19 -10.49 -25.45
CA ALA C 236 -16.27 -9.38 -25.70
C ALA C 236 -16.43 -8.31 -24.62
N VAL C 237 -17.66 -8.17 -24.13
CA VAL C 237 -17.97 -7.20 -23.10
C VAL C 237 -17.47 -7.70 -21.74
N SER C 238 -17.43 -9.01 -21.59
CA SER C 238 -16.94 -9.60 -20.34
C SER C 238 -15.44 -9.77 -20.48
N ALA C 239 -14.91 -9.32 -21.62
CA ALA C 239 -13.48 -9.40 -21.87
C ALA C 239 -12.80 -8.24 -21.16
N MET C 240 -13.54 -7.15 -20.97
CA MET C 240 -13.02 -5.98 -20.28
C MET C 240 -13.73 -5.75 -18.95
N LEU C 241 -15.05 -5.86 -18.95
CA LEU C 241 -15.86 -5.65 -17.76
C LEU C 241 -16.24 -6.96 -17.01
N GLY C 242 -15.74 -7.14 -15.79
CA GLY C 242 -16.04 -8.33 -14.98
C GLY C 242 -17.55 -8.51 -14.83
N THR C 243 -18.02 -9.74 -15.06
CA THR C 243 -19.46 -10.11 -15.08
C THR C 243 -20.20 -10.87 -13.96
N LEU C 244 -21.51 -10.67 -13.92
CA LEU C 244 -22.27 -11.44 -12.92
C LEU C 244 -23.15 -12.67 -13.27
N ASP C 245 -23.62 -12.86 -14.52
CA ASP C 245 -24.53 -14.03 -14.81
C ASP C 245 -23.80 -15.36 -14.64
N ASP C 246 -22.57 -15.38 -15.14
CA ASP C 246 -21.68 -16.58 -15.06
C ASP C 246 -21.35 -16.97 -13.57
N ASP C 247 -21.72 -16.07 -12.62
CA ASP C 247 -21.42 -16.25 -11.21
C ASP C 247 -22.34 -17.14 -10.41
N GLN C 248 -21.78 -18.30 -10.06
CA GLN C 248 -22.47 -19.31 -9.29
C GLN C 248 -22.46 -18.90 -7.82
N ALA C 249 -22.01 -17.68 -7.55
CA ALA C 249 -21.92 -17.20 -6.17
C ALA C 249 -23.06 -17.59 -5.24
N LEU C 250 -24.25 -17.80 -5.77
CA LEU C 250 -25.33 -18.23 -4.91
C LEU C 250 -25.67 -19.67 -5.26
N SER C 251 -25.46 -20.02 -6.52
CA SER C 251 -25.74 -21.37 -7.01
C SER C 251 -24.64 -22.35 -6.64
N LEU C 252 -23.56 -21.80 -6.11
CA LEU C 252 -22.40 -22.56 -5.65
C LEU C 252 -22.69 -22.93 -4.20
N VAL C 253 -23.25 -21.97 -3.46
CA VAL C 253 -23.62 -22.19 -2.07
C VAL C 253 -24.80 -23.16 -2.06
N GLU C 254 -25.74 -22.98 -2.97
CA GLU C 254 -26.87 -23.87 -3.03
C GLU C 254 -26.28 -25.25 -3.25
N ALA C 255 -25.50 -25.38 -4.32
CA ALA C 255 -24.87 -26.63 -4.67
C ALA C 255 -24.06 -27.19 -3.49
N MET C 256 -23.50 -26.29 -2.68
CA MET C 256 -22.71 -26.67 -1.51
C MET C 256 -23.59 -27.33 -0.46
N VAL C 257 -24.54 -26.57 0.07
CA VAL C 257 -25.44 -27.09 1.09
C VAL C 257 -26.31 -28.25 0.58
N GLU C 258 -26.44 -28.41 -0.74
CA GLU C 258 -27.20 -29.52 -1.36
C GLU C 258 -26.30 -30.76 -1.50
N ALA C 259 -24.99 -30.58 -1.32
CA ALA C 259 -24.02 -31.69 -1.40
C ALA C 259 -23.58 -32.41 -2.70
N ASN C 260 -23.94 -31.92 -3.91
CA ASN C 260 -23.63 -32.59 -5.19
C ASN C 260 -22.36 -32.06 -5.83
N GLY C 261 -21.24 -32.47 -5.25
CA GLY C 261 -19.93 -32.03 -5.68
C GLY C 261 -19.80 -31.96 -7.17
N GLU C 262 -20.48 -32.89 -7.84
CA GLU C 262 -20.51 -32.97 -9.29
C GLU C 262 -20.82 -31.56 -9.81
N ARG C 263 -21.93 -31.01 -9.33
CA ARG C 263 -22.37 -29.69 -9.75
C ARG C 263 -21.38 -28.63 -9.26
N VAL C 264 -20.98 -28.72 -8.00
CA VAL C 264 -20.05 -27.78 -7.36
C VAL C 264 -18.75 -27.55 -8.12
N MET C 265 -18.21 -28.61 -8.71
CA MET C 265 -16.97 -28.52 -9.49
C MET C 265 -17.29 -27.99 -10.88
N ALA C 266 -18.39 -28.48 -11.45
CA ALA C 266 -18.82 -28.04 -12.78
C ALA C 266 -18.97 -26.53 -12.78
N LEU C 267 -19.52 -26.02 -11.68
CA LEU C 267 -19.71 -24.59 -11.52
C LEU C 267 -18.36 -23.90 -11.53
N ILE C 268 -17.45 -24.38 -10.68
CA ILE C 268 -16.10 -23.83 -10.56
C ILE C 268 -15.30 -23.84 -11.87
N ASN C 269 -15.45 -24.88 -12.67
CA ASN C 269 -14.72 -24.93 -13.92
C ASN C 269 -15.33 -23.88 -14.84
N GLU C 270 -16.66 -23.79 -14.79
CA GLU C 270 -17.41 -22.86 -15.60
C GLU C 270 -16.93 -21.46 -15.26
N ALA C 271 -16.92 -21.17 -13.96
CA ALA C 271 -16.49 -19.88 -13.46
C ALA C 271 -15.06 -19.59 -13.92
N ALA C 272 -14.21 -20.60 -13.85
CA ALA C 272 -12.80 -20.49 -14.23
C ALA C 272 -12.64 -20.08 -15.68
N ALA C 273 -13.43 -20.68 -16.56
CA ALA C 273 -13.38 -20.39 -17.99
C ALA C 273 -13.68 -18.91 -18.27
N ARG C 274 -14.30 -18.26 -17.30
CA ARG C 274 -14.66 -16.85 -17.44
C ARG C 274 -13.62 -15.87 -16.84
N GLY C 275 -12.57 -16.42 -16.20
CA GLY C 275 -11.51 -15.60 -15.62
C GLY C 275 -11.84 -14.80 -14.37
N ILE C 276 -12.44 -15.46 -13.39
CA ILE C 276 -12.85 -14.84 -12.12
C ILE C 276 -11.68 -14.45 -11.19
N GLU C 277 -11.94 -13.54 -10.26
CA GLU C 277 -10.96 -13.14 -9.27
C GLU C 277 -11.36 -13.96 -8.07
N TRP C 278 -10.83 -15.17 -8.03
CA TRP C 278 -11.12 -16.15 -6.99
C TRP C 278 -11.45 -15.68 -5.59
N GLU C 279 -10.74 -14.68 -5.08
CA GLU C 279 -11.03 -14.20 -3.73
C GLU C 279 -12.37 -13.43 -3.64
N ALA C 280 -12.73 -12.74 -4.72
CA ALA C 280 -13.98 -11.99 -4.76
C ALA C 280 -15.13 -12.97 -4.64
N LEU C 281 -15.02 -14.10 -5.34
CA LEU C 281 -16.07 -15.12 -5.29
C LEU C 281 -16.27 -15.63 -3.86
N LEU C 282 -15.19 -15.72 -3.08
CA LEU C 282 -15.30 -16.17 -1.70
C LEU C 282 -15.88 -15.07 -0.83
N VAL C 283 -15.80 -13.84 -1.32
CA VAL C 283 -16.36 -12.69 -0.61
C VAL C 283 -17.85 -12.69 -0.89
N GLU C 284 -18.22 -12.91 -2.13
CA GLU C 284 -19.62 -12.95 -2.48
C GLU C 284 -20.32 -14.05 -1.70
N MET C 285 -19.64 -15.18 -1.50
CA MET C 285 -20.23 -16.28 -0.78
C MET C 285 -20.33 -16.00 0.70
N LEU C 286 -19.28 -15.38 1.25
CA LEU C 286 -19.25 -15.04 2.66
C LEU C 286 -20.18 -13.89 3.00
N GLY C 287 -20.44 -13.05 2.00
CA GLY C 287 -21.33 -11.91 2.17
C GLY C 287 -22.76 -12.32 1.96
N LEU C 288 -22.96 -13.49 1.35
CA LEU C 288 -24.29 -14.01 1.12
C LEU C 288 -24.70 -14.81 2.35
N LEU C 289 -23.86 -15.77 2.75
CA LEU C 289 -24.15 -16.59 3.92
C LEU C 289 -24.43 -15.74 5.15
N HIS C 290 -23.80 -14.58 5.23
CA HIS C 290 -23.99 -13.68 6.37
C HIS C 290 -25.41 -13.09 6.34
N ARG C 291 -25.88 -12.75 5.14
CA ARG C 291 -27.20 -12.16 4.98
C ARG C 291 -28.32 -13.18 5.20
N ILE C 292 -28.06 -14.43 4.82
CA ILE C 292 -29.04 -15.50 5.00
C ILE C 292 -29.13 -15.77 6.50
N ALA C 293 -28.05 -15.44 7.20
CA ALA C 293 -28.00 -15.62 8.64
C ALA C 293 -28.90 -14.58 9.26
N MET C 294 -29.00 -13.43 8.60
CA MET C 294 -29.82 -12.31 9.08
C MET C 294 -31.31 -12.45 8.81
N VAL C 295 -31.68 -13.11 7.70
CA VAL C 295 -33.09 -13.29 7.35
C VAL C 295 -33.76 -14.30 8.30
N GLN C 296 -32.94 -15.00 9.07
CA GLN C 296 -33.45 -15.99 10.02
C GLN C 296 -33.82 -15.39 11.38
N LEU C 297 -33.39 -14.15 11.61
CA LEU C 297 -33.70 -13.47 12.86
C LEU C 297 -34.70 -12.33 12.62
N SER C 298 -34.76 -11.86 11.39
CA SER C 298 -35.66 -10.78 10.97
C SER C 298 -35.87 -10.85 9.44
N PRO C 299 -37.12 -11.04 8.98
CA PRO C 299 -37.44 -11.13 7.55
C PRO C 299 -37.26 -9.83 6.76
N ALA C 300 -37.03 -8.72 7.45
CA ALA C 300 -36.85 -7.41 6.82
C ALA C 300 -35.44 -7.25 6.24
N ALA C 301 -34.72 -8.36 6.10
CA ALA C 301 -33.36 -8.36 5.58
C ALA C 301 -33.24 -8.43 4.05
N LEU C 302 -34.34 -8.23 3.31
CA LEU C 302 -34.30 -8.30 1.85
C LEU C 302 -34.41 -6.94 1.15
N GLY C 303 -33.19 -6.66 0.72
CA GLY C 303 -32.58 -5.55 -0.03
C GLY C 303 -33.04 -4.88 -1.29
N ASN C 304 -32.33 -3.86 -1.76
CA ASN C 304 -32.77 -3.11 -2.94
C ASN C 304 -32.74 -3.75 -4.30
N ASP C 305 -31.98 -4.86 -4.41
CA ASP C 305 -31.86 -5.65 -5.68
C ASP C 305 -31.77 -7.10 -5.31
N MET C 306 -32.34 -7.47 -4.17
CA MET C 306 -32.36 -8.86 -3.72
C MET C 306 -33.49 -9.58 -4.43
N ALA C 307 -34.31 -8.78 -5.12
CA ALA C 307 -35.48 -9.24 -5.85
C ALA C 307 -35.40 -10.49 -6.73
N ALA C 308 -34.46 -10.55 -7.68
CA ALA C 308 -34.37 -11.73 -8.54
C ALA C 308 -34.12 -12.95 -7.65
N ILE C 309 -33.13 -12.77 -6.79
CA ILE C 309 -32.69 -13.78 -5.86
C ILE C 309 -33.80 -14.15 -4.84
N GLU C 310 -34.39 -13.15 -4.19
CA GLU C 310 -35.47 -13.31 -3.19
C GLU C 310 -35.91 -14.72 -2.82
N LEU C 311 -36.60 -15.40 -3.74
CA LEU C 311 -37.08 -16.76 -3.50
C LEU C 311 -35.94 -17.74 -3.18
N ARG C 312 -34.81 -17.62 -3.89
CA ARG C 312 -33.67 -18.50 -3.69
C ARG C 312 -33.06 -18.32 -2.32
N MET C 313 -32.95 -17.07 -1.87
CA MET C 313 -32.40 -16.79 -0.54
C MET C 313 -33.42 -17.22 0.49
N ARG C 314 -34.66 -16.76 0.32
CA ARG C 314 -35.75 -17.07 1.24
C ARG C 314 -35.95 -18.57 1.46
N GLU C 315 -35.55 -19.37 0.49
CA GLU C 315 -35.69 -20.81 0.60
C GLU C 315 -34.61 -21.30 1.56
N LEU C 316 -33.39 -20.79 1.40
CA LEU C 316 -32.29 -21.16 2.27
C LEU C 316 -32.54 -20.75 3.71
N ALA C 317 -33.01 -19.51 3.90
CA ALA C 317 -33.27 -18.95 5.21
C ALA C 317 -34.15 -19.80 6.10
N ARG C 318 -35.00 -20.64 5.50
CA ARG C 318 -35.89 -21.47 6.28
C ARG C 318 -35.50 -22.95 6.30
N THR C 319 -34.98 -23.45 5.19
CA THR C 319 -34.58 -24.86 5.10
C THR C 319 -33.16 -25.23 5.58
N ILE C 320 -32.41 -24.25 6.08
CA ILE C 320 -31.04 -24.48 6.57
C ILE C 320 -30.84 -24.04 8.01
N PRO C 321 -30.48 -24.98 8.90
CA PRO C 321 -30.26 -24.66 10.32
C PRO C 321 -29.23 -23.55 10.51
N PRO C 322 -29.48 -22.66 11.48
CA PRO C 322 -28.54 -21.57 11.74
C PRO C 322 -27.16 -22.06 12.17
N THR C 323 -27.11 -23.24 12.80
CA THR C 323 -25.85 -23.83 13.26
C THR C 323 -25.03 -24.15 12.02
N ASP C 324 -25.70 -24.81 11.08
CA ASP C 324 -25.12 -25.23 9.81
C ASP C 324 -24.71 -24.03 8.97
N ILE C 325 -25.49 -22.96 9.03
CA ILE C 325 -25.14 -21.75 8.29
C ILE C 325 -23.83 -21.23 8.86
N GLN C 326 -23.72 -21.20 10.19
CA GLN C 326 -22.50 -20.73 10.83
C GLN C 326 -21.35 -21.63 10.40
N LEU C 327 -21.58 -22.95 10.39
CA LEU C 327 -20.56 -23.90 9.99
C LEU C 327 -20.01 -23.60 8.59
N TYR C 328 -20.91 -23.33 7.64
CA TYR C 328 -20.50 -23.02 6.25
C TYR C 328 -19.85 -21.65 6.16
N TYR C 329 -20.32 -20.70 6.96
CA TYR C 329 -19.75 -19.36 6.96
C TYR C 329 -18.30 -19.42 7.40
N GLN C 330 -18.06 -20.26 8.40
CA GLN C 330 -16.72 -20.47 8.96
C GLN C 330 -15.81 -21.17 7.95
N THR C 331 -16.29 -22.27 7.34
CA THR C 331 -15.50 -23.01 6.38
C THR C 331 -15.03 -22.16 5.21
N LEU C 332 -15.90 -21.27 4.73
CA LEU C 332 -15.52 -20.38 3.63
C LEU C 332 -14.65 -19.24 4.13
N LEU C 333 -14.81 -18.89 5.41
CA LEU C 333 -14.05 -17.81 6.03
C LEU C 333 -12.60 -18.28 6.06
N ILE C 334 -12.39 -19.46 6.61
CA ILE C 334 -11.07 -20.07 6.72
C ILE C 334 -10.44 -20.24 5.34
N GLY C 335 -11.22 -20.77 4.41
CA GLY C 335 -10.73 -20.98 3.06
C GLY C 335 -10.32 -19.71 2.34
N ARG C 336 -10.79 -18.57 2.85
CA ARG C 336 -10.46 -17.29 2.25
C ARG C 336 -9.07 -16.88 2.68
N LYS C 337 -8.80 -17.11 3.96
CA LYS C 337 -7.51 -16.78 4.57
C LYS C 337 -6.39 -17.65 4.01
N GLU C 338 -6.71 -18.92 3.79
CA GLU C 338 -5.74 -19.89 3.29
C GLU C 338 -5.41 -19.64 1.83
N LEU C 339 -6.33 -19.01 1.13
CA LEU C 339 -6.19 -18.78 -0.30
C LEU C 339 -4.87 -18.37 -0.96
N PRO C 340 -4.33 -17.23 -0.60
CA PRO C 340 -3.08 -16.76 -1.21
C PRO C 340 -1.85 -17.64 -0.97
N TYR C 341 -1.97 -18.57 -0.04
CA TYR C 341 -0.89 -19.48 0.32
C TYR C 341 -1.03 -20.82 -0.38
N ALA C 342 -2.20 -21.07 -0.98
CA ALA C 342 -2.43 -22.31 -1.72
C ALA C 342 -1.44 -22.37 -2.87
N PRO C 343 -1.23 -23.55 -3.45
CA PRO C 343 -0.28 -23.67 -4.54
C PRO C 343 -0.76 -22.97 -5.77
N ASP C 344 -2.08 -22.75 -5.80
CA ASP C 344 -2.79 -22.13 -6.92
C ASP C 344 -4.18 -21.64 -6.43
N ARG C 345 -4.49 -20.37 -6.66
CA ARG C 345 -5.76 -19.77 -6.22
C ARG C 345 -7.05 -20.54 -6.53
N ARG C 346 -7.13 -21.12 -7.72
CA ARG C 346 -8.31 -21.87 -8.06
C ARG C 346 -8.36 -23.05 -7.11
N MET C 347 -7.21 -23.68 -6.95
CA MET C 347 -7.06 -24.85 -6.11
C MET C 347 -7.59 -24.62 -4.71
N GLY C 348 -7.37 -23.41 -4.21
CA GLY C 348 -7.83 -23.08 -2.87
C GLY C 348 -9.33 -23.19 -2.80
N VAL C 349 -9.99 -22.48 -3.70
CA VAL C 349 -11.43 -22.49 -3.77
C VAL C 349 -11.93 -23.92 -3.90
N GLU C 350 -11.41 -24.66 -4.88
CA GLU C 350 -11.82 -26.04 -5.14
C GLU C 350 -11.72 -26.87 -3.87
N MET C 351 -10.64 -26.68 -3.13
CA MET C 351 -10.42 -27.44 -1.90
C MET C 351 -11.22 -26.94 -0.72
N THR C 352 -11.50 -25.64 -0.72
CA THR C 352 -12.26 -25.01 0.34
C THR C 352 -13.66 -25.59 0.31
N LEU C 353 -14.19 -25.77 -0.88
CA LEU C 353 -15.52 -26.33 -1.05
C LEU C 353 -15.49 -27.81 -0.74
N LEU C 354 -14.39 -28.47 -1.10
CA LEU C 354 -14.24 -29.88 -0.83
C LEU C 354 -14.23 -30.15 0.68
N ARG C 355 -13.90 -29.12 1.45
CA ARG C 355 -13.82 -29.15 2.90
C ARG C 355 -15.23 -29.02 3.48
N ALA C 356 -16.02 -28.16 2.85
CA ALA C 356 -17.40 -27.95 3.24
C ALA C 356 -18.07 -29.27 2.95
N LEU C 357 -17.69 -29.83 1.80
CA LEU C 357 -18.19 -31.09 1.30
C LEU C 357 -17.79 -32.29 2.17
N ALA C 358 -16.62 -32.22 2.81
CA ALA C 358 -16.13 -33.30 3.68
C ALA C 358 -16.68 -33.17 5.09
N PHE C 359 -16.90 -31.93 5.52
CA PHE C 359 -17.42 -31.67 6.85
C PHE C 359 -18.87 -31.19 6.81
N HIS C 360 -19.63 -31.72 5.85
CA HIS C 360 -21.03 -31.38 5.66
C HIS C 360 -21.88 -32.12 6.70
N PRO C 361 -22.94 -31.50 7.21
CA PRO C 361 -23.86 -32.10 8.20
C PRO C 361 -24.61 -33.32 7.64
N ARG C 362 -25.28 -33.14 6.51
CA ARG C 362 -25.99 -34.23 5.86
C ARG C 362 -25.15 -34.72 4.68
N MET C 363 -25.25 -36.01 4.39
CA MET C 363 -24.53 -36.62 3.27
C MET C 363 -23.03 -36.31 3.15
N PRO C 364 -22.24 -36.57 4.19
CA PRO C 364 -20.82 -36.27 4.03
C PRO C 364 -20.21 -37.48 3.33
N LEU C 365 -19.00 -37.33 2.80
CA LEU C 365 -18.30 -38.39 2.09
C LEU C 365 -18.23 -39.75 2.80
N PRO C 366 -18.30 -40.84 2.03
CA PRO C 366 -18.27 -42.25 2.48
C PRO C 366 -16.86 -42.87 2.51
N GLU C 367 -16.68 -43.94 3.31
CA GLU C 367 -15.38 -44.63 3.41
C GLU C 367 -15.50 -46.12 3.78
N PRO C 368 -14.80 -47.00 3.04
CA PRO C 368 -14.82 -48.44 3.31
C PRO C 368 -13.71 -48.86 4.26
N MET D 1 -26.36 52.62 18.33
CA MET D 1 -26.18 51.40 17.55
C MET D 1 -27.55 50.87 17.18
N ILE D 2 -27.99 51.24 15.99
CA ILE D 2 -29.28 50.80 15.49
C ILE D 2 -29.20 49.29 15.33
N ARG D 3 -29.89 48.56 16.21
CA ARG D 3 -29.92 47.10 16.11
C ARG D 3 -30.99 46.74 15.10
N LEU D 4 -30.63 45.97 14.08
CA LEU D 4 -31.62 45.61 13.08
C LEU D 4 -31.47 44.29 12.35
N TYR D 5 -32.56 43.89 11.71
CA TYR D 5 -32.66 42.64 10.95
C TYR D 5 -32.21 42.82 9.51
N PRO D 6 -31.66 41.75 8.90
CA PRO D 6 -31.16 41.73 7.53
C PRO D 6 -32.05 42.44 6.51
N GLU D 7 -33.35 42.40 6.76
CA GLU D 7 -34.31 43.03 5.87
C GLU D 7 -34.27 44.53 6.01
N GLN D 8 -34.07 44.97 7.24
CA GLN D 8 -34.05 46.39 7.54
C GLN D 8 -32.84 47.19 7.03
N LEU D 9 -31.75 46.50 6.68
CA LEU D 9 -30.52 47.15 6.21
C LEU D 9 -30.60 48.07 5.00
N ARG D 10 -31.20 47.58 3.91
CA ARG D 10 -31.30 48.35 2.69
C ARG D 10 -31.97 49.70 2.84
N ALA D 11 -32.95 49.78 3.74
CA ALA D 11 -33.69 51.03 3.98
C ALA D 11 -32.84 52.04 4.75
N GLN D 12 -32.14 51.55 5.78
CA GLN D 12 -31.26 52.34 6.62
C GLN D 12 -30.10 52.85 5.76
N LEU D 13 -29.51 51.93 5.02
CA LEU D 13 -28.39 52.24 4.16
C LEU D 13 -28.68 53.42 3.24
N ASN D 14 -29.96 53.64 2.96
CA ASN D 14 -30.40 54.74 2.08
C ASN D 14 -30.30 56.11 2.73
N GLU D 15 -30.57 56.16 4.03
CA GLU D 15 -30.51 57.40 4.76
C GLU D 15 -29.06 57.84 4.85
N GLY D 16 -28.19 56.93 5.28
CA GLY D 16 -26.79 57.27 5.38
C GLY D 16 -25.94 56.12 5.85
N LEU D 17 -24.78 55.98 5.22
CA LEU D 17 -23.80 54.95 5.55
C LEU D 17 -23.20 55.34 6.91
N ARG D 18 -23.14 54.40 7.85
CA ARG D 18 -22.61 54.69 9.16
C ARG D 18 -21.12 54.40 9.31
N ALA D 19 -20.60 54.57 10.52
CA ALA D 19 -19.20 54.35 10.77
C ALA D 19 -18.80 52.90 10.68
N ALA D 20 -19.53 52.07 11.40
CA ALA D 20 -19.22 50.66 11.39
C ALA D 20 -20.47 49.83 11.37
N TYR D 21 -20.33 48.67 10.73
CA TYR D 21 -21.40 47.72 10.59
C TYR D 21 -20.86 46.43 11.15
N LEU D 22 -21.50 45.92 12.20
CA LEU D 22 -21.08 44.64 12.75
C LEU D 22 -22.14 43.62 12.27
N LEU D 23 -21.69 42.52 11.66
CA LEU D 23 -22.61 41.47 11.18
C LEU D 23 -22.39 40.26 12.10
N LEU D 24 -23.24 40.13 13.11
CA LEU D 24 -23.08 39.08 14.09
C LEU D 24 -24.08 37.97 14.00
N GLY D 25 -23.60 36.78 13.63
CA GLY D 25 -24.46 35.62 13.52
C GLY D 25 -23.87 34.37 12.92
N ASN D 26 -24.73 33.40 12.67
CA ASN D 26 -24.25 32.12 12.13
C ASN D 26 -24.65 31.80 10.71
N ASP D 27 -25.63 32.52 10.17
CA ASP D 27 -26.08 32.22 8.82
C ASP D 27 -25.15 32.67 7.70
N PRO D 28 -24.60 31.72 6.93
CA PRO D 28 -23.72 32.06 5.82
C PRO D 28 -24.37 32.97 4.84
N LEU D 29 -25.61 32.69 4.48
CA LEU D 29 -26.24 33.54 3.50
C LEU D 29 -26.51 34.91 4.02
N LEU D 30 -27.13 35.00 5.19
CA LEU D 30 -27.44 36.29 5.77
C LEU D 30 -26.24 37.22 5.93
N LEU D 31 -25.15 36.70 6.47
CA LEU D 31 -23.93 37.46 6.66
C LEU D 31 -23.46 38.07 5.31
N GLN D 32 -23.34 37.20 4.29
CA GLN D 32 -22.90 37.58 2.95
C GLN D 32 -23.76 38.62 2.29
N GLU D 33 -25.07 38.47 2.36
CA GLU D 33 -25.94 39.44 1.73
C GLU D 33 -25.85 40.81 2.37
N SER D 34 -25.77 40.84 3.70
CA SER D 34 -25.66 42.08 4.43
C SER D 34 -24.33 42.72 4.08
N GLN D 35 -23.29 41.90 4.08
CA GLN D 35 -21.95 42.34 3.76
C GLN D 35 -21.98 42.96 2.36
N ASP D 36 -22.56 42.25 1.40
CA ASP D 36 -22.68 42.73 0.02
C ASP D 36 -23.49 44.03 -0.07
N ALA D 37 -24.54 44.14 0.73
CA ALA D 37 -25.36 45.34 0.75
C ALA D 37 -24.56 46.57 1.24
N VAL D 38 -23.71 46.37 2.25
CA VAL D 38 -22.90 47.48 2.74
C VAL D 38 -21.94 47.90 1.65
N ARG D 39 -21.08 46.99 1.22
CA ARG D 39 -20.09 47.28 0.18
C ARG D 39 -20.66 47.82 -1.11
N GLN D 40 -21.76 47.25 -1.59
CA GLN D 40 -22.36 47.74 -2.83
C GLN D 40 -22.64 49.24 -2.67
N VAL D 41 -23.02 49.64 -1.46
CA VAL D 41 -23.31 51.05 -1.20
C VAL D 41 -22.03 51.86 -1.05
N ALA D 42 -20.99 51.23 -0.55
CA ALA D 42 -19.73 51.91 -0.35
C ALA D 42 -19.00 52.15 -1.65
N ALA D 43 -18.78 51.08 -2.43
CA ALA D 43 -18.07 51.21 -3.71
C ALA D 43 -18.73 52.25 -4.62
N ALA D 44 -19.97 52.58 -4.28
CA ALA D 44 -20.72 53.59 -5.03
C ALA D 44 -20.17 54.96 -4.65
N GLN D 45 -19.70 55.08 -3.41
CA GLN D 45 -19.15 56.33 -2.89
C GLN D 45 -17.81 56.63 -3.49
N GLY D 46 -16.83 55.78 -3.19
CA GLY D 46 -15.49 55.97 -3.72
C GLY D 46 -14.58 55.01 -3.00
N PHE D 47 -15.19 54.05 -2.34
CA PHE D 47 -14.45 53.05 -1.59
C PHE D 47 -13.82 51.97 -2.45
N GLU D 48 -12.66 52.31 -3.00
CA GLU D 48 -11.89 51.46 -3.88
C GLU D 48 -11.17 50.34 -3.15
N GLU D 49 -10.36 50.67 -2.16
CA GLU D 49 -9.65 49.66 -1.42
C GLU D 49 -10.59 48.96 -0.48
N HIS D 50 -10.39 47.66 -0.37
CA HIS D 50 -11.19 46.83 0.51
C HIS D 50 -10.18 45.94 1.20
N HIS D 51 -10.37 45.67 2.48
CA HIS D 51 -9.46 44.81 3.25
C HIS D 51 -10.21 43.92 4.21
N THR D 52 -9.56 42.83 4.61
CA THR D 52 -10.13 41.86 5.54
C THR D 52 -8.98 41.32 6.38
N PHE D 53 -9.15 41.31 7.70
CA PHE D 53 -8.12 40.83 8.60
C PHE D 53 -8.80 39.97 9.64
N SER D 54 -8.34 38.74 9.80
CA SER D 54 -8.95 37.84 10.76
C SER D 54 -8.23 37.77 12.10
N ILE D 55 -8.99 38.04 13.15
CA ILE D 55 -8.49 38.06 14.53
C ILE D 55 -8.63 36.69 15.17
N ASP D 56 -7.50 36.21 15.73
CA ASP D 56 -7.39 34.92 16.41
C ASP D 56 -6.88 35.20 17.82
N PRO D 57 -6.99 34.22 18.72
CA PRO D 57 -6.48 34.49 20.06
C PRO D 57 -4.97 34.36 19.92
N ASN D 58 -4.55 33.87 18.76
CA ASN D 58 -3.14 33.63 18.42
C ASN D 58 -2.42 34.80 17.75
N THR D 59 -3.17 35.74 17.18
CA THR D 59 -2.56 36.88 16.49
C THR D 59 -1.72 37.80 17.40
N ASP D 60 -0.57 38.20 16.87
CA ASP D 60 0.39 39.09 17.52
C ASP D 60 -0.01 40.56 17.60
N TRP D 61 0.45 41.25 18.65
CA TRP D 61 0.20 42.66 18.78
C TRP D 61 0.96 43.31 17.65
N ASN D 62 2.01 42.65 17.20
CA ASN D 62 2.81 43.16 16.12
C ASN D 62 2.02 43.14 14.80
N ALA D 63 1.04 42.25 14.71
CA ALA D 63 0.22 42.18 13.51
C ALA D 63 -0.80 43.30 13.57
N ILE D 64 -1.31 43.59 14.76
CA ILE D 64 -2.29 44.65 14.96
C ILE D 64 -1.68 46.00 14.62
N PHE D 65 -0.47 46.22 15.13
CA PHE D 65 0.23 47.48 14.85
C PHE D 65 0.58 47.54 13.37
N SER D 66 1.09 46.45 12.81
CA SER D 66 1.44 46.41 11.41
C SER D 66 0.23 46.76 10.58
N LEU D 67 -0.94 46.32 10.99
CA LEU D 67 -2.16 46.63 10.24
C LEU D 67 -2.48 48.11 10.35
N CYS D 68 -2.40 48.63 11.57
CA CYS D 68 -2.68 50.03 11.81
C CYS D 68 -1.88 50.89 10.89
N GLN D 69 -0.62 50.53 10.71
CA GLN D 69 0.25 51.30 9.86
C GLN D 69 -0.26 51.27 8.45
N ALA D 70 -0.73 50.12 8.01
CA ALA D 70 -1.27 49.98 6.67
C ALA D 70 -2.47 50.88 6.43
N MET D 71 -3.45 50.81 7.33
CA MET D 71 -4.67 51.60 7.26
C MET D 71 -4.44 53.09 7.41
N SER D 72 -3.59 53.47 8.39
CA SER D 72 -3.32 54.88 8.66
C SER D 72 -2.50 55.64 7.61
N LEU D 73 -1.60 54.96 6.93
CA LEU D 73 -0.83 55.66 5.92
C LEU D 73 -1.49 55.72 4.54
N PHE D 74 -2.63 55.07 4.36
CA PHE D 74 -3.34 55.06 3.07
C PHE D 74 -4.20 56.31 3.01
N ALA D 75 -4.04 57.08 1.95
CA ALA D 75 -4.73 58.36 1.81
C ALA D 75 -6.21 58.46 1.46
N SER D 76 -6.81 57.47 0.81
CA SER D 76 -8.22 57.66 0.48
C SER D 76 -9.21 56.64 0.97
N ARG D 77 -10.46 56.83 0.57
CA ARG D 77 -11.54 55.96 0.96
C ARG D 77 -11.18 54.49 0.84
N GLN D 78 -11.27 53.78 1.96
CA GLN D 78 -10.97 52.36 2.01
C GLN D 78 -11.90 51.69 3.02
N THR D 79 -11.97 50.36 2.95
CA THR D 79 -12.83 49.56 3.80
C THR D 79 -12.02 48.51 4.49
N LEU D 80 -12.45 48.10 5.69
CA LEU D 80 -11.76 47.06 6.45
C LEU D 80 -12.75 46.11 7.06
N LEU D 81 -12.54 44.81 6.82
CA LEU D 81 -13.40 43.78 7.35
C LEU D 81 -12.71 42.89 8.38
N LEU D 82 -13.13 43.03 9.64
CA LEU D 82 -12.57 42.21 10.70
C LEU D 82 -13.38 40.93 10.80
N LEU D 83 -12.71 39.78 10.68
CA LEU D 83 -13.37 38.50 10.81
C LEU D 83 -13.13 38.02 12.23
N LEU D 84 -14.19 38.02 13.05
CA LEU D 84 -14.09 37.56 14.44
C LEU D 84 -13.88 36.06 14.52
N PRO D 85 -13.22 35.59 15.60
CA PRO D 85 -12.94 34.16 15.80
C PRO D 85 -14.20 33.33 15.87
N GLU D 86 -14.02 32.03 15.67
CA GLU D 86 -15.13 31.11 15.71
C GLU D 86 -15.79 31.10 17.08
N ASN D 87 -14.99 31.10 18.13
CA ASN D 87 -15.52 31.08 19.49
C ASN D 87 -16.06 32.42 19.95
N GLY D 88 -15.44 33.49 19.44
CA GLY D 88 -15.82 34.83 19.84
C GLY D 88 -14.58 35.46 20.44
N PRO D 89 -14.52 36.80 20.57
CA PRO D 89 -13.38 37.50 21.14
C PRO D 89 -13.07 37.18 22.61
N ASN D 90 -11.82 36.86 22.89
CA ASN D 90 -11.37 36.54 24.24
C ASN D 90 -10.93 37.81 24.96
N ALA D 91 -10.38 37.63 26.16
CA ALA D 91 -9.91 38.75 26.97
C ALA D 91 -8.92 39.64 26.23
N ALA D 92 -7.94 39.02 25.57
CA ALA D 92 -6.91 39.72 24.83
C ALA D 92 -7.44 40.43 23.58
N ILE D 93 -8.26 39.73 22.80
CA ILE D 93 -8.83 40.29 21.58
C ILE D 93 -9.55 41.61 21.80
N ASN D 94 -10.34 41.67 22.87
CA ASN D 94 -11.09 42.88 23.22
C ASN D 94 -10.23 44.12 23.18
N GLU D 95 -8.93 43.95 23.41
CA GLU D 95 -7.97 45.05 23.40
C GLU D 95 -7.50 45.38 21.99
N GLN D 96 -7.15 44.35 21.24
CA GLN D 96 -6.67 44.48 19.87
C GLN D 96 -7.79 45.07 19.01
N LEU D 97 -9.03 44.73 19.34
CA LEU D 97 -10.15 45.29 18.61
C LEU D 97 -10.21 46.75 19.02
N LEU D 98 -10.10 47.01 20.32
CA LEU D 98 -10.16 48.36 20.86
C LEU D 98 -9.12 49.26 20.22
N THR D 99 -7.92 48.73 20.02
CA THR D 99 -6.85 49.49 19.37
C THR D 99 -7.23 49.83 17.94
N LEU D 100 -7.90 48.89 17.28
CA LEU D 100 -8.32 49.08 15.90
C LEU D 100 -9.46 50.09 15.82
N THR D 101 -10.37 49.99 16.78
CA THR D 101 -11.54 50.85 16.82
C THR D 101 -11.11 52.33 16.84
N GLY D 102 -9.87 52.57 17.27
CA GLY D 102 -9.36 53.92 17.34
C GLY D 102 -8.61 54.29 16.08
N LEU D 103 -8.93 53.60 15.02
CA LEU D 103 -8.28 53.82 13.76
C LEU D 103 -9.29 54.34 12.76
N LEU D 104 -10.50 54.60 13.23
CA LEU D 104 -11.63 55.03 12.40
C LEU D 104 -11.70 56.48 12.05
N HIS D 105 -12.57 56.77 11.10
CA HIS D 105 -12.86 58.11 10.61
C HIS D 105 -13.79 57.95 9.43
N ASP D 106 -14.26 59.06 8.91
CA ASP D 106 -15.21 58.98 7.82
C ASP D 106 -14.79 58.23 6.59
N ASP D 107 -13.50 58.27 6.28
CA ASP D 107 -12.97 57.59 5.10
C ASP D 107 -12.37 56.19 5.34
N LEU D 108 -12.76 55.55 6.45
CA LEU D 108 -12.31 54.20 6.76
C LEU D 108 -13.49 53.45 7.36
N LEU D 109 -14.30 52.80 6.51
CA LEU D 109 -15.49 52.03 6.90
C LEU D 109 -15.08 50.69 7.50
N LEU D 110 -15.56 50.42 8.71
CA LEU D 110 -15.21 49.17 9.40
C LEU D 110 -16.39 48.26 9.32
N ILE D 111 -16.11 46.99 9.11
CA ILE D 111 -17.14 45.97 9.06
C ILE D 111 -16.55 44.84 9.84
N VAL D 112 -17.26 44.42 10.86
CA VAL D 112 -16.81 43.33 11.69
C VAL D 112 -17.86 42.24 11.44
N ARG D 113 -17.43 40.99 11.42
CA ARG D 113 -18.40 39.93 11.22
C ARG D 113 -18.01 38.65 11.93
N GLY D 114 -19.01 38.08 12.60
CA GLY D 114 -18.84 36.84 13.34
C GLY D 114 -20.20 36.41 13.87
N ASN D 115 -20.19 35.39 14.71
CA ASN D 115 -21.46 35.02 15.23
C ASN D 115 -21.93 35.98 16.34
N LYS D 116 -23.09 35.62 16.91
CA LYS D 116 -23.65 36.47 17.95
C LYS D 116 -22.77 36.58 19.20
N LEU D 117 -22.62 37.82 19.72
CA LEU D 117 -21.70 38.02 20.88
C LEU D 117 -22.51 37.82 22.09
N SER D 118 -21.83 37.36 23.12
CA SER D 118 -22.51 37.11 24.38
C SER D 118 -22.70 38.42 25.12
N LYS D 119 -23.77 38.51 25.92
CA LYS D 119 -24.07 39.74 26.66
C LYS D 119 -22.82 40.32 27.40
N ALA D 120 -21.85 39.43 27.66
CA ALA D 120 -20.61 39.78 28.33
C ALA D 120 -19.69 40.45 27.31
N GLN D 121 -19.40 39.72 26.23
CA GLN D 121 -18.55 40.22 25.15
C GLN D 121 -19.06 41.56 24.64
N GLU D 122 -20.32 41.88 24.95
CA GLU D 122 -20.94 43.14 24.54
C GLU D 122 -20.71 44.37 25.43
N ASN D 123 -20.05 44.18 26.57
CA ASN D 123 -19.77 45.29 27.47
C ASN D 123 -18.41 45.86 27.10
N ALA D 124 -17.59 44.99 26.50
CA ALA D 124 -16.21 45.25 26.05
C ALA D 124 -15.86 46.58 25.36
N ALA D 125 -14.91 47.29 25.96
CA ALA D 125 -14.41 48.57 25.48
C ALA D 125 -14.59 48.80 23.98
N TRP D 126 -14.17 47.82 23.16
CA TRP D 126 -14.28 47.93 21.71
C TRP D 126 -15.73 48.07 21.25
N PHE D 127 -16.60 47.20 21.74
CA PHE D 127 -18.01 47.22 21.36
C PHE D 127 -18.72 48.50 21.78
N THR D 128 -18.53 48.92 23.02
CA THR D 128 -19.18 50.12 23.52
C THR D 128 -18.67 51.39 22.86
N ALA D 129 -17.49 51.31 22.24
CA ALA D 129 -16.92 52.45 21.57
C ALA D 129 -17.69 52.82 20.28
N LEU D 130 -18.11 51.79 19.54
CA LEU D 130 -18.84 51.97 18.28
C LEU D 130 -20.32 52.16 18.55
N ALA D 131 -20.75 51.81 19.77
CA ALA D 131 -22.14 51.90 20.19
C ALA D 131 -22.94 53.20 19.93
N ASN D 132 -22.36 54.19 19.26
CA ASN D 132 -23.12 55.41 19.00
C ASN D 132 -22.95 55.76 17.55
N ARG D 133 -21.86 55.29 16.99
CA ARG D 133 -21.51 55.53 15.60
C ARG D 133 -22.00 54.44 14.64
N SER D 134 -21.96 53.19 15.09
CA SER D 134 -22.30 52.02 14.27
C SER D 134 -23.71 51.48 14.25
N VAL D 135 -23.88 50.44 13.41
CA VAL D 135 -25.12 49.69 13.17
C VAL D 135 -24.85 48.19 13.31
N GLN D 136 -25.74 47.47 14.02
CA GLN D 136 -25.59 46.03 14.19
C GLN D 136 -26.67 45.27 13.46
N VAL D 137 -26.26 44.36 12.60
CA VAL D 137 -27.20 43.54 11.84
C VAL D 137 -27.15 42.10 12.34
N THR D 138 -28.25 41.67 12.92
CA THR D 138 -28.37 40.33 13.46
C THR D 138 -28.62 39.30 12.37
N CYS D 139 -27.56 38.62 11.97
CA CYS D 139 -27.63 37.58 10.98
C CYS D 139 -27.66 36.29 11.77
N GLN D 140 -28.85 35.74 11.98
CA GLN D 140 -28.97 34.47 12.70
C GLN D 140 -29.90 33.63 11.87
N THR D 141 -29.60 32.34 11.75
CA THR D 141 -30.46 31.43 10.98
C THR D 141 -31.84 31.48 11.63
N PRO D 142 -32.86 31.88 10.87
CA PRO D 142 -34.23 31.98 11.36
C PRO D 142 -34.70 30.70 12.05
N GLU D 143 -35.14 30.85 13.29
CA GLU D 143 -35.61 29.76 14.12
C GLU D 143 -36.76 28.98 13.48
N GLN D 144 -36.98 27.77 13.99
CA GLN D 144 -38.03 26.85 13.51
C GLN D 144 -39.39 27.49 13.20
N ALA D 145 -39.79 28.49 13.97
CA ALA D 145 -41.06 29.15 13.74
C ALA D 145 -40.99 30.15 12.59
N GLN D 146 -39.86 30.84 12.44
CA GLN D 146 -39.73 31.84 11.39
C GLN D 146 -39.01 31.41 10.12
N LEU D 147 -38.53 30.17 10.08
CA LEU D 147 -37.87 29.64 8.88
C LEU D 147 -38.93 29.67 7.81
N PRO D 148 -40.16 29.18 8.11
CA PRO D 148 -41.23 29.20 7.13
C PRO D 148 -41.57 30.64 6.79
N ARG D 149 -41.65 31.49 7.82
CA ARG D 149 -41.97 32.89 7.61
C ARG D 149 -40.97 33.57 6.70
N TRP D 150 -39.68 33.22 6.86
CA TRP D 150 -38.62 33.79 6.03
C TRP D 150 -38.75 33.32 4.59
N VAL D 151 -39.09 32.05 4.42
CA VAL D 151 -39.28 31.48 3.09
C VAL D 151 -40.44 32.17 2.42
N ALA D 152 -41.48 32.47 3.18
CA ALA D 152 -42.66 33.12 2.63
C ALA D 152 -42.36 34.57 2.24
N ALA D 153 -41.51 35.20 3.02
CA ALA D 153 -41.13 36.59 2.77
C ALA D 153 -40.25 36.67 1.51
N ARG D 154 -39.23 35.82 1.47
CA ARG D 154 -38.27 35.74 0.38
C ARG D 154 -38.96 35.33 -0.92
N ALA D 155 -39.93 34.43 -0.80
CA ALA D 155 -40.68 33.98 -1.95
C ALA D 155 -41.59 35.06 -2.46
N LYS D 156 -42.24 35.78 -1.54
CA LYS D 156 -43.14 36.82 -1.99
C LYS D 156 -42.44 37.94 -2.76
N GLN D 157 -41.17 38.19 -2.45
CA GLN D 157 -40.49 39.23 -3.19
C GLN D 157 -40.01 38.71 -4.54
N LEU D 158 -40.00 37.38 -4.69
CA LEU D 158 -39.61 36.77 -5.96
C LEU D 158 -40.87 36.63 -6.79
N ASN D 159 -41.94 37.29 -6.33
CA ASN D 159 -43.24 37.29 -7.00
C ASN D 159 -43.77 35.88 -7.11
N LEU D 160 -43.80 35.21 -5.96
CA LEU D 160 -44.24 33.82 -5.87
C LEU D 160 -45.41 33.58 -4.91
N GLU D 161 -46.38 32.78 -5.36
CA GLU D 161 -47.54 32.40 -4.55
C GLU D 161 -47.20 31.04 -3.95
N LEU D 162 -46.41 31.04 -2.88
CA LEU D 162 -45.97 29.81 -2.23
C LEU D 162 -46.92 29.28 -1.17
N ASP D 163 -47.65 28.22 -1.49
CA ASP D 163 -48.60 27.60 -0.55
C ASP D 163 -47.94 27.19 0.76
N ASP D 164 -48.76 27.15 1.81
CA ASP D 164 -48.26 26.84 3.15
C ASP D 164 -47.72 25.45 3.34
N ALA D 165 -48.42 24.45 2.80
CA ALA D 165 -47.95 23.09 2.93
C ALA D 165 -46.65 22.98 2.14
N ALA D 166 -46.69 23.53 0.92
CA ALA D 166 -45.54 23.52 0.03
C ALA D 166 -44.35 24.15 0.76
N ASN D 167 -44.60 25.31 1.34
CA ASN D 167 -43.62 26.07 2.08
C ASN D 167 -42.98 25.17 3.13
N GLN D 168 -43.82 24.38 3.81
CA GLN D 168 -43.33 23.48 4.83
C GLN D 168 -42.49 22.39 4.21
N VAL D 169 -42.90 21.89 3.06
CA VAL D 169 -42.16 20.83 2.39
C VAL D 169 -40.76 21.33 2.12
N LEU D 170 -40.69 22.51 1.51
CA LEU D 170 -39.41 23.11 1.21
C LEU D 170 -38.57 23.25 2.45
N CYS D 171 -39.23 23.55 3.58
CA CYS D 171 -38.57 23.73 4.88
C CYS D 171 -38.05 22.45 5.50
N TYR D 172 -38.84 21.38 5.40
CA TYR D 172 -38.43 20.10 5.96
C TYR D 172 -37.27 19.51 5.14
N CYS D 173 -37.14 19.95 3.90
CA CYS D 173 -36.03 19.55 3.05
C CYS D 173 -35.14 20.79 3.09
N TYR D 174 -33.82 20.63 3.06
CA TYR D 174 -32.89 21.79 3.19
C TYR D 174 -33.15 22.54 4.51
N GLU D 175 -33.59 21.87 5.57
CA GLU D 175 -33.87 22.60 6.80
C GLU D 175 -32.66 23.38 7.28
N GLY D 176 -32.75 24.71 7.21
CA GLY D 176 -31.65 25.54 7.68
C GLY D 176 -30.63 26.06 6.69
N ASN D 177 -30.59 25.53 5.48
CA ASN D 177 -29.63 26.02 4.50
C ASN D 177 -30.33 27.07 3.66
N LEU D 178 -30.39 28.29 4.18
CA LEU D 178 -31.06 29.35 3.49
C LEU D 178 -30.60 29.59 2.06
N LEU D 179 -29.36 29.28 1.76
CA LEU D 179 -28.86 29.47 0.40
C LEU D 179 -29.62 28.49 -0.51
N ALA D 180 -29.88 27.31 0.02
CA ALA D 180 -30.60 26.28 -0.71
C ALA D 180 -32.05 26.67 -0.95
N LEU D 181 -32.72 27.16 0.09
CA LEU D 181 -34.13 27.56 0.01
C LEU D 181 -34.34 28.68 -0.99
N ALA D 182 -33.33 29.53 -1.15
CA ALA D 182 -33.43 30.63 -2.07
C ALA D 182 -33.24 30.16 -3.51
N GLN D 183 -32.23 29.28 -3.73
CA GLN D 183 -31.93 28.71 -5.05
C GLN D 183 -33.17 27.96 -5.47
N ALA D 184 -33.61 27.07 -4.57
CA ALA D 184 -34.79 26.26 -4.77
C ALA D 184 -35.97 27.13 -5.18
N LEU D 185 -36.16 28.24 -4.50
CA LEU D 185 -37.29 29.07 -4.89
C LEU D 185 -37.11 29.61 -6.29
N GLU D 186 -35.86 29.96 -6.63
CA GLU D 186 -35.54 30.49 -7.96
C GLU D 186 -35.63 29.41 -9.01
N ARG D 187 -35.21 28.19 -8.70
CA ARG D 187 -35.34 27.11 -9.68
C ARG D 187 -36.82 26.83 -9.91
N LEU D 188 -37.55 26.67 -8.80
CA LEU D 188 -39.00 26.43 -8.80
C LEU D 188 -39.76 27.47 -9.61
N SER D 189 -39.17 28.65 -9.78
CA SER D 189 -39.79 29.70 -10.54
C SER D 189 -39.54 29.47 -12.03
N LEU D 190 -38.47 28.78 -12.38
CA LEU D 190 -38.23 28.53 -13.80
C LEU D 190 -39.15 27.43 -14.25
N LEU D 191 -39.34 26.43 -13.37
CA LEU D 191 -40.22 25.28 -13.59
C LEU D 191 -41.64 25.68 -13.82
N TRP D 192 -42.20 26.50 -12.92
CA TRP D 192 -43.56 26.94 -13.10
C TRP D 192 -43.57 28.44 -13.27
N PRO D 193 -43.39 28.89 -14.52
CA PRO D 193 -43.37 30.31 -14.90
C PRO D 193 -44.63 30.95 -14.37
N ASP D 194 -45.63 30.08 -14.25
CA ASP D 194 -46.97 30.37 -13.76
C ASP D 194 -46.91 31.27 -12.54
N GLY D 195 -46.12 30.85 -11.55
CA GLY D 195 -45.98 31.62 -10.33
C GLY D 195 -46.62 30.88 -9.18
N LYS D 196 -47.68 30.14 -9.52
CA LYS D 196 -48.46 29.37 -8.56
C LYS D 196 -47.79 28.12 -7.99
N LEU D 197 -47.05 28.28 -6.90
CA LEU D 197 -46.35 27.16 -6.25
C LEU D 197 -47.23 26.38 -5.30
N THR D 198 -48.05 25.49 -5.84
CA THR D 198 -48.92 24.70 -5.03
C THR D 198 -48.20 23.52 -4.47
N LEU D 199 -48.76 22.91 -3.43
CA LEU D 199 -48.12 21.74 -2.80
C LEU D 199 -47.80 20.59 -3.80
N PRO D 200 -48.76 20.22 -4.64
CA PRO D 200 -48.56 19.15 -5.60
C PRO D 200 -47.36 19.46 -6.46
N ARG D 201 -47.35 20.65 -7.05
CA ARG D 201 -46.24 21.07 -7.89
C ARG D 201 -44.92 21.03 -7.18
N VAL D 202 -44.82 21.75 -6.07
CA VAL D 202 -43.58 21.80 -5.29
C VAL D 202 -43.18 20.44 -4.82
N GLU D 203 -44.16 19.65 -4.39
CA GLU D 203 -43.82 18.34 -3.89
C GLU D 203 -43.17 17.49 -4.97
N GLN D 204 -43.74 17.54 -6.18
CA GLN D 204 -43.22 16.74 -7.28
C GLN D 204 -41.80 17.07 -7.61
N ALA D 205 -41.51 18.37 -7.75
CA ALA D 205 -40.18 18.86 -8.09
C ALA D 205 -39.12 18.64 -7.03
N VAL D 206 -39.53 18.62 -5.76
CA VAL D 206 -38.60 18.43 -4.66
C VAL D 206 -38.21 16.98 -4.58
N ASN D 207 -39.19 16.11 -4.73
CA ASN D 207 -38.89 14.71 -4.65
C ASN D 207 -38.15 14.24 -5.89
N ASP D 208 -38.53 14.79 -7.04
CA ASP D 208 -37.90 14.47 -8.31
C ASP D 208 -36.43 14.87 -8.41
N ALA D 209 -36.11 16.03 -7.83
CA ALA D 209 -34.74 16.57 -7.81
C ALA D 209 -33.80 15.59 -7.13
N ALA D 210 -34.34 14.84 -6.18
CA ALA D 210 -33.58 13.81 -5.50
C ALA D 210 -32.22 14.15 -4.90
N HIS D 211 -32.13 15.26 -4.18
CA HIS D 211 -30.87 15.51 -3.52
C HIS D 211 -31.14 15.02 -2.08
N PHE D 212 -30.32 14.09 -1.61
CA PHE D 212 -30.44 13.54 -0.28
C PHE D 212 -29.17 13.88 0.47
N THR D 213 -29.32 14.39 1.68
CA THR D 213 -28.18 14.75 2.51
C THR D 213 -27.62 13.46 3.10
N PRO D 214 -26.29 13.36 3.27
CA PRO D 214 -25.76 12.12 3.84
C PRO D 214 -26.40 11.89 5.20
N PHE D 215 -27.04 12.92 5.73
CA PHE D 215 -27.72 12.84 7.01
C PHE D 215 -29.02 12.08 6.88
N HIS D 216 -29.66 12.17 5.71
CA HIS D 216 -30.93 11.47 5.47
C HIS D 216 -30.68 9.98 5.54
N TRP D 217 -29.43 9.58 5.30
CA TRP D 217 -29.05 8.18 5.35
C TRP D 217 -29.03 7.78 6.79
N VAL D 218 -28.38 8.60 7.60
CA VAL D 218 -28.27 8.39 9.03
C VAL D 218 -29.63 8.56 9.66
N ASP D 219 -30.28 9.70 9.41
CA ASP D 219 -31.63 9.97 9.93
C ASP D 219 -32.51 8.75 9.70
N ALA D 220 -32.26 8.06 8.59
CA ALA D 220 -33.00 6.86 8.23
C ALA D 220 -32.37 5.72 8.98
N LEU D 221 -31.05 5.76 9.06
CA LEU D 221 -30.33 4.70 9.71
C LEU D 221 -30.50 4.53 11.20
N LEU D 222 -31.29 5.42 11.80
CA LEU D 222 -31.54 5.47 13.24
C LEU D 222 -32.56 4.48 13.77
N MET D 223 -32.57 3.27 13.21
CA MET D 223 -33.54 2.24 13.57
C MET D 223 -34.75 2.41 12.66
N GLY D 224 -34.66 3.34 11.72
CA GLY D 224 -35.75 3.52 10.77
C GLY D 224 -35.55 2.39 9.79
N LYS D 225 -36.59 1.89 9.12
CA LYS D 225 -36.38 0.77 8.20
C LYS D 225 -35.29 0.91 7.10
N SER D 226 -34.47 -0.12 7.05
CA SER D 226 -33.35 -0.23 6.15
C SER D 226 -33.65 0.00 4.69
N LYS D 227 -34.86 -0.37 4.25
CA LYS D 227 -35.23 -0.20 2.85
C LYS D 227 -34.84 1.17 2.35
N ARG D 228 -35.40 2.19 2.97
CA ARG D 228 -35.13 3.57 2.59
C ARG D 228 -33.68 4.02 2.80
N ALA D 229 -32.98 3.44 3.77
CA ALA D 229 -31.60 3.81 4.01
C ALA D 229 -30.73 3.18 2.93
N LEU D 230 -31.08 1.97 2.53
CA LEU D 230 -30.35 1.26 1.49
C LEU D 230 -30.62 2.00 0.20
N HIS D 231 -31.84 2.49 0.06
CA HIS D 231 -32.26 3.25 -1.11
C HIS D 231 -31.43 4.54 -1.16
N ILE D 232 -31.47 5.30 -0.07
CA ILE D 232 -30.71 6.55 0.04
C ILE D 232 -29.21 6.29 -0.11
N LEU D 233 -28.71 5.19 0.43
CA LEU D 233 -27.29 4.88 0.34
C LEU D 233 -26.88 4.61 -1.10
N GLN D 234 -27.74 3.95 -1.85
CA GLN D 234 -27.45 3.66 -3.26
C GLN D 234 -27.91 4.81 -4.16
N GLN D 235 -28.46 5.86 -3.54
CA GLN D 235 -28.90 7.06 -4.24
C GLN D 235 -27.94 8.18 -3.86
N LEU D 236 -27.02 7.84 -2.95
CA LEU D 236 -25.97 8.75 -2.45
C LEU D 236 -24.69 8.50 -3.25
N ARG D 237 -24.71 7.50 -4.11
CA ARG D 237 -23.55 7.23 -4.95
C ARG D 237 -23.86 7.91 -6.28
N LEU D 238 -25.08 8.44 -6.40
CA LEU D 238 -25.56 9.12 -7.61
C LEU D 238 -25.52 10.65 -7.51
N GLU D 239 -25.00 11.13 -6.40
CA GLU D 239 -24.87 12.57 -6.20
C GLU D 239 -23.37 12.84 -6.14
N GLY D 240 -22.58 11.77 -6.22
CA GLY D 240 -21.13 11.88 -6.17
C GLY D 240 -20.61 12.17 -4.77
N SER D 241 -21.05 11.36 -3.80
CA SER D 241 -20.64 11.52 -2.41
C SER D 241 -19.55 10.50 -2.08
N GLU D 242 -18.41 10.99 -1.61
CA GLU D 242 -17.28 10.15 -1.26
C GLU D 242 -17.65 9.21 -0.13
N PRO D 243 -16.99 8.05 -0.04
CA PRO D 243 -17.35 7.14 1.06
C PRO D 243 -16.89 7.73 2.38
N VAL D 244 -15.62 8.14 2.43
CA VAL D 244 -15.01 8.71 3.63
C VAL D 244 -15.87 9.76 4.30
N ILE D 245 -16.48 10.65 3.53
CA ILE D 245 -17.31 11.69 4.11
C ILE D 245 -18.58 11.09 4.72
N LEU D 246 -18.96 9.90 4.28
CA LEU D 246 -20.13 9.24 4.84
C LEU D 246 -19.79 8.61 6.17
N LEU D 247 -18.64 7.95 6.24
CA LEU D 247 -18.20 7.29 7.48
C LEU D 247 -18.06 8.25 8.66
N ARG D 248 -17.63 9.48 8.39
CA ARG D 248 -17.48 10.44 9.47
C ARG D 248 -18.78 11.14 9.84
N THR D 249 -19.85 10.83 9.11
CA THR D 249 -21.17 11.39 9.39
C THR D 249 -21.86 10.35 10.25
N LEU D 250 -21.57 9.09 9.96
CA LEU D 250 -22.15 7.98 10.70
C LEU D 250 -21.46 7.89 12.04
N GLN D 251 -20.15 8.03 12.02
CA GLN D 251 -19.37 7.97 13.24
C GLN D 251 -19.87 9.00 14.23
N ARG D 252 -19.90 10.25 13.82
CA ARG D 252 -20.35 11.28 14.73
C ARG D 252 -21.70 10.99 15.38
N GLU D 253 -22.68 10.53 14.61
CA GLU D 253 -23.98 10.22 15.22
C GLU D 253 -23.96 8.88 16.01
N LEU D 254 -23.08 7.96 15.59
CA LEU D 254 -22.99 6.66 16.24
C LEU D 254 -22.34 6.72 17.60
N LEU D 255 -21.19 7.41 17.70
CA LEU D 255 -20.48 7.57 18.97
C LEU D 255 -21.38 8.35 19.89
N LEU D 256 -22.18 9.27 19.35
CA LEU D 256 -23.13 10.05 20.16
C LEU D 256 -24.16 9.12 20.76
N LEU D 257 -24.61 8.15 20.01
CA LEU D 257 -25.58 7.25 20.61
C LEU D 257 -24.87 6.45 21.71
N VAL D 258 -23.62 6.09 21.48
CA VAL D 258 -22.90 5.30 22.46
C VAL D 258 -22.88 5.99 23.80
N ASN D 259 -22.52 7.26 23.81
CA ASN D 259 -22.44 8.02 25.06
C ASN D 259 -23.77 8.21 25.73
N LEU D 260 -24.81 8.40 24.93
CA LEU D 260 -26.14 8.59 25.46
C LEU D 260 -26.73 7.32 26.04
N LYS D 261 -26.68 6.21 25.31
CA LYS D 261 -27.24 4.95 25.79
C LYS D 261 -26.53 4.57 27.07
N ARG D 262 -25.30 5.03 27.19
CA ARG D 262 -24.46 4.77 28.34
C ARG D 262 -24.91 5.54 29.56
N GLN D 263 -25.64 6.61 29.30
CA GLN D 263 -26.14 7.45 30.34
C GLN D 263 -27.65 7.35 30.55
N SER D 264 -28.03 6.17 31.02
CA SER D 264 -29.40 5.86 31.40
C SER D 264 -29.15 5.61 32.89
N ALA D 265 -29.85 6.38 33.71
CA ALA D 265 -29.72 6.34 35.17
C ALA D 265 -28.62 7.33 35.54
N HIS D 266 -28.02 7.96 34.53
CA HIS D 266 -26.97 8.95 34.75
C HIS D 266 -27.69 10.28 34.80
N THR D 267 -28.72 10.39 33.98
CA THR D 267 -29.54 11.59 33.87
C THR D 267 -30.65 11.28 32.89
N PRO D 268 -31.90 11.68 33.19
CA PRO D 268 -33.01 11.42 32.29
C PRO D 268 -32.75 12.04 30.91
N LEU D 269 -33.01 11.23 29.87
CA LEU D 269 -32.82 11.58 28.46
C LEU D 269 -32.91 13.06 28.14
N ARG D 270 -33.92 13.71 28.73
CA ARG D 270 -34.20 15.13 28.54
C ARG D 270 -32.98 16.07 28.61
N ALA D 271 -32.45 16.26 29.80
CA ALA D 271 -31.30 17.14 30.04
C ALA D 271 -30.04 16.75 29.29
N LEU D 272 -29.90 15.47 29.02
CA LEU D 272 -28.73 14.95 28.32
C LEU D 272 -28.60 15.50 26.90
N PHE D 273 -29.72 15.56 26.20
CA PHE D 273 -29.78 16.08 24.84
C PHE D 273 -29.32 17.53 24.76
N ASP D 274 -29.75 18.32 25.74
CA ASP D 274 -29.40 19.73 25.84
C ASP D 274 -27.90 19.77 25.97
N LYS D 275 -27.40 18.95 26.89
CA LYS D 275 -25.99 18.85 27.19
C LYS D 275 -25.12 18.58 25.98
N HIS D 276 -25.62 17.76 25.06
CA HIS D 276 -24.87 17.45 23.86
C HIS D 276 -25.11 18.40 22.68
N ARG D 277 -26.04 19.33 22.88
CA ARG D 277 -26.38 20.37 21.91
C ARG D 277 -26.67 20.02 20.44
N VAL D 278 -27.18 18.81 20.19
CA VAL D 278 -27.53 18.42 18.82
C VAL D 278 -29.03 18.15 18.74
N TRP D 279 -29.63 17.84 19.89
CA TRP D 279 -31.08 17.59 20.07
C TRP D 279 -31.85 18.77 19.45
N GLN D 280 -32.12 18.80 18.15
CA GLN D 280 -32.79 20.03 17.65
C GLN D 280 -34.13 19.97 17.04
N ASN D 281 -34.73 18.86 16.66
CA ASN D 281 -35.90 18.00 16.64
C ASN D 281 -35.50 16.55 16.83
N ARG D 282 -34.30 16.24 16.42
CA ARG D 282 -33.76 14.88 16.39
C ARG D 282 -34.14 13.99 17.56
N ARG D 283 -34.68 14.79 18.52
CA ARG D 283 -35.30 14.33 19.71
C ARG D 283 -36.81 14.24 19.73
N GLY D 284 -36.90 12.95 19.63
CA GLY D 284 -37.75 11.77 19.60
C GLY D 284 -37.19 10.64 18.74
N MET D 285 -36.48 11.04 17.68
CA MET D 285 -35.84 10.15 16.73
C MET D 285 -34.60 9.52 17.35
N MET D 286 -33.77 10.35 18.00
CA MET D 286 -32.56 9.90 18.69
C MET D 286 -32.94 8.93 19.80
N GLY D 287 -33.99 9.29 20.52
CA GLY D 287 -34.44 8.45 21.61
C GLY D 287 -35.13 7.21 21.10
N GLU D 288 -35.73 7.32 19.92
CA GLU D 288 -36.43 6.17 19.37
C GLU D 288 -35.34 5.17 19.06
N ALA D 289 -34.19 5.69 18.62
CA ALA D 289 -33.03 4.88 18.29
C ALA D 289 -32.50 4.22 19.55
N LEU D 290 -32.27 5.04 20.58
CA LEU D 290 -31.77 4.55 21.84
C LEU D 290 -32.63 3.45 22.39
N ASN D 291 -33.94 3.55 22.18
CA ASN D 291 -34.83 2.54 22.73
C ASN D 291 -34.87 1.15 22.12
N ARG D 292 -34.42 1.00 20.88
CA ARG D 292 -34.44 -0.33 20.35
C ARG D 292 -33.07 -0.87 19.96
N LEU D 293 -32.02 -0.10 20.20
CA LEU D 293 -30.66 -0.56 19.93
C LEU D 293 -30.07 -0.96 21.29
N SER D 294 -29.63 -2.20 21.41
CA SER D 294 -29.07 -2.67 22.67
C SER D 294 -27.66 -2.20 22.83
N GLN D 295 -27.26 -2.04 24.08
CA GLN D 295 -25.93 -1.58 24.47
C GLN D 295 -24.94 -2.31 23.61
N THR D 296 -25.19 -3.61 23.42
CA THR D 296 -24.32 -4.46 22.59
C THR D 296 -24.41 -4.22 21.08
N GLN D 297 -25.62 -3.95 20.57
CA GLN D 297 -25.76 -3.72 19.13
C GLN D 297 -24.84 -2.57 18.79
N LEU D 298 -25.06 -1.50 19.52
CA LEU D 298 -24.34 -0.27 19.35
C LEU D 298 -22.86 -0.53 19.26
N ARG D 299 -22.39 -1.50 20.05
CA ARG D 299 -20.98 -1.83 20.07
C ARG D 299 -20.54 -2.42 18.75
N GLN D 300 -21.24 -3.48 18.33
CA GLN D 300 -20.92 -4.20 17.10
C GLN D 300 -20.83 -3.26 15.92
N ALA D 301 -21.74 -2.30 15.91
CA ALA D 301 -21.78 -1.32 14.86
C ALA D 301 -20.52 -0.50 14.91
N VAL D 302 -19.87 -0.43 16.06
CA VAL D 302 -18.65 0.34 16.16
C VAL D 302 -17.44 -0.40 15.60
N GLN D 303 -17.47 -1.73 15.66
CA GLN D 303 -16.35 -2.55 15.15
C GLN D 303 -16.36 -2.47 13.65
N LEU D 304 -17.56 -2.65 13.08
CA LEU D 304 -17.75 -2.65 11.64
C LEU D 304 -17.24 -1.34 11.09
N LEU D 305 -17.73 -0.25 11.66
CA LEU D 305 -17.33 1.08 11.24
C LEU D 305 -15.81 1.19 11.29
N THR D 306 -15.20 0.56 12.30
CA THR D 306 -13.75 0.59 12.44
C THR D 306 -13.03 -0.20 11.33
N ARG D 307 -13.46 -1.43 11.07
CA ARG D 307 -12.84 -2.25 10.02
C ARG D 307 -12.88 -1.42 8.75
N THR D 308 -14.10 -1.04 8.37
CA THR D 308 -14.36 -0.21 7.21
C THR D 308 -13.39 0.96 7.21
N GLU D 309 -13.27 1.64 8.34
CA GLU D 309 -12.40 2.80 8.46
C GLU D 309 -10.96 2.46 8.14
N LEU D 310 -10.57 1.22 8.42
CA LEU D 310 -9.21 0.75 8.13
C LEU D 310 -9.11 0.14 6.72
N THR D 311 -10.11 -0.68 6.36
CA THR D 311 -10.20 -1.32 5.07
C THR D 311 -10.12 -0.25 3.99
N LEU D 312 -10.71 0.89 4.29
CA LEU D 312 -10.72 2.04 3.39
C LEU D 312 -9.39 2.79 3.44
N LYS D 313 -8.57 2.51 4.44
CA LYS D 313 -7.33 3.23 4.53
C LYS D 313 -6.07 2.36 4.50
N GLN D 314 -6.26 1.04 4.38
CA GLN D 314 -5.14 0.08 4.34
C GLN D 314 -4.90 -0.44 2.93
N ASP D 315 -6.03 -0.91 2.26
CA ASP D 315 -5.88 -1.19 0.79
C ASP D 315 -6.15 0.04 -0.08
N TYR D 316 -6.73 1.06 0.55
CA TYR D 316 -7.02 2.36 -0.10
C TYR D 316 -7.70 2.16 -1.45
N GLY D 317 -8.85 1.50 -1.37
CA GLY D 317 -9.66 1.18 -2.53
C GLY D 317 -10.20 -0.26 -2.50
N GLN D 318 -10.83 -0.68 -1.39
CA GLN D 318 -11.41 -2.05 -1.24
C GLN D 318 -12.94 -2.15 -1.32
N SER D 319 -13.57 -1.18 -1.95
CA SER D 319 -15.05 -1.10 -2.08
C SER D 319 -15.85 -1.17 -0.81
N VAL D 320 -15.56 -0.11 -0.05
CA VAL D 320 -16.14 0.14 1.25
C VAL D 320 -17.64 0.19 1.10
N TRP D 321 -18.15 0.69 -0.04
CA TRP D 321 -19.60 0.75 -0.19
C TRP D 321 -20.31 -0.50 0.30
N ALA D 322 -19.75 -1.65 -0.04
CA ALA D 322 -20.32 -2.92 0.36
C ALA D 322 -20.54 -2.93 1.87
N GLU D 323 -19.49 -2.62 2.61
CA GLU D 323 -19.54 -2.59 4.06
C GLU D 323 -20.55 -1.58 4.59
N LEU D 324 -20.72 -0.47 3.87
CA LEU D 324 -21.67 0.57 4.28
C LEU D 324 -23.07 0.01 4.21
N GLU D 325 -23.28 -0.88 3.26
CA GLU D 325 -24.56 -1.55 3.07
C GLU D 325 -24.72 -2.47 4.26
N GLY D 326 -23.69 -3.26 4.51
CA GLY D 326 -23.71 -4.20 5.62
C GLY D 326 -23.85 -3.49 6.95
N LEU D 327 -23.29 -2.30 7.05
CA LEU D 327 -23.34 -1.52 8.28
C LEU D 327 -24.74 -0.99 8.53
N SER D 328 -25.38 -0.48 7.48
CA SER D 328 -26.73 0.06 7.57
C SER D 328 -27.72 -1.01 7.97
N LEU D 329 -27.35 -2.26 7.73
CA LEU D 329 -28.20 -3.40 8.06
C LEU D 329 -28.12 -3.79 9.53
N LEU D 330 -27.00 -3.49 10.17
CA LEU D 330 -26.82 -3.82 11.58
C LEU D 330 -27.62 -2.91 12.52
N LEU D 331 -27.84 -1.67 12.08
CA LEU D 331 -28.55 -0.70 12.90
C LEU D 331 -30.07 -0.87 12.88
N CYS D 332 -30.55 -1.98 12.30
CA CYS D 332 -31.99 -2.22 12.24
C CYS D 332 -32.40 -3.61 12.72
N HIS D 333 -31.49 -4.59 12.63
CA HIS D 333 -31.78 -5.97 13.02
C HIS D 333 -30.83 -6.47 14.12
N LYS D 334 -31.33 -7.34 15.00
CA LYS D 334 -30.51 -7.89 16.10
C LYS D 334 -29.40 -8.76 15.53
N PRO D 335 -28.15 -8.54 15.96
CA PRO D 335 -27.01 -9.32 15.47
C PRO D 335 -26.67 -10.51 16.34
N LEU D 336 -25.70 -11.29 15.86
CA LEU D 336 -25.19 -12.48 16.56
C LEU D 336 -23.72 -12.33 16.93
N ALA D 337 -23.14 -13.34 17.59
CA ALA D 337 -21.74 -13.30 18.00
C ALA D 337 -20.81 -13.99 17.00
N ASP D 338 -21.12 -13.86 15.72
CA ASP D 338 -20.34 -14.47 14.66
C ASP D 338 -19.63 -13.45 13.79
N MET E 1 24.83 15.52 23.91
CA MET E 1 26.25 15.87 23.97
C MET E 1 26.67 16.37 25.35
N ARG E 2 26.52 15.52 26.36
CA ARG E 2 26.87 15.82 27.75
C ARG E 2 27.52 14.57 28.36
N TRP E 3 28.75 14.71 28.88
CA TRP E 3 29.46 13.56 29.46
C TRP E 3 28.92 13.04 30.78
N TYR E 4 28.27 11.89 30.68
CA TYR E 4 27.69 11.24 31.83
C TYR E 4 28.76 10.36 32.51
N PRO E 5 28.56 10.03 33.81
CA PRO E 5 29.43 9.23 34.67
C PRO E 5 29.63 7.75 34.36
N TRP E 6 28.61 7.11 33.84
CA TRP E 6 28.68 5.71 33.47
C TRP E 6 29.55 5.49 32.23
N LEU E 7 29.79 6.57 31.50
CA LEU E 7 30.61 6.49 30.32
C LEU E 7 32.07 6.32 30.68
N ARG E 8 32.42 6.39 31.96
CA ARG E 8 33.81 6.27 32.34
C ARG E 8 34.45 4.89 32.26
N PRO E 9 33.94 3.90 33.00
CA PRO E 9 34.55 2.57 32.95
C PRO E 9 34.83 2.09 31.54
N ASP E 10 33.92 2.42 30.62
CA ASP E 10 34.08 2.02 29.22
C ASP E 10 35.16 2.88 28.58
N PHE E 11 35.11 4.17 28.84
CA PHE E 11 36.07 5.11 28.27
C PHE E 11 37.49 4.80 28.75
N GLU E 12 37.59 4.16 29.91
CA GLU E 12 38.87 3.82 30.47
C GLU E 12 39.60 2.78 29.63
N LYS E 13 38.97 1.64 29.40
CA LYS E 13 39.61 0.59 28.63
C LYS E 13 39.73 0.96 27.15
N LEU E 14 38.93 1.90 26.67
CA LEU E 14 39.00 2.29 25.27
C LEU E 14 40.20 3.20 24.91
N VAL E 15 40.77 3.82 25.93
CA VAL E 15 41.96 4.65 25.77
C VAL E 15 43.12 3.75 26.15
N ALA E 16 42.86 2.85 27.10
CA ALA E 16 43.86 1.90 27.59
C ALA E 16 44.36 0.99 26.48
N SER E 17 43.66 1.00 25.34
CA SER E 17 44.07 0.19 24.20
C SER E 17 44.72 1.11 23.15
N TYR E 18 44.31 2.38 23.14
CA TYR E 18 44.86 3.36 22.20
C TYR E 18 46.20 3.91 22.68
N GLN E 19 46.59 3.51 23.89
CA GLN E 19 47.85 3.91 24.50
C GLN E 19 48.85 2.76 24.39
N ALA E 20 48.36 1.53 24.55
CA ALA E 20 49.18 0.32 24.47
C ALA E 20 49.21 -0.38 23.09
N GLY E 21 48.60 0.27 22.08
CA GLY E 21 48.59 -0.29 20.73
C GLY E 21 47.46 -1.23 20.34
N ARG E 22 46.82 -1.86 21.34
CA ARG E 22 45.72 -2.82 21.14
C ARG E 22 44.46 -2.23 20.49
N GLY E 23 44.50 -0.93 20.17
CA GLY E 23 43.37 -0.24 19.57
C GLY E 23 42.83 -0.78 18.26
N HIS E 24 41.51 -0.96 18.20
CA HIS E 24 40.89 -1.48 16.99
C HIS E 24 40.44 -0.35 16.07
N HIS E 25 41.07 -0.28 14.90
CA HIS E 25 40.82 0.72 13.88
C HIS E 25 39.38 0.95 13.44
N ALA E 26 38.47 0.07 13.88
CA ALA E 26 37.04 0.17 13.55
C ALA E 26 36.27 -0.24 14.78
N LEU E 27 35.45 0.68 15.29
CA LEU E 27 34.68 0.44 16.51
C LEU E 27 33.18 0.68 16.31
N LEU E 28 32.40 -0.33 16.64
CA LEU E 28 30.94 -0.27 16.54
C LEU E 28 30.42 -0.27 17.96
N ILE E 29 29.76 0.80 18.36
CA ILE E 29 29.22 0.90 19.71
C ILE E 29 27.72 0.74 19.65
N GLN E 30 27.19 -0.17 20.44
CA GLN E 30 25.77 -0.38 20.47
C GLN E 30 25.25 0.16 21.78
N ALA E 31 24.21 0.98 21.72
CA ALA E 31 23.65 1.51 22.95
C ALA E 31 22.28 2.07 22.77
N LEU E 32 21.50 2.00 23.84
CA LEU E 32 20.12 2.52 23.88
C LEU E 32 20.13 4.02 23.69
N PRO E 33 18.98 4.60 23.33
CA PRO E 33 18.98 6.05 23.14
C PRO E 33 19.32 6.73 24.47
N GLY E 34 19.86 7.93 24.38
CA GLY E 34 20.22 8.68 25.58
C GLY E 34 21.06 7.91 26.57
N MET E 35 22.03 7.14 26.09
CA MET E 35 22.88 6.39 27.02
C MET E 35 24.22 7.03 27.02
N GLY E 36 24.30 8.15 26.32
CA GLY E 36 25.55 8.87 26.21
C GLY E 36 26.38 8.32 25.08
N ASP E 37 25.71 7.64 24.15
CA ASP E 37 26.39 7.07 23.00
C ASP E 37 27.12 8.19 22.32
N ASP E 38 26.43 9.31 22.29
CA ASP E 38 26.86 10.58 21.71
C ASP E 38 28.24 10.95 22.25
N ALA E 39 28.26 11.26 23.55
CA ALA E 39 29.47 11.69 24.24
C ALA E 39 30.67 10.77 24.28
N LEU E 40 30.47 9.47 24.19
CA LEU E 40 31.59 8.54 24.24
C LEU E 40 32.47 8.59 23.00
N ILE E 41 31.85 8.69 21.82
CA ILE E 41 32.58 8.75 20.56
C ILE E 41 33.47 9.97 20.54
N TYR E 42 32.84 11.12 20.77
CA TYR E 42 33.47 12.45 20.81
C TYR E 42 34.62 12.51 21.84
N ALA E 43 34.35 12.04 23.05
CA ALA E 43 35.34 12.02 24.12
C ALA E 43 36.55 11.18 23.78
N LEU E 44 36.34 10.12 23.01
CA LEU E 44 37.44 9.24 22.61
C LEU E 44 38.30 9.87 21.53
N SER E 45 37.68 10.53 20.56
CA SER E 45 38.42 11.16 19.47
C SER E 45 39.31 12.32 19.92
N ARG E 46 38.89 13.05 20.97
CA ARG E 46 39.65 14.18 21.51
C ARG E 46 40.98 13.69 22.12
N TYR E 47 41.01 12.42 22.51
CA TYR E 47 42.20 11.83 23.10
C TYR E 47 43.21 11.49 22.01
N LEU E 48 42.70 11.04 20.88
CA LEU E 48 43.55 10.66 19.75
C LEU E 48 43.95 11.83 18.86
N LEU E 49 43.19 12.92 18.94
CA LEU E 49 43.47 14.11 18.13
C LEU E 49 44.26 15.18 18.88
N CYS E 50 45.02 14.76 19.89
CA CYS E 50 45.83 15.68 20.69
C CYS E 50 47.30 15.63 20.30
N GLN E 51 47.91 16.80 20.15
CA GLN E 51 49.32 16.90 19.78
C GLN E 51 50.20 16.64 21.01
N GLN E 52 49.75 17.15 22.16
CA GLN E 52 50.48 17.00 23.42
C GLN E 52 49.56 16.52 24.57
N PRO E 53 49.09 15.27 24.52
CA PRO E 53 48.21 14.73 25.56
C PRO E 53 48.88 14.69 26.94
N GLN E 54 48.08 14.86 27.99
CA GLN E 54 48.57 14.88 29.36
C GLN E 54 48.47 13.56 30.13
N GLY E 55 48.15 12.48 29.42
CA GLY E 55 48.03 11.18 30.05
C GLY E 55 46.74 10.45 29.71
N HIS E 56 45.63 10.90 30.29
CA HIS E 56 44.32 10.31 30.05
C HIS E 56 43.41 11.24 29.25
N LYS E 57 43.77 12.53 29.23
CA LYS E 57 43.01 13.53 28.48
C LYS E 57 43.97 14.49 27.79
N SER E 58 43.41 15.46 27.07
CA SER E 58 44.20 16.42 26.33
C SER E 58 44.69 17.62 27.16
N CYS E 59 45.42 18.50 26.50
CA CYS E 59 45.98 19.70 27.12
C CYS E 59 45.08 20.94 27.01
N GLY E 60 44.43 21.08 25.85
CA GLY E 60 43.55 22.21 25.61
C GLY E 60 44.19 23.31 24.77
N HIS E 61 45.51 23.32 24.70
CA HIS E 61 46.28 24.31 23.94
C HIS E 61 46.63 23.92 22.50
N CYS E 62 47.34 22.79 22.35
CA CYS E 62 47.80 22.28 21.06
C CYS E 62 46.84 22.47 19.89
N ARG E 63 47.41 22.57 18.69
CA ARG E 63 46.66 22.75 17.44
C ARG E 63 45.42 21.86 17.36
N GLY E 64 45.59 20.59 17.74
CA GLY E 64 44.49 19.63 17.72
C GLY E 64 43.41 20.10 18.68
N CYS E 65 43.76 20.18 19.97
CA CYS E 65 42.83 20.61 21.00
C CYS E 65 42.09 21.90 20.67
N GLN E 66 42.83 22.87 20.11
CA GLN E 66 42.24 24.16 19.76
C GLN E 66 41.29 24.05 18.57
N LEU E 67 41.77 23.48 17.45
CA LEU E 67 40.93 23.32 16.26
C LEU E 67 39.79 22.35 16.62
N MET E 68 39.98 21.62 17.71
CA MET E 68 39.01 20.67 18.22
C MET E 68 37.93 21.46 18.97
N GLN E 69 38.36 22.38 19.84
CA GLN E 69 37.44 23.23 20.59
C GLN E 69 36.72 24.15 19.61
N ALA E 70 37.34 24.34 18.44
CA ALA E 70 36.80 25.16 17.37
C ALA E 70 35.98 24.26 16.45
N GLY E 71 35.92 22.97 16.80
CA GLY E 71 35.17 22.01 16.03
C GLY E 71 35.86 21.63 14.74
N THR E 72 35.99 22.60 13.85
CA THR E 72 36.62 22.41 12.54
C THR E 72 38.04 21.88 12.66
N HIS E 73 38.28 20.72 12.07
CA HIS E 73 39.59 20.08 12.09
C HIS E 73 39.78 19.24 10.82
N PRO E 74 41.03 19.14 10.33
CA PRO E 74 41.44 18.39 9.12
C PRO E 74 41.56 16.87 9.28
N ASP E 75 41.31 16.34 10.49
CA ASP E 75 41.40 14.91 10.75
C ASP E 75 40.10 14.32 11.34
N TYR E 76 39.19 15.18 11.75
CA TYR E 76 37.89 14.76 12.31
C TYR E 76 36.89 14.78 11.17
N TYR E 77 36.20 13.66 10.94
CA TYR E 77 35.22 13.61 9.85
C TYR E 77 33.88 13.07 10.31
N THR E 78 32.87 13.94 10.34
CA THR E 78 31.52 13.56 10.76
C THR E 78 30.71 13.07 9.57
N LEU E 79 30.34 11.78 9.60
CA LEU E 79 29.56 11.19 8.51
C LEU E 79 28.06 11.13 8.79
N ALA E 80 27.43 12.30 8.86
CA ALA E 80 26.01 12.40 9.11
C ALA E 80 25.27 12.07 7.81
N PRO E 81 24.07 11.48 7.93
CA PRO E 81 23.29 11.12 6.72
C PRO E 81 22.91 12.37 5.94
N GLU E 82 22.64 12.20 4.64
CA GLU E 82 22.27 13.32 3.76
C GLU E 82 21.11 14.13 4.35
N LYS E 83 21.37 15.42 4.58
CA LYS E 83 20.37 16.33 5.14
C LYS E 83 19.07 16.33 4.34
N GLY E 84 18.00 15.85 4.97
CA GLY E 84 16.71 15.76 4.31
C GLY E 84 16.18 14.34 4.30
N LYS E 85 17.00 13.41 3.81
CA LYS E 85 16.65 12.00 3.75
C LYS E 85 17.02 11.23 5.02
N ASN E 86 16.33 10.11 5.24
CA ASN E 86 16.54 9.27 6.42
C ASN E 86 17.60 8.19 6.26
N THR E 87 18.43 8.31 5.22
CA THR E 87 19.48 7.35 4.94
C THR E 87 20.78 8.05 4.57
N LEU E 88 21.84 7.28 4.39
CA LEU E 88 23.14 7.83 4.02
C LEU E 88 23.50 7.41 2.59
N GLY E 89 24.40 8.16 1.95
CA GLY E 89 24.77 7.86 0.58
C GLY E 89 26.11 7.23 0.30
N VAL E 90 26.15 6.49 -0.81
CA VAL E 90 27.34 5.79 -1.28
C VAL E 90 28.42 6.82 -1.63
N ASP E 91 27.96 8.04 -1.90
CA ASP E 91 28.81 9.16 -2.27
C ASP E 91 29.65 9.66 -1.09
N ALA E 92 28.97 10.09 -0.04
CA ALA E 92 29.61 10.61 1.16
C ALA E 92 30.76 9.72 1.59
N VAL E 93 30.49 8.42 1.60
CA VAL E 93 31.48 7.41 2.00
C VAL E 93 32.73 7.47 1.11
N ARG E 94 32.54 7.31 -0.19
CA ARG E 94 33.64 7.33 -1.16
C ARG E 94 34.53 8.57 -1.03
N GLU E 95 33.89 9.73 -0.81
CA GLU E 95 34.60 10.99 -0.69
C GLU E 95 35.39 11.17 0.60
N VAL E 96 35.11 10.32 1.59
CA VAL E 96 35.84 10.38 2.85
C VAL E 96 36.89 9.27 2.83
N THR E 97 36.64 8.26 1.99
CA THR E 97 37.57 7.14 1.83
C THR E 97 38.85 7.70 1.24
N GLU E 98 38.71 8.33 0.07
CA GLU E 98 39.82 8.93 -0.65
C GLU E 98 40.38 10.16 0.07
N LYS E 99 39.59 10.71 0.98
CA LYS E 99 39.98 11.89 1.77
C LYS E 99 41.06 11.44 2.75
N LEU E 100 40.97 10.18 3.18
CA LEU E 100 41.92 9.59 4.11
C LEU E 100 43.11 8.95 3.40
N ASN E 101 42.96 8.72 2.10
CA ASN E 101 44.01 8.12 1.28
C ASN E 101 45.26 9.01 1.17
N GLU E 102 45.14 10.25 1.65
CA GLU E 102 46.25 11.21 1.64
C GLU E 102 46.67 11.59 3.07
N HIS E 103 47.95 11.87 3.24
CA HIS E 103 48.55 12.22 4.55
C HIS E 103 47.73 13.15 5.44
N ALA E 104 47.76 12.89 6.74
CA ALA E 104 47.04 13.68 7.73
C ALA E 104 47.63 15.08 7.80
N ARG E 105 46.78 16.10 7.63
CA ARG E 105 47.21 17.49 7.64
C ARG E 105 47.99 17.94 8.88
N LEU E 106 47.68 17.38 10.04
CA LEU E 106 48.39 17.73 11.27
C LEU E 106 49.46 16.71 11.67
N GLY E 107 49.68 15.71 10.83
CA GLY E 107 50.66 14.69 11.10
C GLY E 107 50.39 13.90 12.36
N GLY E 108 49.47 12.94 12.26
CA GLY E 108 49.11 12.11 13.39
C GLY E 108 48.04 11.11 13.02
N ALA E 109 47.00 11.04 13.85
CA ALA E 109 45.89 10.12 13.62
C ALA E 109 44.70 10.80 12.94
N LYS E 110 43.94 10.03 12.16
CA LYS E 110 42.74 10.52 11.46
C LYS E 110 41.55 9.75 12.03
N VAL E 111 40.42 10.41 12.27
CA VAL E 111 39.26 9.71 12.83
C VAL E 111 37.95 9.94 12.08
N VAL E 112 37.12 8.90 12.06
CA VAL E 112 35.82 8.93 11.39
C VAL E 112 34.73 8.45 12.32
N TRP E 113 33.54 9.03 12.18
CA TRP E 113 32.39 8.69 13.02
C TRP E 113 31.09 8.62 12.22
N VAL E 114 30.23 7.67 12.57
CA VAL E 114 28.96 7.49 11.91
C VAL E 114 27.86 7.74 12.93
N THR E 115 26.79 8.39 12.49
CA THR E 115 25.66 8.68 13.38
C THR E 115 24.97 7.36 13.74
N ASP E 116 24.59 6.62 12.71
CA ASP E 116 23.93 5.32 12.87
C ASP E 116 24.16 4.55 11.58
N ALA E 117 24.92 3.47 11.67
CA ALA E 117 25.24 2.65 10.53
C ALA E 117 24.07 1.85 10.00
N ALA E 118 23.03 1.66 10.82
CA ALA E 118 21.87 0.89 10.40
C ALA E 118 20.92 1.70 9.52
N LEU E 119 21.33 2.92 9.19
CA LEU E 119 20.51 3.78 8.35
C LEU E 119 21.06 3.97 6.94
N LEU E 120 22.22 3.37 6.64
CA LEU E 120 22.84 3.52 5.33
C LEU E 120 22.31 2.63 4.19
N THR E 121 22.59 3.04 2.94
CA THR E 121 22.16 2.29 1.74
C THR E 121 23.00 1.03 1.65
N ASP E 122 22.40 -0.06 1.19
CA ASP E 122 23.09 -1.34 1.07
C ASP E 122 24.41 -1.23 0.32
N ALA E 123 24.40 -0.40 -0.72
CA ALA E 123 25.59 -0.16 -1.53
C ALA E 123 26.60 0.62 -0.69
N ALA E 124 26.09 1.49 0.18
CA ALA E 124 26.93 2.30 1.06
C ALA E 124 27.73 1.44 2.03
N ALA E 125 27.18 0.26 2.35
CA ALA E 125 27.83 -0.66 3.26
C ALA E 125 29.09 -1.23 2.63
N ASN E 126 28.94 -1.83 1.45
CA ASN E 126 30.05 -2.42 0.71
C ASN E 126 31.10 -1.36 0.42
N ALA E 127 30.67 -0.20 -0.05
CA ALA E 127 31.57 0.90 -0.38
C ALA E 127 32.48 1.28 0.78
N LEU E 128 32.03 0.98 2.00
CA LEU E 128 32.77 1.29 3.21
C LEU E 128 33.77 0.19 3.59
N LEU E 129 33.36 -1.05 3.36
CA LEU E 129 34.15 -2.24 3.68
C LEU E 129 35.58 -2.27 3.13
N LYS E 130 35.71 -2.09 1.83
CA LYS E 130 37.02 -2.13 1.15
C LYS E 130 38.11 -1.33 1.85
N THR E 131 37.71 -0.24 2.48
CA THR E 131 38.64 0.64 3.18
C THR E 131 39.11 0.03 4.49
N LEU E 132 38.21 -0.67 5.18
CA LEU E 132 38.55 -1.32 6.45
C LEU E 132 39.45 -2.52 6.16
N GLU E 133 39.43 -2.97 4.91
CA GLU E 133 40.26 -4.08 4.44
C GLU E 133 41.65 -3.55 4.09
N GLU E 134 41.68 -2.32 3.58
CA GLU E 134 42.92 -1.63 3.20
C GLU E 134 43.05 -0.42 4.15
N PRO E 135 43.28 -0.67 5.46
CA PRO E 135 43.41 0.39 6.46
C PRO E 135 44.60 1.35 6.34
N PRO E 136 44.32 2.63 5.97
CA PRO E 136 45.39 3.64 5.84
C PRO E 136 46.07 3.81 7.21
N ALA E 137 47.33 3.40 7.30
CA ALA E 137 48.13 3.45 8.52
C ALA E 137 47.77 4.52 9.56
N GLU E 138 47.55 4.07 10.80
CA GLU E 138 47.21 4.93 11.94
C GLU E 138 45.92 5.75 11.89
N THR E 139 44.91 5.25 11.18
CA THR E 139 43.62 5.92 11.08
C THR E 139 42.69 5.30 12.12
N TRP E 140 41.54 5.92 12.37
CA TRP E 140 40.58 5.40 13.34
C TRP E 140 39.14 5.58 12.89
N PHE E 141 38.32 4.58 13.20
CA PHE E 141 36.90 4.59 12.84
C PHE E 141 35.99 4.35 14.02
N PHE E 142 34.81 4.95 13.96
CA PHE E 142 33.81 4.81 15.00
C PHE E 142 32.41 4.68 14.44
N LEU E 143 31.91 3.45 14.43
CA LEU E 143 30.58 3.15 13.99
C LEU E 143 29.74 3.30 15.24
N ALA E 144 28.43 3.32 15.10
CA ALA E 144 27.57 3.45 16.24
C ALA E 144 26.20 3.04 15.80
N THR E 145 25.53 2.19 16.56
CA THR E 145 24.19 1.76 16.17
C THR E 145 23.39 1.20 17.32
N ARG E 146 22.10 1.52 17.33
CA ARG E 146 21.22 1.02 18.38
C ARG E 146 21.07 -0.48 18.15
N GLU E 147 20.82 -0.87 16.89
CA GLU E 147 20.64 -2.27 16.54
C GLU E 147 21.75 -2.80 15.63
N PRO E 148 22.71 -3.55 16.20
CA PRO E 148 23.78 -4.06 15.34
C PRO E 148 23.45 -5.29 14.49
N GLU E 149 22.29 -5.91 14.68
CA GLU E 149 21.93 -7.09 13.87
C GLU E 149 21.47 -6.63 12.50
N ARG E 150 20.68 -5.57 12.45
CA ARG E 150 20.21 -5.06 11.18
C ARG E 150 21.38 -4.44 10.43
N LEU E 151 22.58 -4.97 10.67
CA LEU E 151 23.78 -4.49 10.01
C LEU E 151 24.39 -5.68 9.30
N LEU E 152 24.99 -5.44 8.15
CA LEU E 152 25.60 -6.49 7.34
C LEU E 152 26.69 -7.30 8.05
N ALA E 153 26.40 -8.59 8.22
CA ALA E 153 27.28 -9.56 8.89
C ALA E 153 28.74 -9.46 8.48
N THR E 154 28.97 -9.19 7.21
CA THR E 154 30.33 -9.08 6.71
C THR E 154 30.97 -7.78 7.22
N LEU E 155 30.13 -6.80 7.51
CA LEU E 155 30.60 -5.50 8.00
C LEU E 155 30.85 -5.50 9.52
N ARG E 156 29.88 -6.00 10.29
CA ARG E 156 30.00 -6.03 11.73
C ARG E 156 31.09 -6.99 12.19
N SER E 157 31.75 -7.65 11.22
CA SER E 157 32.82 -8.61 11.49
C SER E 157 34.16 -7.92 11.47
N ARG E 158 34.21 -6.81 10.74
CA ARG E 158 35.44 -6.06 10.63
C ARG E 158 35.66 -5.15 11.81
N CYS E 159 34.58 -4.75 12.48
CA CYS E 159 34.68 -3.88 13.64
C CYS E 159 34.59 -4.62 14.93
N ARG E 160 34.96 -3.93 16.00
CA ARG E 160 34.90 -4.50 17.33
C ARG E 160 33.68 -3.93 18.00
N LEU E 161 32.70 -4.79 18.25
CA LEU E 161 31.45 -4.42 18.90
C LEU E 161 31.72 -4.22 20.37
N HIS E 162 31.17 -3.16 20.95
CA HIS E 162 31.37 -2.79 22.35
C HIS E 162 30.03 -2.43 22.98
N TYR E 163 29.61 -3.20 23.98
CA TYR E 163 28.32 -2.93 24.57
C TYR E 163 28.30 -1.89 25.64
N LEU E 164 27.62 -0.78 25.34
CA LEU E 164 27.47 0.32 26.27
C LEU E 164 26.23 0.00 27.11
N ALA E 165 26.48 -0.77 28.17
CA ALA E 165 25.44 -1.24 29.10
C ALA E 165 24.94 -0.22 30.09
N PRO E 166 23.63 -0.19 30.34
CA PRO E 166 23.01 0.74 31.27
C PRO E 166 23.62 0.48 32.60
N PRO E 167 23.98 1.54 33.33
CA PRO E 167 24.60 1.46 34.65
C PRO E 167 23.61 1.00 35.68
N PRO E 168 24.07 0.40 36.75
CA PRO E 168 23.23 -0.12 37.85
C PRO E 168 22.20 0.90 38.31
N GLU E 169 20.96 0.44 38.47
CA GLU E 169 19.84 1.30 38.84
C GLU E 169 20.06 2.25 39.99
N GLN E 170 20.73 1.82 41.04
CA GLN E 170 20.96 2.68 42.20
C GLN E 170 21.75 3.92 41.78
N TYR E 171 22.67 3.75 40.84
CA TYR E 171 23.49 4.87 40.38
C TYR E 171 22.69 5.76 39.49
N ALA E 172 21.92 5.16 38.59
CA ALA E 172 21.09 5.92 37.66
C ALA E 172 20.03 6.76 38.35
N VAL E 173 19.47 6.26 39.44
CA VAL E 173 18.47 7.01 40.16
C VAL E 173 19.09 8.22 40.87
N THR E 174 20.17 8.01 41.61
CA THR E 174 20.86 9.09 42.27
C THR E 174 21.23 10.17 41.26
N TRP E 175 21.83 9.78 40.15
CA TRP E 175 22.19 10.75 39.11
C TRP E 175 20.91 11.48 38.74
N LEU E 176 19.81 10.76 38.58
CA LEU E 176 18.56 11.40 38.20
C LEU E 176 17.99 12.36 39.25
N SER E 177 18.00 11.98 40.52
CA SER E 177 17.46 12.85 41.56
C SER E 177 18.03 14.26 41.45
N ARG E 178 19.20 14.37 40.86
CA ARG E 178 19.83 15.67 40.71
C ARG E 178 19.23 16.45 39.59
N GLU E 179 19.09 15.83 38.44
CA GLU E 179 18.54 16.52 37.28
C GLU E 179 17.07 16.95 37.35
N VAL E 180 16.32 16.35 38.27
CA VAL E 180 14.91 16.66 38.44
C VAL E 180 14.52 16.21 39.82
N THR E 181 13.74 17.00 40.53
CA THR E 181 13.31 16.58 41.86
C THR E 181 11.94 15.92 41.72
N MET E 182 11.90 14.63 42.03
CA MET E 182 10.69 13.82 41.95
C MET E 182 10.87 12.65 42.91
N SER E 183 9.79 12.00 43.28
CA SER E 183 9.89 10.85 44.18
C SER E 183 10.78 9.81 43.50
N GLN E 184 11.61 9.13 44.27
CA GLN E 184 12.51 8.11 43.73
C GLN E 184 11.73 7.04 43.04
N ASP E 185 10.55 6.76 43.59
CA ASP E 185 9.61 5.77 43.07
C ASP E 185 9.24 6.09 41.62
N ALA E 186 9.07 7.38 41.36
CA ALA E 186 8.76 7.85 40.04
C ALA E 186 10.04 7.67 39.29
N LEU E 187 11.12 8.26 39.79
CA LEU E 187 12.40 8.15 39.12
C LEU E 187 12.72 6.75 38.59
N LEU E 188 12.47 5.73 39.39
CA LEU E 188 12.74 4.37 38.99
C LEU E 188 11.82 3.98 37.87
N ALA E 189 10.58 4.42 37.94
CA ALA E 189 9.64 4.05 36.90
C ALA E 189 10.16 4.53 35.56
N ALA E 190 10.56 5.78 35.50
CA ALA E 190 11.08 6.37 34.26
C ALA E 190 12.25 5.55 33.73
N LEU E 191 13.16 5.20 34.64
CA LEU E 191 14.35 4.44 34.32
C LEU E 191 13.94 3.14 33.68
N ARG E 192 13.08 2.40 34.37
CA ARG E 192 12.60 1.12 33.84
C ARG E 192 11.83 1.29 32.53
N LEU E 193 11.14 2.41 32.37
CA LEU E 193 10.39 2.69 31.17
C LEU E 193 11.36 3.26 30.14
N SER E 194 12.62 2.89 30.24
CA SER E 194 13.59 3.37 29.27
C SER E 194 14.67 2.30 29.10
N ALA E 195 14.34 1.10 29.56
CA ALA E 195 15.25 -0.01 29.47
C ALA E 195 16.52 0.26 30.24
N GLY E 196 16.46 1.20 31.18
CA GLY E 196 17.64 1.51 31.97
C GLY E 196 18.38 2.77 31.53
N SER E 197 18.06 3.28 30.33
CA SER E 197 18.68 4.49 29.78
C SER E 197 18.32 5.66 30.68
N PRO E 198 19.34 6.25 31.30
CA PRO E 198 19.17 7.38 32.20
C PRO E 198 18.87 8.64 31.42
N GLY E 199 19.37 8.68 30.19
CA GLY E 199 19.16 9.85 29.36
C GLY E 199 17.73 9.94 28.94
N ALA E 200 17.19 8.84 28.46
CA ALA E 200 15.81 8.82 28.02
C ALA E 200 14.92 9.05 29.23
N ALA E 201 15.28 8.42 30.34
CA ALA E 201 14.52 8.57 31.56
C ALA E 201 14.39 10.04 31.82
N LEU E 202 15.52 10.72 31.90
CA LEU E 202 15.57 12.16 32.14
C LEU E 202 14.60 12.91 31.21
N ALA E 203 14.67 12.59 29.92
CA ALA E 203 13.81 13.22 28.93
C ALA E 203 12.33 12.91 29.16
N LEU E 204 12.04 11.82 29.88
CA LEU E 204 10.65 11.47 30.13
C LEU E 204 9.94 12.54 30.90
N PHE E 205 10.70 13.26 31.71
CA PHE E 205 10.20 14.32 32.56
C PHE E 205 10.17 15.71 31.93
N GLN E 206 11.19 16.03 31.14
CA GLN E 206 11.31 17.36 30.52
C GLN E 206 10.18 18.00 29.74
N GLY E 207 9.18 17.23 29.35
CA GLY E 207 8.03 17.83 28.70
C GLY E 207 7.03 17.93 29.83
N ASP E 208 5.74 17.89 29.55
CA ASP E 208 4.78 17.86 30.64
C ASP E 208 4.28 16.40 30.62
N ASN E 209 5.03 15.58 29.87
CA ASN E 209 4.80 14.14 29.65
C ASN E 209 4.42 13.40 30.89
N TRP E 210 5.29 13.52 31.89
CA TRP E 210 5.06 12.83 33.12
C TRP E 210 3.72 13.18 33.71
N GLN E 211 3.36 14.45 33.62
CA GLN E 211 2.09 14.87 34.15
C GLN E 211 1.02 14.20 33.34
N ALA E 212 1.26 14.13 32.02
CA ALA E 212 0.34 13.49 31.08
C ALA E 212 0.23 12.01 31.40
N ARG E 213 1.28 11.47 31.96
CA ARG E 213 1.32 10.06 32.32
C ARG E 213 0.55 9.83 33.61
N GLU E 214 0.60 10.82 34.51
CA GLU E 214 -0.09 10.75 35.79
C GLU E 214 -1.59 10.80 35.54
N THR E 215 -1.99 11.50 34.50
CA THR E 215 -3.38 11.61 34.15
C THR E 215 -3.93 10.24 33.77
N LEU E 216 -3.05 9.46 33.14
CA LEU E 216 -3.39 8.14 32.65
C LEU E 216 -3.62 7.12 33.73
N CYS E 217 -2.79 7.19 34.76
CA CYS E 217 -2.88 6.26 35.88
C CYS E 217 -4.07 6.56 36.77
N GLN E 218 -4.52 7.81 36.74
CA GLN E 218 -5.65 8.20 37.55
C GLN E 218 -6.91 7.69 36.89
N ALA E 219 -6.94 7.83 35.57
CA ALA E 219 -8.08 7.38 34.80
C ALA E 219 -8.18 5.87 34.92
N LEU E 220 -7.05 5.22 34.81
CA LEU E 220 -6.97 3.77 34.89
C LEU E 220 -7.44 3.27 36.24
N ALA E 221 -7.07 3.98 37.28
CA ALA E 221 -7.42 3.59 38.64
C ALA E 221 -8.90 3.69 38.89
N TYR E 222 -9.57 4.53 38.10
CA TYR E 222 -11.00 4.67 38.23
C TYR E 222 -11.69 3.55 37.53
N SER E 223 -11.25 3.30 36.30
CA SER E 223 -11.81 2.29 35.42
C SER E 223 -11.62 0.86 35.90
N VAL E 224 -10.39 0.49 36.28
CA VAL E 224 -10.12 -0.86 36.74
C VAL E 224 -11.15 -1.45 37.70
N PRO E 225 -11.46 -0.74 38.78
CA PRO E 225 -12.45 -1.23 39.74
C PRO E 225 -13.86 -1.01 39.29
N SER E 226 -14.09 0.04 38.48
CA SER E 226 -15.45 0.38 38.01
C SER E 226 -15.95 -0.37 36.79
N GLY E 227 -15.02 -0.78 35.93
CA GLY E 227 -15.42 -1.45 34.70
C GLY E 227 -15.52 -0.49 33.52
N ASP E 228 -15.83 0.78 33.79
CA ASP E 228 -15.97 1.82 32.76
C ASP E 228 -14.60 2.13 32.19
N TRP E 229 -14.17 1.37 31.20
CA TRP E 229 -12.87 1.58 30.56
C TRP E 229 -12.96 2.69 29.54
N TYR E 230 -14.17 2.93 29.08
CA TYR E 230 -14.43 3.94 28.09
C TYR E 230 -14.13 5.35 28.65
N SER E 231 -13.82 5.42 29.95
CA SER E 231 -13.47 6.70 30.63
C SER E 231 -12.04 7.15 30.28
N LEU E 232 -11.24 6.20 29.78
CA LEU E 232 -9.87 6.45 29.39
C LEU E 232 -9.84 7.26 28.11
N LEU E 233 -10.93 7.27 27.37
CA LEU E 233 -10.97 8.00 26.10
C LEU E 233 -10.34 9.39 26.14
N ALA E 234 -10.63 10.15 27.18
CA ALA E 234 -10.07 11.47 27.30
C ALA E 234 -8.55 11.42 27.53
N ALA E 235 -8.11 10.44 28.33
CA ALA E 235 -6.71 10.29 28.66
C ALA E 235 -5.84 9.83 27.49
N LEU E 236 -6.41 8.98 26.64
CA LEU E 236 -5.71 8.43 25.49
C LEU E 236 -5.89 9.19 24.19
N ASN E 237 -7.12 9.58 23.86
CA ASN E 237 -7.37 10.29 22.60
C ASN E 237 -6.64 11.60 22.55
N HIS E 238 -5.48 11.56 21.91
CA HIS E 238 -4.60 12.69 21.80
C HIS E 238 -3.53 12.31 20.77
N GLU E 239 -2.86 13.29 20.18
CA GLU E 239 -1.82 13.02 19.20
C GLU E 239 -0.74 12.10 19.77
N GLN E 240 -0.51 12.23 21.06
CA GLN E 240 0.45 11.38 21.75
C GLN E 240 -0.14 9.98 22.07
N ALA E 241 -1.22 9.62 21.37
CA ALA E 241 -1.89 8.35 21.56
C ALA E 241 -0.98 7.13 21.62
N PRO E 242 -0.05 6.99 20.67
CA PRO E 242 0.84 5.82 20.70
C PRO E 242 1.78 5.75 21.91
N ALA E 243 2.37 6.87 22.27
CA ALA E 243 3.24 6.87 23.42
C ALA E 243 2.42 6.51 24.68
N ARG E 244 1.14 6.91 24.66
CA ARG E 244 0.26 6.66 25.77
C ARG E 244 -0.21 5.25 25.83
N LEU E 245 -0.51 4.67 24.69
CA LEU E 245 -0.99 3.30 24.57
C LEU E 245 0.06 2.35 25.06
N HIS E 246 1.32 2.70 24.79
CA HIS E 246 2.48 1.91 25.19
C HIS E 246 2.51 1.96 26.73
N TRP E 247 2.32 3.15 27.31
CA TRP E 247 2.29 3.30 28.75
C TRP E 247 1.27 2.32 29.33
N LEU E 248 0.05 2.36 28.81
CA LEU E 248 -1.04 1.49 29.24
C LEU E 248 -0.69 0.03 29.11
N ALA E 249 0.21 -0.26 28.18
CA ALA E 249 0.64 -1.62 27.93
C ALA E 249 1.59 -2.10 29.00
N THR E 250 2.54 -1.25 29.39
CA THR E 250 3.50 -1.65 30.40
C THR E 250 2.78 -2.01 31.70
N LEU E 251 1.69 -1.32 31.96
CA LEU E 251 0.92 -1.58 33.15
C LEU E 251 0.25 -2.92 32.97
N LEU E 252 -0.19 -3.21 31.75
CA LEU E 252 -0.84 -4.48 31.52
C LEU E 252 0.14 -5.64 31.69
N MET E 253 1.34 -5.44 31.16
CA MET E 253 2.36 -6.45 31.23
C MET E 253 2.49 -6.76 32.67
N ASP E 254 2.96 -5.79 33.46
CA ASP E 254 3.17 -5.94 34.90
C ASP E 254 2.10 -6.74 35.65
N ALA E 255 0.85 -6.41 35.45
CA ALA E 255 -0.18 -7.16 36.09
C ALA E 255 -0.05 -8.65 35.68
N LEU E 256 0.23 -8.86 34.40
CA LEU E 256 0.39 -10.22 33.89
C LEU E 256 1.53 -10.91 34.58
N LYS E 257 2.67 -10.22 34.69
CA LYS E 257 3.85 -10.80 35.33
C LYS E 257 3.59 -11.21 36.78
N ARG E 258 2.82 -10.40 37.50
CA ARG E 258 2.49 -10.65 38.90
C ARG E 258 1.70 -11.93 39.08
N HIS E 259 0.92 -12.31 38.07
CA HIS E 259 0.15 -13.53 38.17
C HIS E 259 1.08 -14.72 38.19
N HIS E 260 2.26 -14.54 37.59
CA HIS E 260 3.25 -15.60 37.54
C HIS E 260 4.29 -15.40 38.65
N GLY E 261 4.02 -14.44 39.51
CA GLY E 261 4.90 -14.16 40.63
C GLY E 261 6.26 -13.62 40.23
N ALA E 262 6.29 -12.78 39.20
CA ALA E 262 7.56 -12.21 38.73
C ALA E 262 7.97 -11.04 39.59
N ALA E 263 9.16 -11.14 40.15
CA ALA E 263 9.69 -10.10 41.03
C ALA E 263 9.77 -8.71 40.40
N GLN E 264 10.32 -8.60 39.20
CA GLN E 264 10.49 -7.31 38.54
C GLN E 264 9.26 -6.63 37.92
N VAL E 265 9.09 -5.34 38.21
CA VAL E 265 7.95 -4.58 37.71
C VAL E 265 8.40 -3.22 37.21
N THR E 266 7.95 -2.86 36.01
CA THR E 266 8.32 -1.59 35.39
C THR E 266 7.68 -0.39 36.04
N ASN E 267 6.42 -0.55 36.40
CA ASN E 267 5.67 0.51 37.04
C ASN E 267 5.64 0.47 38.58
N VAL E 268 6.83 0.72 39.14
CA VAL E 268 7.09 0.77 40.58
C VAL E 268 6.40 2.04 41.11
N ASP E 269 6.17 2.94 40.18
CA ASP E 269 5.51 4.21 40.41
C ASP E 269 4.17 4.01 41.09
N VAL E 270 3.45 2.98 40.70
CA VAL E 270 2.13 2.78 41.28
C VAL E 270 1.75 1.31 41.51
N PRO E 271 2.53 0.59 42.34
CA PRO E 271 2.26 -0.82 42.65
C PRO E 271 0.83 -1.11 43.05
N GLY E 272 0.17 -0.13 43.65
CA GLY E 272 -1.21 -0.33 44.05
C GLY E 272 -2.09 -0.58 42.83
N LEU E 273 -1.72 0.03 41.72
CA LEU E 273 -2.46 -0.12 40.48
C LEU E 273 -2.27 -1.52 39.94
N VAL E 274 -1.02 -1.87 39.62
CA VAL E 274 -0.76 -3.19 39.06
C VAL E 274 -1.37 -4.27 39.89
N ALA E 275 -1.50 -4.02 41.18
CA ALA E 275 -2.09 -5.02 42.05
C ALA E 275 -3.56 -5.22 41.73
N GLU E 276 -4.35 -4.17 41.97
CA GLU E 276 -5.80 -4.18 41.75
C GLU E 276 -6.09 -4.74 40.37
N LEU E 277 -5.35 -4.23 39.40
CA LEU E 277 -5.48 -4.65 38.02
C LEU E 277 -5.42 -6.17 37.96
N ALA E 278 -4.33 -6.71 38.45
CA ALA E 278 -4.13 -8.14 38.45
C ALA E 278 -5.23 -8.83 39.24
N ASN E 279 -5.79 -8.13 40.22
CA ASN E 279 -6.83 -8.77 41.02
C ASN E 279 -8.13 -8.97 40.26
N HIS E 280 -8.58 -7.91 39.59
CA HIS E 280 -9.82 -7.91 38.82
C HIS E 280 -9.74 -8.56 37.44
N LEU E 281 -8.53 -8.78 36.93
CA LEU E 281 -8.34 -9.36 35.62
C LEU E 281 -7.48 -10.61 35.56
N SER E 282 -8.12 -11.69 35.14
CA SER E 282 -7.50 -13.00 34.94
C SER E 282 -6.30 -12.87 34.03
N PRO E 283 -5.33 -13.79 34.14
CA PRO E 283 -4.18 -13.67 33.26
C PRO E 283 -4.59 -13.79 31.77
N SER E 284 -5.75 -14.36 31.48
CA SER E 284 -6.13 -14.46 30.08
C SER E 284 -6.69 -13.12 29.58
N ARG E 285 -7.61 -12.59 30.35
CA ARG E 285 -8.25 -11.33 30.05
C ARG E 285 -7.16 -10.31 29.77
N LEU E 286 -6.15 -10.29 30.61
CA LEU E 286 -5.03 -9.39 30.48
C LEU E 286 -4.33 -9.61 29.17
N GLN E 287 -4.07 -10.86 28.82
CA GLN E 287 -3.38 -11.18 27.56
C GLN E 287 -4.12 -10.52 26.43
N ALA E 288 -5.41 -10.82 26.37
CA ALA E 288 -6.31 -10.30 25.36
C ALA E 288 -6.20 -8.79 25.19
N ILE E 289 -6.37 -8.06 26.28
CA ILE E 289 -6.28 -6.63 26.22
C ILE E 289 -4.91 -6.17 25.73
N LEU E 290 -3.85 -6.73 26.32
CA LEU E 290 -2.46 -6.40 25.98
C LEU E 290 -2.27 -6.33 24.48
N GLY E 291 -2.85 -7.32 23.79
CA GLY E 291 -2.73 -7.39 22.35
C GLY E 291 -3.46 -6.31 21.58
N ASP E 292 -4.76 -6.17 21.83
CA ASP E 292 -5.55 -5.17 21.16
C ASP E 292 -4.91 -3.81 21.39
N VAL E 293 -4.44 -3.58 22.60
CA VAL E 293 -3.80 -2.31 22.89
C VAL E 293 -2.61 -2.25 21.99
N CYS E 294 -1.92 -3.38 21.90
CA CYS E 294 -0.73 -3.45 21.09
C CYS E 294 -0.93 -3.26 19.59
N HIS E 295 -1.85 -4.02 18.98
CA HIS E 295 -2.08 -3.92 17.52
C HIS E 295 -2.73 -2.54 17.21
N ILE E 296 -3.65 -2.08 18.07
CA ILE E 296 -4.28 -0.78 17.84
C ILE E 296 -3.31 0.38 17.95
N ARG E 297 -2.31 0.27 18.80
CA ARG E 297 -1.34 1.34 18.94
C ARG E 297 -0.58 1.42 17.62
N GLU E 298 -0.36 0.26 17.03
CA GLU E 298 0.38 0.21 15.79
C GLU E 298 -0.41 0.79 14.61
N GLN E 299 -1.69 0.48 14.49
CA GLN E 299 -2.39 1.07 13.36
C GLN E 299 -2.37 2.58 13.45
N LEU E 300 -2.28 3.12 14.66
CA LEU E 300 -2.24 4.57 14.81
C LEU E 300 -0.90 5.09 14.29
N MET E 301 0.18 4.42 14.66
CA MET E 301 1.49 4.83 14.20
C MET E 301 1.68 4.61 12.70
N SER E 302 1.39 3.40 12.23
CA SER E 302 1.56 3.08 10.81
C SER E 302 0.56 3.72 9.82
N VAL E 303 -0.69 3.24 9.75
CA VAL E 303 -1.67 3.79 8.80
C VAL E 303 -1.76 5.33 8.77
N THR E 304 -1.55 5.88 7.58
CA THR E 304 -1.53 7.32 7.33
C THR E 304 -2.49 8.23 8.11
N GLY E 305 -3.76 7.88 8.21
CA GLY E 305 -4.65 8.77 8.96
C GLY E 305 -6.02 8.28 9.35
N ILE E 306 -6.08 7.25 10.19
CA ILE E 306 -7.35 6.70 10.66
C ILE E 306 -7.93 7.64 11.70
N ASN E 307 -9.16 7.37 12.14
CA ASN E 307 -9.78 8.19 13.17
C ASN E 307 -9.20 7.76 14.50
N ARG E 308 -8.45 8.65 15.11
CA ARG E 308 -7.87 8.35 16.41
C ARG E 308 -9.01 8.06 17.37
N GLU E 309 -10.07 8.85 17.24
CA GLU E 309 -11.23 8.75 18.09
C GLU E 309 -11.97 7.42 17.93
N LEU E 310 -12.38 7.10 16.72
CA LEU E 310 -13.13 5.87 16.47
C LEU E 310 -12.36 4.65 16.92
N LEU E 311 -11.17 4.49 16.38
CA LEU E 311 -10.34 3.34 16.69
C LEU E 311 -10.28 3.07 18.17
N ILE E 312 -9.87 4.07 18.94
CA ILE E 312 -9.75 3.96 20.39
C ILE E 312 -11.07 3.65 21.10
N THR E 313 -12.14 4.32 20.67
CA THR E 313 -13.47 4.10 21.22
C THR E 313 -13.78 2.63 21.07
N ASP E 314 -13.34 2.09 19.94
CA ASP E 314 -13.54 0.71 19.58
C ASP E 314 -12.66 -0.16 20.46
N LEU E 315 -11.41 0.25 20.67
CA LEU E 315 -10.51 -0.52 21.52
C LEU E 315 -11.15 -0.61 22.91
N LEU E 316 -11.53 0.56 23.43
CA LEU E 316 -12.14 0.68 24.72
C LEU E 316 -13.35 -0.16 24.90
N LEU E 317 -14.42 0.13 24.16
CA LEU E 317 -15.64 -0.65 24.29
C LEU E 317 -15.32 -2.12 24.18
N ARG E 318 -14.42 -2.48 23.27
CA ARG E 318 -14.04 -3.89 23.05
C ARG E 318 -13.39 -4.54 24.25
N ILE E 319 -12.59 -3.75 24.97
CA ILE E 319 -11.94 -4.21 26.16
C ILE E 319 -13.01 -4.64 27.16
N GLU E 320 -14.09 -3.86 27.24
CA GLU E 320 -15.17 -4.15 28.17
C GLU E 320 -15.94 -5.40 27.88
N HIS E 321 -15.94 -5.83 26.62
CA HIS E 321 -16.65 -7.05 26.29
C HIS E 321 -15.83 -8.27 26.65
N TYR E 322 -14.52 -8.11 26.74
CA TYR E 322 -13.64 -9.22 27.09
C TYR E 322 -13.88 -9.50 28.54
N LEU E 323 -14.12 -8.42 29.29
CA LEU E 323 -14.36 -8.45 30.73
C LEU E 323 -15.64 -9.13 31.15
N GLN E 324 -16.61 -9.23 30.24
CA GLN E 324 -17.87 -9.86 30.53
C GLN E 324 -17.76 -11.37 30.51
N PRO E 325 -18.38 -12.04 31.51
CA PRO E 325 -18.36 -13.49 31.66
C PRO E 325 -18.94 -14.24 30.47
N GLY E 326 -18.21 -15.25 30.01
CA GLY E 326 -18.66 -16.06 28.89
C GLY E 326 -18.07 -15.75 27.53
N VAL E 327 -17.48 -14.57 27.39
CA VAL E 327 -16.89 -14.13 26.14
C VAL E 327 -15.59 -14.85 25.79
N VAL E 328 -15.46 -15.23 24.52
CA VAL E 328 -14.27 -15.94 24.04
C VAL E 328 -13.24 -14.98 23.40
N LEU E 329 -12.29 -14.54 24.21
CA LEU E 329 -11.27 -13.60 23.77
C LEU E 329 -10.45 -14.16 22.62
N PRO E 330 -9.78 -13.29 21.85
CA PRO E 330 -8.92 -13.59 20.68
C PRO E 330 -7.59 -14.31 20.91
N VAL E 331 -7.08 -14.86 19.82
CA VAL E 331 -5.82 -15.63 19.74
C VAL E 331 -5.01 -15.07 18.55
N PRO E 332 -3.69 -14.90 18.70
CA PRO E 332 -2.86 -14.38 17.60
C PRO E 332 -3.02 -15.17 16.29
N HIS E 333 -2.69 -14.51 15.17
CA HIS E 333 -2.85 -15.10 13.84
C HIS E 333 -1.57 -15.59 13.17
N LEU E 334 -1.75 -16.29 12.04
CA LEU E 334 -0.66 -16.83 11.22
C LEU E 334 0.33 -17.74 11.93
ZN ZN F . 6.67 -3.45 -43.02
S SO4 G . 5.50 -7.39 -20.14
O1 SO4 G . 5.94 -8.89 -20.48
O2 SO4 G . 6.63 -6.72 -19.53
O3 SO4 G . 5.10 -6.83 -21.24
O4 SO4 G . 4.52 -7.59 -19.13
ZN ZN H . 44.03 -24.27 -19.96
S SO4 I . 28.33 -12.60 -7.67
O1 SO4 I . 29.11 -13.05 -6.32
O2 SO4 I . 28.74 -11.23 -7.91
O3 SO4 I . 28.65 -13.41 -8.63
O4 SO4 I . 26.93 -12.59 -7.28
ZN ZN J . -29.53 27.58 -34.80
S SO4 K . -19.36 16.11 -17.06
O1 SO4 K . -19.92 16.35 -18.55
O2 SO4 K . -18.09 16.79 -16.99
O3 SO4 K . -20.23 16.57 -16.22
O4 SO4 K . -19.11 14.68 -17.01
ZN ZN L . 46.16 18.81 23.01
#